data_1X0T
# 
_entry.id   1X0T 
# 
_audit_conform.dict_name       mmcif_pdbx.dic 
_audit_conform.dict_version    5.388 
_audit_conform.dict_location   http://mmcif.pdb.org/dictionaries/ascii/mmcif_pdbx.dic 
# 
loop_
_database_2.database_id 
_database_2.database_code 
_database_2.pdbx_database_accession 
_database_2.pdbx_DOI 
PDB   1X0T         pdb_00001x0t 10.2210/pdb1x0t/pdb 
RCSB  RCSB024236   ?            ?                   
WWPDB D_1000024236 ?            ?                   
# 
loop_
_pdbx_audit_revision_history.ordinal 
_pdbx_audit_revision_history.data_content_type 
_pdbx_audit_revision_history.major_revision 
_pdbx_audit_revision_history.minor_revision 
_pdbx_audit_revision_history.revision_date 
1 'Structure model' 1 0 2005-11-15 
2 'Structure model' 1 1 2008-04-30 
3 'Structure model' 1 2 2011-07-13 
4 'Structure model' 1 3 2024-03-13 
# 
_pdbx_audit_revision_details.ordinal             1 
_pdbx_audit_revision_details.revision_ordinal    1 
_pdbx_audit_revision_details.data_content_type   'Structure model' 
_pdbx_audit_revision_details.provider            repository 
_pdbx_audit_revision_details.type                'Initial release' 
_pdbx_audit_revision_details.description         ? 
_pdbx_audit_revision_details.details             ? 
# 
loop_
_pdbx_audit_revision_group.ordinal 
_pdbx_audit_revision_group.revision_ordinal 
_pdbx_audit_revision_group.data_content_type 
_pdbx_audit_revision_group.group 
1 2 'Structure model' 'Version format compliance' 
2 3 'Structure model' 'Source and taxonomy'       
3 3 'Structure model' 'Version format compliance' 
4 4 'Structure model' 'Data collection'           
5 4 'Structure model' 'Database references'       
6 4 'Structure model' 'Derived calculations'      
# 
loop_
_pdbx_audit_revision_category.ordinal 
_pdbx_audit_revision_category.revision_ordinal 
_pdbx_audit_revision_category.data_content_type 
_pdbx_audit_revision_category.category 
1 4 'Structure model' chem_comp_atom 
2 4 'Structure model' chem_comp_bond 
3 4 'Structure model' database_2     
4 4 'Structure model' struct_conn    
5 4 'Structure model' struct_site    
# 
loop_
_pdbx_audit_revision_item.ordinal 
_pdbx_audit_revision_item.revision_ordinal 
_pdbx_audit_revision_item.data_content_type 
_pdbx_audit_revision_item.item 
1  4 'Structure model' '_database_2.pdbx_DOI'                
2  4 'Structure model' '_database_2.pdbx_database_accession' 
3  4 'Structure model' '_struct_conn.ptnr1_auth_comp_id'     
4  4 'Structure model' '_struct_conn.ptnr1_auth_seq_id'      
5  4 'Structure model' '_struct_conn.ptnr1_label_asym_id'    
6  4 'Structure model' '_struct_conn.ptnr1_label_atom_id'    
7  4 'Structure model' '_struct_conn.ptnr1_label_comp_id'    
8  4 'Structure model' '_struct_conn.ptnr1_label_seq_id'     
9  4 'Structure model' '_struct_conn.ptnr2_auth_comp_id'     
10 4 'Structure model' '_struct_conn.ptnr2_auth_seq_id'      
11 4 'Structure model' '_struct_conn.ptnr2_label_asym_id'    
12 4 'Structure model' '_struct_conn.ptnr2_label_atom_id'    
13 4 'Structure model' '_struct_conn.ptnr2_label_comp_id'    
14 4 'Structure model' '_struct_conn.ptnr2_label_seq_id'     
15 4 'Structure model' '_struct_site.pdbx_auth_asym_id'      
16 4 'Structure model' '_struct_site.pdbx_auth_comp_id'      
17 4 'Structure model' '_struct_site.pdbx_auth_seq_id'       
# 
_pdbx_database_status.status_code                     REL 
_pdbx_database_status.entry_id                        1X0T 
_pdbx_database_status.recvd_initial_deposition_date   2005-03-29 
_pdbx_database_status.deposit_site                    PDBJ 
_pdbx_database_status.process_site                    PDBJ 
_pdbx_database_status.status_code_sf                  REL 
_pdbx_database_status.status_code_mr                  ? 
_pdbx_database_status.SG_entry                        ? 
_pdbx_database_status.pdb_format_compatible           Y 
_pdbx_database_status.status_code_cs                  ? 
_pdbx_database_status.status_code_nmr_data            ? 
_pdbx_database_status.methods_development_category    ? 
# 
loop_
_audit_author.name 
_audit_author.pdbx_ordinal 
'Kakuta, Y.'    1 
'Ishimatsu, I.' 2 
'Numata, T.'    3 
'Kimura, K.'    4 
'Yao, M.'       5 
'Tanaka, I.'    6 
'Kimura, M.'    7 
# 
_citation.id                        primary 
_citation.title                     
;Crystal Structure of a Ribonuclease P Protein Ph1601p from Pyrococcus horikoshii OT3: An Archaeal Homologue of Human Nuclear Ribonuclease P Protein Rpp21(,)
;
_citation.journal_abbrev            Biochemistry 
_citation.journal_volume            44 
_citation.page_first                12086 
_citation.page_last                 12093 
_citation.year                      2005 
_citation.journal_id_ASTM           BICHAW 
_citation.country                   US 
_citation.journal_id_ISSN           0006-2960 
_citation.journal_id_CSD            0033 
_citation.book_publisher            ? 
_citation.pdbx_database_id_PubMed   16142906 
_citation.pdbx_database_id_DOI      10.1021/bi050738z 
# 
loop_
_citation_author.citation_id 
_citation_author.name 
_citation_author.ordinal 
_citation_author.identifier_ORCID 
primary 'Kakuta, Y.'    1 ? 
primary 'Ishimatsu, I.' 2 ? 
primary 'Numata, T.'    3 ? 
primary 'Kimura, K.'    4 ? 
primary 'Yao, M.'       5 ? 
primary 'Tanaka, I.'    6 ? 
primary 'Kimura, M.'    7 ? 
# 
loop_
_entity.id 
_entity.type 
_entity.src_method 
_entity.pdbx_description 
_entity.formula_weight 
_entity.pdbx_number_of_molecules 
_entity.pdbx_ec 
_entity.pdbx_mutation 
_entity.pdbx_fragment 
_entity.details 
1 polymer     man 'Ribonuclease P protein component 4' 14626.764 1  3.1.26.5 ? ? ? 
2 non-polymer syn 'ZINC ION'                           65.409    1  ?        ? ? ? 
3 water       nat water                                18.015    65 ?        ? ? ? 
# 
_entity_name_com.entity_id   1 
_entity_name_com.name        'ribonuclease P protein Ph1601p, RNase P component 4' 
# 
_entity_poly.entity_id                      1 
_entity_poly.type                           'polypeptide(L)' 
_entity_poly.nstd_linkage                   no 
_entity_poly.nstd_monomer                   no 
_entity_poly.pdbx_seq_one_letter_code       
;MVDIVKRRDWEKKEKKKIAIERIDTLFTLAERVARYSPDLAKRYVELALEIQKKAKVKIPRKWKRRYCKRCHTFLIPGVN
ARVRLRTKRMPHVVITCLECGYIMRYPYLREVKQKRKKAT
;
_entity_poly.pdbx_seq_one_letter_code_can   
;MVDIVKRRDWEKKEKKKIAIERIDTLFTLAERVARYSPDLAKRYVELALEIQKKAKVKIPRKWKRRYCKRCHTFLIPGVN
ARVRLRTKRMPHVVITCLECGYIMRYPYLREVKQKRKKAT
;
_entity_poly.pdbx_strand_id                 A 
_entity_poly.pdbx_target_identifier         ? 
# 
loop_
_pdbx_entity_nonpoly.entity_id 
_pdbx_entity_nonpoly.name 
_pdbx_entity_nonpoly.comp_id 
2 'ZINC ION' ZN  
3 water      HOH 
# 
loop_
_entity_poly_seq.entity_id 
_entity_poly_seq.num 
_entity_poly_seq.mon_id 
_entity_poly_seq.hetero 
1 1   MET n 
1 2   VAL n 
1 3   ASP n 
1 4   ILE n 
1 5   VAL n 
1 6   LYS n 
1 7   ARG n 
1 8   ARG n 
1 9   ASP n 
1 10  TRP n 
1 11  GLU n 
1 12  LYS n 
1 13  LYS n 
1 14  GLU n 
1 15  LYS n 
1 16  LYS n 
1 17  LYS n 
1 18  ILE n 
1 19  ALA n 
1 20  ILE n 
1 21  GLU n 
1 22  ARG n 
1 23  ILE n 
1 24  ASP n 
1 25  THR n 
1 26  LEU n 
1 27  PHE n 
1 28  THR n 
1 29  LEU n 
1 30  ALA n 
1 31  GLU n 
1 32  ARG n 
1 33  VAL n 
1 34  ALA n 
1 35  ARG n 
1 36  TYR n 
1 37  SER n 
1 38  PRO n 
1 39  ASP n 
1 40  LEU n 
1 41  ALA n 
1 42  LYS n 
1 43  ARG n 
1 44  TYR n 
1 45  VAL n 
1 46  GLU n 
1 47  LEU n 
1 48  ALA n 
1 49  LEU n 
1 50  GLU n 
1 51  ILE n 
1 52  GLN n 
1 53  LYS n 
1 54  LYS n 
1 55  ALA n 
1 56  LYS n 
1 57  VAL n 
1 58  LYS n 
1 59  ILE n 
1 60  PRO n 
1 61  ARG n 
1 62  LYS n 
1 63  TRP n 
1 64  LYS n 
1 65  ARG n 
1 66  ARG n 
1 67  TYR n 
1 68  CYS n 
1 69  LYS n 
1 70  ARG n 
1 71  CYS n 
1 72  HIS n 
1 73  THR n 
1 74  PHE n 
1 75  LEU n 
1 76  ILE n 
1 77  PRO n 
1 78  GLY n 
1 79  VAL n 
1 80  ASN n 
1 81  ALA n 
1 82  ARG n 
1 83  VAL n 
1 84  ARG n 
1 85  LEU n 
1 86  ARG n 
1 87  THR n 
1 88  LYS n 
1 89  ARG n 
1 90  MET n 
1 91  PRO n 
1 92  HIS n 
1 93  VAL n 
1 94  VAL n 
1 95  ILE n 
1 96  THR n 
1 97  CYS n 
1 98  LEU n 
1 99  GLU n 
1 100 CYS n 
1 101 GLY n 
1 102 TYR n 
1 103 ILE n 
1 104 MET n 
1 105 ARG n 
1 106 TYR n 
1 107 PRO n 
1 108 TYR n 
1 109 LEU n 
1 110 ARG n 
1 111 GLU n 
1 112 VAL n 
1 113 LYS n 
1 114 GLN n 
1 115 LYS n 
1 116 ARG n 
1 117 LYS n 
1 118 LYS n 
1 119 ALA n 
1 120 THR n 
# 
_entity_src_gen.entity_id                          1 
_entity_src_gen.pdbx_src_id                        1 
_entity_src_gen.pdbx_alt_source_flag               sample 
_entity_src_gen.pdbx_seq_type                      ? 
_entity_src_gen.pdbx_beg_seq_num                   ? 
_entity_src_gen.pdbx_end_seq_num                   ? 
_entity_src_gen.gene_src_common_name               ? 
_entity_src_gen.gene_src_genus                     Pyrococcus 
_entity_src_gen.pdbx_gene_src_gene                 ? 
_entity_src_gen.gene_src_species                   'Pyrococcus horikoshii' 
_entity_src_gen.gene_src_strain                    OT3 
_entity_src_gen.gene_src_tissue                    ? 
_entity_src_gen.gene_src_tissue_fraction           ? 
_entity_src_gen.gene_src_details                   ? 
_entity_src_gen.pdbx_gene_src_fragment             ? 
_entity_src_gen.pdbx_gene_src_scientific_name      'Pyrococcus horikoshii' 
_entity_src_gen.pdbx_gene_src_ncbi_taxonomy_id     70601 
_entity_src_gen.pdbx_gene_src_variant              ? 
_entity_src_gen.pdbx_gene_src_cell_line            ? 
_entity_src_gen.pdbx_gene_src_atcc                 ? 
_entity_src_gen.pdbx_gene_src_organ                ? 
_entity_src_gen.pdbx_gene_src_organelle            ? 
_entity_src_gen.pdbx_gene_src_cell                 ? 
_entity_src_gen.pdbx_gene_src_cellular_location    ? 
_entity_src_gen.host_org_common_name               ? 
_entity_src_gen.pdbx_host_org_scientific_name      'Escherichia coli' 
_entity_src_gen.pdbx_host_org_ncbi_taxonomy_id     562 
_entity_src_gen.host_org_genus                     Escherichia 
_entity_src_gen.pdbx_host_org_gene                 ? 
_entity_src_gen.pdbx_host_org_organ                ? 
_entity_src_gen.host_org_species                   ? 
_entity_src_gen.pdbx_host_org_tissue               ? 
_entity_src_gen.pdbx_host_org_tissue_fraction      ? 
_entity_src_gen.pdbx_host_org_strain               ? 
_entity_src_gen.pdbx_host_org_variant              ? 
_entity_src_gen.pdbx_host_org_cell_line            ? 
_entity_src_gen.pdbx_host_org_atcc                 ? 
_entity_src_gen.pdbx_host_org_culture_collection   ? 
_entity_src_gen.pdbx_host_org_cell                 ? 
_entity_src_gen.pdbx_host_org_organelle            ? 
_entity_src_gen.pdbx_host_org_cellular_location    ? 
_entity_src_gen.pdbx_host_org_vector_type          PLASMID 
_entity_src_gen.pdbx_host_org_vector               ? 
_entity_src_gen.host_org_details                   ? 
_entity_src_gen.expression_system_id               ? 
_entity_src_gen.plasmid_name                       pET 
_entity_src_gen.plasmid_details                    ? 
_entity_src_gen.pdbx_description                   ? 
# 
loop_
_chem_comp.id 
_chem_comp.type 
_chem_comp.mon_nstd_flag 
_chem_comp.name 
_chem_comp.pdbx_synonyms 
_chem_comp.formula 
_chem_comp.formula_weight 
ALA 'L-peptide linking' y ALANINE         ? 'C3 H7 N O2'     89.093  
ARG 'L-peptide linking' y ARGININE        ? 'C6 H15 N4 O2 1' 175.209 
ASN 'L-peptide linking' y ASPARAGINE      ? 'C4 H8 N2 O3'    132.118 
ASP 'L-peptide linking' y 'ASPARTIC ACID' ? 'C4 H7 N O4'     133.103 
CYS 'L-peptide linking' y CYSTEINE        ? 'C3 H7 N O2 S'   121.158 
GLN 'L-peptide linking' y GLUTAMINE       ? 'C5 H10 N2 O3'   146.144 
GLU 'L-peptide linking' y 'GLUTAMIC ACID' ? 'C5 H9 N O4'     147.129 
GLY 'peptide linking'   y GLYCINE         ? 'C2 H5 N O2'     75.067  
HIS 'L-peptide linking' y HISTIDINE       ? 'C6 H10 N3 O2 1' 156.162 
HOH non-polymer         . WATER           ? 'H2 O'           18.015  
ILE 'L-peptide linking' y ISOLEUCINE      ? 'C6 H13 N O2'    131.173 
LEU 'L-peptide linking' y LEUCINE         ? 'C6 H13 N O2'    131.173 
LYS 'L-peptide linking' y LYSINE          ? 'C6 H15 N2 O2 1' 147.195 
MET 'L-peptide linking' y METHIONINE      ? 'C5 H11 N O2 S'  149.211 
PHE 'L-peptide linking' y PHENYLALANINE   ? 'C9 H11 N O2'    165.189 
PRO 'L-peptide linking' y PROLINE         ? 'C5 H9 N O2'     115.130 
SER 'L-peptide linking' y SERINE          ? 'C3 H7 N O3'     105.093 
THR 'L-peptide linking' y THREONINE       ? 'C4 H9 N O3'     119.119 
TRP 'L-peptide linking' y TRYPTOPHAN      ? 'C11 H12 N2 O2'  204.225 
TYR 'L-peptide linking' y TYROSINE        ? 'C9 H11 N O3'    181.189 
VAL 'L-peptide linking' y VALINE          ? 'C5 H11 N O2'    117.146 
ZN  non-polymer         . 'ZINC ION'      ? 'Zn 2'           65.409  
# 
loop_
_pdbx_poly_seq_scheme.asym_id 
_pdbx_poly_seq_scheme.entity_id 
_pdbx_poly_seq_scheme.seq_id 
_pdbx_poly_seq_scheme.mon_id 
_pdbx_poly_seq_scheme.ndb_seq_num 
_pdbx_poly_seq_scheme.pdb_seq_num 
_pdbx_poly_seq_scheme.auth_seq_num 
_pdbx_poly_seq_scheme.pdb_mon_id 
_pdbx_poly_seq_scheme.auth_mon_id 
_pdbx_poly_seq_scheme.pdb_strand_id 
_pdbx_poly_seq_scheme.pdb_ins_code 
_pdbx_poly_seq_scheme.hetero 
A 1 1   MET 1   1   ?   ?   ?   A . n 
A 1 2   VAL 2   2   ?   ?   ?   A . n 
A 1 3   ASP 3   3   ?   ?   ?   A . n 
A 1 4   ILE 4   4   4   ILE ILE A . n 
A 1 5   VAL 5   5   5   VAL VAL A . n 
A 1 6   LYS 6   6   6   LYS LYS A . n 
A 1 7   ARG 7   7   7   ARG ARG A . n 
A 1 8   ARG 8   8   8   ARG ARG A . n 
A 1 9   ASP 9   9   9   ASP ASP A . n 
A 1 10  TRP 10  10  10  TRP TRP A . n 
A 1 11  GLU 11  11  11  GLU GLU A . n 
A 1 12  LYS 12  12  12  LYS LYS A . n 
A 1 13  LYS 13  13  13  LYS LYS A . n 
A 1 14  GLU 14  14  14  GLU GLU A . n 
A 1 15  LYS 15  15  15  LYS LYS A . n 
A 1 16  LYS 16  16  16  LYS LYS A . n 
A 1 17  LYS 17  17  17  LYS LYS A . n 
A 1 18  ILE 18  18  18  ILE ILE A . n 
A 1 19  ALA 19  19  19  ALA ALA A . n 
A 1 20  ILE 20  20  20  ILE ILE A . n 
A 1 21  GLU 21  21  21  GLU GLU A . n 
A 1 22  ARG 22  22  22  ARG ARG A . n 
A 1 23  ILE 23  23  23  ILE ILE A . n 
A 1 24  ASP 24  24  24  ASP ASP A . n 
A 1 25  THR 25  25  25  THR THR A . n 
A 1 26  LEU 26  26  26  LEU LEU A . n 
A 1 27  PHE 27  27  27  PHE PHE A . n 
A 1 28  THR 28  28  28  THR THR A . n 
A 1 29  LEU 29  29  29  LEU LEU A . n 
A 1 30  ALA 30  30  30  ALA ALA A . n 
A 1 31  GLU 31  31  31  GLU GLU A . n 
A 1 32  ARG 32  32  32  ARG ARG A . n 
A 1 33  VAL 33  33  33  VAL VAL A . n 
A 1 34  ALA 34  34  34  ALA ALA A . n 
A 1 35  ARG 35  35  35  ARG ARG A . n 
A 1 36  TYR 36  36  36  TYR TYR A . n 
A 1 37  SER 37  37  37  SER SER A . n 
A 1 38  PRO 38  38  38  PRO PRO A . n 
A 1 39  ASP 39  39  39  ASP ASP A . n 
A 1 40  LEU 40  40  40  LEU LEU A . n 
A 1 41  ALA 41  41  41  ALA ALA A . n 
A 1 42  LYS 42  42  42  LYS LYS A . n 
A 1 43  ARG 43  43  43  ARG ARG A . n 
A 1 44  TYR 44  44  44  TYR TYR A . n 
A 1 45  VAL 45  45  45  VAL VAL A . n 
A 1 46  GLU 46  46  46  GLU GLU A . n 
A 1 47  LEU 47  47  47  LEU LEU A . n 
A 1 48  ALA 48  48  48  ALA ALA A . n 
A 1 49  LEU 49  49  49  LEU LEU A . n 
A 1 50  GLU 50  50  50  GLU GLU A . n 
A 1 51  ILE 51  51  51  ILE ILE A . n 
A 1 52  GLN 52  52  52  GLN GLN A . n 
A 1 53  LYS 53  53  53  LYS LYS A . n 
A 1 54  LYS 54  54  54  LYS LYS A . n 
A 1 55  ALA 55  55  55  ALA ALA A . n 
A 1 56  LYS 56  56  56  LYS LYS A . n 
A 1 57  VAL 57  57  57  VAL VAL A . n 
A 1 58  LYS 58  58  58  LYS LYS A . n 
A 1 59  ILE 59  59  59  ILE ILE A . n 
A 1 60  PRO 60  60  60  PRO PRO A . n 
A 1 61  ARG 61  61  61  ARG ARG A . n 
A 1 62  LYS 62  62  62  LYS LYS A . n 
A 1 63  TRP 63  63  63  TRP TRP A . n 
A 1 64  LYS 64  64  64  LYS LYS A . n 
A 1 65  ARG 65  65  65  ARG ARG A . n 
A 1 66  ARG 66  66  66  ARG ARG A . n 
A 1 67  TYR 67  67  67  TYR TYR A . n 
A 1 68  CYS 68  68  68  CYS CYS A . n 
A 1 69  LYS 69  69  69  LYS LYS A . n 
A 1 70  ARG 70  70  70  ARG ARG A . n 
A 1 71  CYS 71  71  71  CYS CYS A . n 
A 1 72  HIS 72  72  72  HIS HIS A . n 
A 1 73  THR 73  73  73  THR THR A . n 
A 1 74  PHE 74  74  74  PHE PHE A . n 
A 1 75  LEU 75  75  75  LEU LEU A . n 
A 1 76  ILE 76  76  76  ILE ILE A . n 
A 1 77  PRO 77  77  77  PRO PRO A . n 
A 1 78  GLY 78  78  78  GLY GLY A . n 
A 1 79  VAL 79  79  79  VAL VAL A . n 
A 1 80  ASN 80  80  80  ASN ASN A . n 
A 1 81  ALA 81  81  81  ALA ALA A . n 
A 1 82  ARG 82  82  82  ARG ARG A . n 
A 1 83  VAL 83  83  83  VAL VAL A . n 
A 1 84  ARG 84  84  84  ARG ARG A . n 
A 1 85  LEU 85  85  85  LEU LEU A . n 
A 1 86  ARG 86  86  86  ARG ARG A . n 
A 1 87  THR 87  87  87  THR THR A . n 
A 1 88  LYS 88  88  88  LYS LYS A . n 
A 1 89  ARG 89  89  89  ARG ARG A . n 
A 1 90  MET 90  90  90  MET MET A . n 
A 1 91  PRO 91  91  91  PRO PRO A . n 
A 1 92  HIS 92  92  92  HIS HIS A . n 
A 1 93  VAL 93  93  93  VAL VAL A . n 
A 1 94  VAL 94  94  94  VAL VAL A . n 
A 1 95  ILE 95  95  95  ILE ILE A . n 
A 1 96  THR 96  96  96  THR THR A . n 
A 1 97  CYS 97  97  97  CYS CYS A . n 
A 1 98  LEU 98  98  98  LEU LEU A . n 
A 1 99  GLU 99  99  99  GLU GLU A . n 
A 1 100 CYS 100 100 100 CYS CYS A . n 
A 1 101 GLY 101 101 101 GLY GLY A . n 
A 1 102 TYR 102 102 102 TYR TYR A . n 
A 1 103 ILE 103 103 103 ILE ILE A . n 
A 1 104 MET 104 104 104 MET MET A . n 
A 1 105 ARG 105 105 105 ARG ARG A . n 
A 1 106 TYR 106 106 106 TYR TYR A . n 
A 1 107 PRO 107 107 107 PRO PRO A . n 
A 1 108 TYR 108 108 108 TYR TYR A . n 
A 1 109 LEU 109 109 109 LEU LEU A . n 
A 1 110 ARG 110 110 ?   ?   ?   A . n 
A 1 111 GLU 111 111 ?   ?   ?   A . n 
A 1 112 VAL 112 112 ?   ?   ?   A . n 
A 1 113 LYS 113 113 ?   ?   ?   A . n 
A 1 114 GLN 114 114 ?   ?   ?   A . n 
A 1 115 LYS 115 115 ?   ?   ?   A . n 
A 1 116 ARG 116 116 ?   ?   ?   A . n 
A 1 117 LYS 117 117 ?   ?   ?   A . n 
A 1 118 LYS 118 118 ?   ?   ?   A . n 
A 1 119 ALA 119 119 ?   ?   ?   A . n 
A 1 120 THR 120 120 ?   ?   ?   A . n 
# 
loop_
_pdbx_nonpoly_scheme.asym_id 
_pdbx_nonpoly_scheme.entity_id 
_pdbx_nonpoly_scheme.mon_id 
_pdbx_nonpoly_scheme.ndb_seq_num 
_pdbx_nonpoly_scheme.pdb_seq_num 
_pdbx_nonpoly_scheme.auth_seq_num 
_pdbx_nonpoly_scheme.pdb_mon_id 
_pdbx_nonpoly_scheme.auth_mon_id 
_pdbx_nonpoly_scheme.pdb_strand_id 
_pdbx_nonpoly_scheme.pdb_ins_code 
B 2 ZN  1  150 150 ZN  ZN  A . 
C 3 HOH 1  151 1   HOH TIP A . 
C 3 HOH 2  152 2   HOH TIP A . 
C 3 HOH 3  153 3   HOH TIP A . 
C 3 HOH 4  154 4   HOH TIP A . 
C 3 HOH 5  155 5   HOH TIP A . 
C 3 HOH 6  156 6   HOH TIP A . 
C 3 HOH 7  157 7   HOH TIP A . 
C 3 HOH 8  158 8   HOH TIP A . 
C 3 HOH 9  159 9   HOH TIP A . 
C 3 HOH 10 160 10  HOH TIP A . 
C 3 HOH 11 161 11  HOH TIP A . 
C 3 HOH 12 162 12  HOH TIP A . 
C 3 HOH 13 163 13  HOH TIP A . 
C 3 HOH 14 164 14  HOH TIP A . 
C 3 HOH 15 165 15  HOH TIP A . 
C 3 HOH 16 166 16  HOH TIP A . 
C 3 HOH 17 167 17  HOH TIP A . 
C 3 HOH 18 168 18  HOH TIP A . 
C 3 HOH 19 169 19  HOH TIP A . 
C 3 HOH 20 170 20  HOH TIP A . 
C 3 HOH 21 171 21  HOH TIP A . 
C 3 HOH 22 172 22  HOH TIP A . 
C 3 HOH 23 173 23  HOH TIP A . 
C 3 HOH 24 174 24  HOH TIP A . 
C 3 HOH 25 175 25  HOH TIP A . 
C 3 HOH 26 176 26  HOH TIP A . 
C 3 HOH 27 177 27  HOH TIP A . 
C 3 HOH 28 178 28  HOH TIP A . 
C 3 HOH 29 179 29  HOH TIP A . 
C 3 HOH 30 180 30  HOH TIP A . 
C 3 HOH 31 181 31  HOH TIP A . 
C 3 HOH 32 182 32  HOH TIP A . 
C 3 HOH 33 183 33  HOH TIP A . 
C 3 HOH 34 184 34  HOH TIP A . 
C 3 HOH 35 185 35  HOH TIP A . 
C 3 HOH 36 186 36  HOH TIP A . 
C 3 HOH 37 187 37  HOH TIP A . 
C 3 HOH 38 188 38  HOH TIP A . 
C 3 HOH 39 189 39  HOH TIP A . 
C 3 HOH 40 190 40  HOH TIP A . 
C 3 HOH 41 191 41  HOH TIP A . 
C 3 HOH 42 192 42  HOH TIP A . 
C 3 HOH 43 193 43  HOH TIP A . 
C 3 HOH 44 194 44  HOH TIP A . 
C 3 HOH 45 195 45  HOH TIP A . 
C 3 HOH 46 196 46  HOH TIP A . 
C 3 HOH 47 197 47  HOH TIP A . 
C 3 HOH 48 198 48  HOH TIP A . 
C 3 HOH 49 199 49  HOH TIP A . 
C 3 HOH 50 200 50  HOH TIP A . 
C 3 HOH 51 201 51  HOH TIP A . 
C 3 HOH 52 202 52  HOH TIP A . 
C 3 HOH 53 203 53  HOH TIP A . 
C 3 HOH 54 204 54  HOH TIP A . 
C 3 HOH 55 205 55  HOH TIP A . 
C 3 HOH 56 206 56  HOH TIP A . 
C 3 HOH 57 207 57  HOH TIP A . 
C 3 HOH 58 208 58  HOH TIP A . 
C 3 HOH 59 209 59  HOH TIP A . 
C 3 HOH 60 210 60  HOH TIP A . 
C 3 HOH 61 211 61  HOH TIP A . 
C 3 HOH 62 212 62  HOH TIP A . 
C 3 HOH 63 213 63  HOH TIP A . 
C 3 HOH 64 214 64  HOH TIP A . 
C 3 HOH 65 215 65  HOH TIP A . 
# 
loop_
_software.name 
_software.classification 
_software.version 
_software.citation_id 
_software.pdbx_ordinal 
CNS       refinement       1.1 ? 1 
HKL-2000  'data reduction' .   ? 2 
SCALEPACK 'data scaling'   .   ? 3 
CNS       phasing          1.1 ? 4 
# 
_cell.entry_id           1X0T 
_cell.length_a           42.594 
_cell.length_b           52.691 
_cell.length_c           62.672 
_cell.angle_alpha        90.00 
_cell.angle_beta         90.00 
_cell.angle_gamma        90.00 
_cell.Z_PDB              4 
_cell.pdbx_unique_axis   ? 
# 
_symmetry.entry_id                         1X0T 
_symmetry.space_group_name_H-M             'P 21 21 21' 
_symmetry.pdbx_full_space_group_name_H-M   ? 
_symmetry.cell_setting                     ? 
_symmetry.Int_Tables_number                19 
_symmetry.space_group_name_Hall            ? 
# 
_exptl.entry_id          1X0T 
_exptl.method            'X-RAY DIFFRACTION' 
_exptl.crystals_number   1 
# 
_exptl_crystal.id                    1 
_exptl_crystal.density_meas          ? 
_exptl_crystal.density_Matthews      2.4 
_exptl_crystal.density_percent_sol   47.0 
_exptl_crystal.description           ? 
_exptl_crystal.F_000                 ? 
_exptl_crystal.preparation           ? 
# 
_exptl_crystal_grow.crystal_id      1 
_exptl_crystal_grow.method          'VAPOR DIFFUSION, HANGING DROP' 
_exptl_crystal_grow.temp            ? 
_exptl_crystal_grow.temp_details    ? 
_exptl_crystal_grow.pH              ? 
_exptl_crystal_grow.pdbx_details    'VAPOR DIFFUSION, HANGING DROP' 
_exptl_crystal_grow.pdbx_pH_range   . 
# 
_diffrn.id                     1 
_diffrn.ambient_temp           100 
_diffrn.ambient_temp_details   ? 
_diffrn.crystal_id             1 
# 
_diffrn_detector.diffrn_id              1 
_diffrn_detector.detector               CCD 
_diffrn_detector.type                   ? 
_diffrn_detector.pdbx_collection_date   ? 
_diffrn_detector.details                ? 
# 
_diffrn_radiation.diffrn_id                        1 
_diffrn_radiation.wavelength_id                    1 
_diffrn_radiation.pdbx_monochromatic_or_laue_m_l   M 
_diffrn_radiation.monochromator                    'Si 111 CHANNEL' 
_diffrn_radiation.pdbx_diffrn_protocol             MAD 
_diffrn_radiation.pdbx_scattering_type             x-ray 
# 
_diffrn_radiation_wavelength.id           1 
_diffrn_radiation_wavelength.wavelength   1.0 
_diffrn_radiation_wavelength.wt           1.0 
# 
_diffrn_source.diffrn_id                   1 
_diffrn_source.source                      SYNCHROTRON 
_diffrn_source.type                        'SPRING-8 BEAMLINE BL41XU' 
_diffrn_source.pdbx_synchrotron_site       SPring-8 
_diffrn_source.pdbx_synchrotron_beamline   BL41XU 
_diffrn_source.pdbx_wavelength             ? 
_diffrn_source.pdbx_wavelength_list        1.0 
# 
_reflns.entry_id                     1X0T 
_reflns.observed_criterion_sigma_I   0.0 
_reflns.observed_criterion_sigma_F   0.0 
_reflns.d_resolution_low             50 
_reflns.d_resolution_high            1.5 
_reflns.number_obs                   23409 
_reflns.number_all                   23409 
_reflns.percent_possible_obs         98.5 
_reflns.pdbx_Rmerge_I_obs            0.053 
_reflns.pdbx_Rsym_value              0.053 
_reflns.pdbx_netI_over_sigmaI        23 
_reflns.B_iso_Wilson_estimate        21.3 
_reflns.pdbx_redundancy              6.9 
_reflns.R_free_details               ? 
_reflns.limit_h_max                  ? 
_reflns.limit_h_min                  ? 
_reflns.limit_k_max                  ? 
_reflns.limit_k_min                  ? 
_reflns.limit_l_max                  ? 
_reflns.limit_l_min                  ? 
_reflns.observed_criterion_F_max     ? 
_reflns.observed_criterion_F_min     ? 
_reflns.pdbx_chi_squared             ? 
_reflns.pdbx_scaling_rejects         ? 
_reflns.pdbx_ordinal                 1 
_reflns.pdbx_diffrn_id               1 
# 
_reflns_shell.d_res_high             1.50 
_reflns_shell.d_res_low              1.55 
_reflns_shell.percent_possible_all   87.7 
_reflns_shell.Rmerge_I_obs           0.46 
_reflns_shell.pdbx_Rsym_value        0.46 
_reflns_shell.meanI_over_sigI_obs    2.6 
_reflns_shell.pdbx_redundancy        4.4 
_reflns_shell.percent_possible_obs   ? 
_reflns_shell.number_unique_all      2044 
_reflns_shell.number_measured_all    ? 
_reflns_shell.number_measured_obs    ? 
_reflns_shell.number_unique_obs      ? 
_reflns_shell.pdbx_chi_squared       ? 
_reflns_shell.pdbx_ordinal           1 
_reflns_shell.pdbx_diffrn_id         1 
# 
_refine.entry_id                                 1X0T 
_refine.ls_number_reflns_obs                     18855 
_refine.ls_number_reflns_all                     19781 
_refine.pdbx_ls_sigma_I                          0.0 
_refine.pdbx_ls_sigma_F                          0.0 
_refine.pdbx_data_cutoff_high_absF               942951.86 
_refine.pdbx_data_cutoff_low_absF                0.000000 
_refine.pdbx_data_cutoff_high_rms_absF           ? 
_refine.ls_d_res_low                             35.23 
_refine.ls_d_res_high                            1.60 
_refine.ls_percent_reflns_obs                    98.1 
_refine.ls_R_factor_obs                          0.217 
_refine.ls_R_factor_all                          ? 
_refine.ls_R_factor_R_work                       0.217 
_refine.ls_R_factor_R_free                       0.245 
_refine.ls_R_factor_R_free_error                 0.008 
_refine.ls_R_factor_R_free_error_details         ? 
_refine.ls_percent_reflns_R_free                 4.9 
_refine.ls_number_reflns_R_free                  926 
_refine.ls_number_parameters                     ? 
_refine.ls_number_restraints                     ? 
_refine.occupancy_min                            ? 
_refine.occupancy_max                            ? 
_refine.correlation_coeff_Fo_to_Fc               ? 
_refine.correlation_coeff_Fo_to_Fc_free          ? 
_refine.B_iso_mean                               25.1 
_refine.aniso_B[1][1]                            0.38 
_refine.aniso_B[2][2]                            2.25 
_refine.aniso_B[3][3]                            -2.63 
_refine.aniso_B[1][2]                            0.00 
_refine.aniso_B[1][3]                            0.00 
_refine.aniso_B[2][3]                            0.00 
_refine.solvent_model_details                    'FLAT MODEL' 
_refine.solvent_model_param_ksol                 0.41044 
_refine.solvent_model_param_bsol                 48.8934 
_refine.pdbx_solvent_vdw_probe_radii             ? 
_refine.pdbx_solvent_ion_probe_radii             ? 
_refine.pdbx_solvent_shrinkage_radii             ? 
_refine.pdbx_ls_cross_valid_method               THROUGHOUT 
_refine.details                                  ? 
_refine.pdbx_starting_model                      ? 
_refine.pdbx_method_to_determine_struct          MAD 
_refine.pdbx_isotropic_thermal_model             RESTRAINED 
_refine.pdbx_stereochemistry_target_values       'Engh & Huber' 
_refine.pdbx_stereochem_target_val_spec_case     ? 
_refine.pdbx_R_Free_selection_details            RANDOM 
_refine.pdbx_overall_ESU_R                       ? 
_refine.pdbx_overall_ESU_R_Free                  ? 
_refine.overall_SU_ML                            ? 
_refine.overall_SU_B                             ? 
_refine.ls_redundancy_reflns_obs                 ? 
_refine.B_iso_min                                ? 
_refine.B_iso_max                                ? 
_refine.overall_SU_R_Cruickshank_DPI             ? 
_refine.overall_SU_R_free                        ? 
_refine.ls_wR_factor_R_free                      ? 
_refine.ls_wR_factor_R_work                      ? 
_refine.overall_FOM_free_R_set                   ? 
_refine.overall_FOM_work_R_set                   ? 
_refine.pdbx_refine_id                           'X-RAY DIFFRACTION' 
_refine.pdbx_diffrn_id                           1 
_refine.pdbx_TLS_residual_ADP_flag               ? 
_refine.pdbx_overall_phase_error                 ? 
_refine.pdbx_overall_SU_R_free_Cruickshank_DPI   ? 
_refine.pdbx_overall_SU_R_Blow_DPI               ? 
_refine.pdbx_overall_SU_R_free_Blow_DPI          ? 
# 
_refine_analyze.entry_id                        1X0T 
_refine_analyze.Luzzati_coordinate_error_obs    0.18 
_refine_analyze.Luzzati_sigma_a_obs             -0.06 
_refine_analyze.Luzzati_d_res_low_obs           5.00 
_refine_analyze.Luzzati_coordinate_error_free   0.21 
_refine_analyze.Luzzati_sigma_a_free            ? 
_refine_analyze.Luzzati_d_res_low_free          ? 
_refine_analyze.number_disordered_residues      ? 
_refine_analyze.occupancy_sum_hydrogen          ? 
_refine_analyze.occupancy_sum_non_hydrogen      ? 
_refine_analyze.pdbx_Luzzati_d_res_high_obs     ? 
_refine_analyze.pdbx_refine_id                  'X-RAY DIFFRACTION' 
# 
_refine_hist.pdbx_refine_id                   'X-RAY DIFFRACTION' 
_refine_hist.cycle_id                         LAST 
_refine_hist.pdbx_number_atoms_protein        905 
_refine_hist.pdbx_number_atoms_nucleic_acid   0 
_refine_hist.pdbx_number_atoms_ligand         1 
_refine_hist.number_atoms_solvent             65 
_refine_hist.number_atoms_total               971 
_refine_hist.d_res_high                       1.60 
_refine_hist.d_res_low                        35.23 
# 
loop_
_refine_ls_restr.type 
_refine_ls_restr.dev_ideal 
_refine_ls_restr.dev_ideal_target 
_refine_ls_restr.weight 
_refine_ls_restr.number 
_refine_ls_restr.pdbx_refine_id 
_refine_ls_restr.pdbx_restraint_function 
c_bond_d                0.004 ? ? ? 'X-RAY DIFFRACTION' ? 
c_bond_d_na             ?     ? ? ? 'X-RAY DIFFRACTION' ? 
c_bond_d_prot           ?     ? ? ? 'X-RAY DIFFRACTION' ? 
c_angle_d               ?     ? ? ? 'X-RAY DIFFRACTION' ? 
c_angle_d_na            ?     ? ? ? 'X-RAY DIFFRACTION' ? 
c_angle_d_prot          ?     ? ? ? 'X-RAY DIFFRACTION' ? 
c_angle_deg             1.1   ? ? ? 'X-RAY DIFFRACTION' ? 
c_angle_deg_na          ?     ? ? ? 'X-RAY DIFFRACTION' ? 
c_angle_deg_prot        ?     ? ? ? 'X-RAY DIFFRACTION' ? 
c_dihedral_angle_d      20.5  ? ? ? 'X-RAY DIFFRACTION' ? 
c_dihedral_angle_d_na   ?     ? ? ? 'X-RAY DIFFRACTION' ? 
c_dihedral_angle_d_prot ?     ? ? ? 'X-RAY DIFFRACTION' ? 
c_improper_angle_d      0.74  ? ? ? 'X-RAY DIFFRACTION' ? 
c_improper_angle_d_na   ?     ? ? ? 'X-RAY DIFFRACTION' ? 
c_improper_angle_d_prot ?     ? ? ? 'X-RAY DIFFRACTION' ? 
c_mcbond_it             ?     ? ? ? 'X-RAY DIFFRACTION' ? 
c_mcangle_it            ?     ? ? ? 'X-RAY DIFFRACTION' ? 
c_scbond_it             ?     ? ? ? 'X-RAY DIFFRACTION' ? 
c_scangle_it            ?     ? ? ? 'X-RAY DIFFRACTION' ? 
# 
_refine_ls_shell.pdbx_total_number_of_bins_used   6 
_refine_ls_shell.d_res_high                       1.60 
_refine_ls_shell.d_res_low                        1.70 
_refine_ls_shell.number_reflns_R_work             2810 
_refine_ls_shell.R_factor_R_work                  0.212 
_refine_ls_shell.percent_reflns_obs               94.5 
_refine_ls_shell.R_factor_R_free                  0.238 
_refine_ls_shell.R_factor_R_free_error            0.019 
_refine_ls_shell.percent_reflns_R_free            5.4 
_refine_ls_shell.number_reflns_R_free             159 
_refine_ls_shell.number_reflns_obs                ? 
_refine_ls_shell.redundancy_reflns_obs            ? 
_refine_ls_shell.number_reflns_all                ? 
_refine_ls_shell.R_factor_all                     ? 
_refine_ls_shell.pdbx_refine_id                   'X-RAY DIFFRACTION' 
# 
loop_
_pdbx_xplor_file.serial_no 
_pdbx_xplor_file.param_file 
_pdbx_xplor_file.topol_file 
_pdbx_xplor_file.pdbx_refine_id 
1 protein_rep.param protein.top 'X-RAY DIFFRACTION' 
2 water_rep.param   ?           'X-RAY DIFFRACTION' 
3 ion.param         ?           'X-RAY DIFFRACTION' 
# 
_struct.entry_id                  1X0T 
_struct.title                     'Crystal structure of ribonuclease P protein Ph1601p from Pyrococcus horikoshii OT3' 
_struct.pdbx_model_details        ? 
_struct.pdbx_CASP_flag            ? 
_struct.pdbx_model_type_details   ? 
# 
_struct_keywords.entry_id        1X0T 
_struct_keywords.pdbx_keywords   HYDROLASE 
_struct_keywords.text            'ribonuclease P protein, Pyrococcus horikoshii OT3, HYDROLASE' 
# 
loop_
_struct_asym.id 
_struct_asym.pdbx_blank_PDB_chainid_flag 
_struct_asym.pdbx_modified 
_struct_asym.entity_id 
_struct_asym.details 
A N N 1 ? 
B N N 2 ? 
C N N 3 ? 
# 
_struct_ref.id                         1 
_struct_ref.db_name                    UNP 
_struct_ref.db_code                    RNP4_PYRHO 
_struct_ref.pdbx_db_accession          O59248 
_struct_ref.entity_id                  1 
_struct_ref.pdbx_seq_one_letter_code   
;MVDIVKRRDWEKKEKKKIAIERIDTLFTLAERVARYSPDLAKRYVELALEIQKKAKVKIPRKWKRRYCKRCHTFLIPGVN
ARVRLRTKRMPHVVITCLECGYIMRYPYLREVKQKRKKAT
;
_struct_ref.pdbx_align_begin           1 
_struct_ref.pdbx_db_isoform            ? 
# 
_struct_ref_seq.align_id                      1 
_struct_ref_seq.ref_id                        1 
_struct_ref_seq.pdbx_PDB_id_code              1X0T 
_struct_ref_seq.pdbx_strand_id                A 
_struct_ref_seq.seq_align_beg                 1 
_struct_ref_seq.pdbx_seq_align_beg_ins_code   ? 
_struct_ref_seq.seq_align_end                 120 
_struct_ref_seq.pdbx_seq_align_end_ins_code   ? 
_struct_ref_seq.pdbx_db_accession             O59248 
_struct_ref_seq.db_align_beg                  1 
_struct_ref_seq.pdbx_db_align_beg_ins_code    ? 
_struct_ref_seq.db_align_end                  120 
_struct_ref_seq.pdbx_db_align_end_ins_code    ? 
_struct_ref_seq.pdbx_auth_seq_align_beg       1 
_struct_ref_seq.pdbx_auth_seq_align_end       120 
# 
_pdbx_struct_assembly.id                   1 
_pdbx_struct_assembly.details              author_defined_assembly 
_pdbx_struct_assembly.method_details       ? 
_pdbx_struct_assembly.oligomeric_details   monomeric 
_pdbx_struct_assembly.oligomeric_count     1 
# 
_pdbx_struct_assembly_gen.assembly_id       1 
_pdbx_struct_assembly_gen.oper_expression   1 
_pdbx_struct_assembly_gen.asym_id_list      A,B,C 
# 
_pdbx_struct_oper_list.id                   1 
_pdbx_struct_oper_list.type                 'identity operation' 
_pdbx_struct_oper_list.name                 1_555 
_pdbx_struct_oper_list.symmetry_operation   x,y,z 
_pdbx_struct_oper_list.matrix[1][1]         1.0000000000 
_pdbx_struct_oper_list.matrix[1][2]         0.0000000000 
_pdbx_struct_oper_list.matrix[1][3]         0.0000000000 
_pdbx_struct_oper_list.vector[1]            0.0000000000 
_pdbx_struct_oper_list.matrix[2][1]         0.0000000000 
_pdbx_struct_oper_list.matrix[2][2]         1.0000000000 
_pdbx_struct_oper_list.matrix[2][3]         0.0000000000 
_pdbx_struct_oper_list.vector[2]            0.0000000000 
_pdbx_struct_oper_list.matrix[3][1]         0.0000000000 
_pdbx_struct_oper_list.matrix[3][2]         0.0000000000 
_pdbx_struct_oper_list.matrix[3][3]         1.0000000000 
_pdbx_struct_oper_list.vector[3]            0.0000000000 
# 
_struct_biol.id                    1 
_struct_biol.pdbx_parent_biol_id   ? 
_struct_biol.details               ? 
# 
loop_
_struct_conf.conf_type_id 
_struct_conf.id 
_struct_conf.pdbx_PDB_helix_id 
_struct_conf.beg_label_comp_id 
_struct_conf.beg_label_asym_id 
_struct_conf.beg_label_seq_id 
_struct_conf.pdbx_beg_PDB_ins_code 
_struct_conf.end_label_comp_id 
_struct_conf.end_label_asym_id 
_struct_conf.end_label_seq_id 
_struct_conf.pdbx_end_PDB_ins_code 
_struct_conf.beg_auth_comp_id 
_struct_conf.beg_auth_asym_id 
_struct_conf.beg_auth_seq_id 
_struct_conf.end_auth_comp_id 
_struct_conf.end_auth_asym_id 
_struct_conf.end_auth_seq_id 
_struct_conf.pdbx_PDB_helix_class 
_struct_conf.details 
_struct_conf.pdbx_PDB_helix_length 
HELX_P HELX_P1 1 ILE A 4  ? ARG A 35 ? ILE A 4  ARG A 35 1 ? 32 
HELX_P HELX_P2 2 SER A 37 ? LYS A 56 ? SER A 37 LYS A 56 1 ? 20 
# 
_struct_conf_type.id          HELX_P 
_struct_conf_type.criteria    ? 
_struct_conf_type.reference   ? 
# 
loop_
_struct_conn.id 
_struct_conn.conn_type_id 
_struct_conn.pdbx_leaving_atom_flag 
_struct_conn.pdbx_PDB_id 
_struct_conn.ptnr1_label_asym_id 
_struct_conn.ptnr1_label_comp_id 
_struct_conn.ptnr1_label_seq_id 
_struct_conn.ptnr1_label_atom_id 
_struct_conn.pdbx_ptnr1_label_alt_id 
_struct_conn.pdbx_ptnr1_PDB_ins_code 
_struct_conn.pdbx_ptnr1_standard_comp_id 
_struct_conn.ptnr1_symmetry 
_struct_conn.ptnr2_label_asym_id 
_struct_conn.ptnr2_label_comp_id 
_struct_conn.ptnr2_label_seq_id 
_struct_conn.ptnr2_label_atom_id 
_struct_conn.pdbx_ptnr2_label_alt_id 
_struct_conn.pdbx_ptnr2_PDB_ins_code 
_struct_conn.ptnr1_auth_asym_id 
_struct_conn.ptnr1_auth_comp_id 
_struct_conn.ptnr1_auth_seq_id 
_struct_conn.ptnr2_auth_asym_id 
_struct_conn.ptnr2_auth_comp_id 
_struct_conn.ptnr2_auth_seq_id 
_struct_conn.ptnr2_symmetry 
_struct_conn.pdbx_ptnr3_label_atom_id 
_struct_conn.pdbx_ptnr3_label_seq_id 
_struct_conn.pdbx_ptnr3_label_comp_id 
_struct_conn.pdbx_ptnr3_label_asym_id 
_struct_conn.pdbx_ptnr3_label_alt_id 
_struct_conn.pdbx_ptnr3_PDB_ins_code 
_struct_conn.details 
_struct_conn.pdbx_dist_value 
_struct_conn.pdbx_value_order 
_struct_conn.pdbx_role 
metalc1 metalc ? ? A CYS 68  SG ? ? ? 1_555 B ZN . ZN ? ? A CYS 68  A ZN 150 1_555 ? ? ? ? ? ? ? 2.350 ? ? 
metalc2 metalc ? ? A CYS 71  SG ? ? ? 1_555 B ZN . ZN ? ? A CYS 71  A ZN 150 1_555 ? ? ? ? ? ? ? 2.390 ? ? 
metalc3 metalc ? ? A CYS 97  SG ? ? ? 1_555 B ZN . ZN ? ? A CYS 97  A ZN 150 1_555 ? ? ? ? ? ? ? 2.341 ? ? 
metalc4 metalc ? ? A CYS 100 SG ? ? ? 1_555 B ZN . ZN ? ? A CYS 100 A ZN 150 1_555 ? ? ? ? ? ? ? 2.341 ? ? 
# 
_struct_conn_type.id          metalc 
_struct_conn_type.criteria    ? 
_struct_conn_type.reference   ? 
# 
loop_
_pdbx_struct_conn_angle.id 
_pdbx_struct_conn_angle.ptnr1_label_atom_id 
_pdbx_struct_conn_angle.ptnr1_label_alt_id 
_pdbx_struct_conn_angle.ptnr1_label_asym_id 
_pdbx_struct_conn_angle.ptnr1_label_comp_id 
_pdbx_struct_conn_angle.ptnr1_label_seq_id 
_pdbx_struct_conn_angle.ptnr1_auth_atom_id 
_pdbx_struct_conn_angle.ptnr1_auth_asym_id 
_pdbx_struct_conn_angle.ptnr1_auth_comp_id 
_pdbx_struct_conn_angle.ptnr1_auth_seq_id 
_pdbx_struct_conn_angle.ptnr1_PDB_ins_code 
_pdbx_struct_conn_angle.ptnr1_symmetry 
_pdbx_struct_conn_angle.ptnr2_label_atom_id 
_pdbx_struct_conn_angle.ptnr2_label_alt_id 
_pdbx_struct_conn_angle.ptnr2_label_asym_id 
_pdbx_struct_conn_angle.ptnr2_label_comp_id 
_pdbx_struct_conn_angle.ptnr2_label_seq_id 
_pdbx_struct_conn_angle.ptnr2_auth_atom_id 
_pdbx_struct_conn_angle.ptnr2_auth_asym_id 
_pdbx_struct_conn_angle.ptnr2_auth_comp_id 
_pdbx_struct_conn_angle.ptnr2_auth_seq_id 
_pdbx_struct_conn_angle.ptnr2_PDB_ins_code 
_pdbx_struct_conn_angle.ptnr2_symmetry 
_pdbx_struct_conn_angle.ptnr3_label_atom_id 
_pdbx_struct_conn_angle.ptnr3_label_alt_id 
_pdbx_struct_conn_angle.ptnr3_label_asym_id 
_pdbx_struct_conn_angle.ptnr3_label_comp_id 
_pdbx_struct_conn_angle.ptnr3_label_seq_id 
_pdbx_struct_conn_angle.ptnr3_auth_atom_id 
_pdbx_struct_conn_angle.ptnr3_auth_asym_id 
_pdbx_struct_conn_angle.ptnr3_auth_comp_id 
_pdbx_struct_conn_angle.ptnr3_auth_seq_id 
_pdbx_struct_conn_angle.ptnr3_PDB_ins_code 
_pdbx_struct_conn_angle.ptnr3_symmetry 
_pdbx_struct_conn_angle.value 
_pdbx_struct_conn_angle.value_esd 
1 SG ? A CYS 68 ? A CYS 68 ? 1_555 ZN ? B ZN . ? A ZN 150 ? 1_555 SG ? A CYS 71  ? A CYS 71  ? 1_555 108.2 ? 
2 SG ? A CYS 68 ? A CYS 68 ? 1_555 ZN ? B ZN . ? A ZN 150 ? 1_555 SG ? A CYS 97  ? A CYS 97  ? 1_555 106.7 ? 
3 SG ? A CYS 71 ? A CYS 71 ? 1_555 ZN ? B ZN . ? A ZN 150 ? 1_555 SG ? A CYS 97  ? A CYS 97  ? 1_555 106.5 ? 
4 SG ? A CYS 68 ? A CYS 68 ? 1_555 ZN ? B ZN . ? A ZN 150 ? 1_555 SG ? A CYS 100 ? A CYS 100 ? 1_555 104.2 ? 
5 SG ? A CYS 71 ? A CYS 71 ? 1_555 ZN ? B ZN . ? A ZN 150 ? 1_555 SG ? A CYS 100 ? A CYS 100 ? 1_555 115.5 ? 
6 SG ? A CYS 97 ? A CYS 97 ? 1_555 ZN ? B ZN . ? A ZN 150 ? 1_555 SG ? A CYS 100 ? A CYS 100 ? 1_555 115.3 ? 
# 
_struct_sheet.id               A 
_struct_sheet.type             ? 
_struct_sheet.number_strands   3 
_struct_sheet.details          ? 
# 
loop_
_struct_sheet_order.sheet_id 
_struct_sheet_order.range_id_1 
_struct_sheet_order.range_id_2 
_struct_sheet_order.offset 
_struct_sheet_order.sense 
A 1 2 ? anti-parallel 
A 2 3 ? anti-parallel 
# 
loop_
_struct_sheet_range.sheet_id 
_struct_sheet_range.id 
_struct_sheet_range.beg_label_comp_id 
_struct_sheet_range.beg_label_asym_id 
_struct_sheet_range.beg_label_seq_id 
_struct_sheet_range.pdbx_beg_PDB_ins_code 
_struct_sheet_range.end_label_comp_id 
_struct_sheet_range.end_label_asym_id 
_struct_sheet_range.end_label_seq_id 
_struct_sheet_range.pdbx_end_PDB_ins_code 
_struct_sheet_range.beg_auth_comp_id 
_struct_sheet_range.beg_auth_asym_id 
_struct_sheet_range.beg_auth_seq_id 
_struct_sheet_range.end_auth_comp_id 
_struct_sheet_range.end_auth_asym_id 
_struct_sheet_range.end_auth_seq_id 
A 1 ALA A 81  ? ARG A 86  ? ALA A 81  ARG A 86  
A 2 HIS A 92  ? CYS A 97  ? HIS A 92  CYS A 97  
A 3 ILE A 103 ? PRO A 107 ? ILE A 103 PRO A 107 
# 
loop_
_pdbx_struct_sheet_hbond.sheet_id 
_pdbx_struct_sheet_hbond.range_id_1 
_pdbx_struct_sheet_hbond.range_id_2 
_pdbx_struct_sheet_hbond.range_1_label_atom_id 
_pdbx_struct_sheet_hbond.range_1_label_comp_id 
_pdbx_struct_sheet_hbond.range_1_label_asym_id 
_pdbx_struct_sheet_hbond.range_1_label_seq_id 
_pdbx_struct_sheet_hbond.range_1_PDB_ins_code 
_pdbx_struct_sheet_hbond.range_1_auth_atom_id 
_pdbx_struct_sheet_hbond.range_1_auth_comp_id 
_pdbx_struct_sheet_hbond.range_1_auth_asym_id 
_pdbx_struct_sheet_hbond.range_1_auth_seq_id 
_pdbx_struct_sheet_hbond.range_2_label_atom_id 
_pdbx_struct_sheet_hbond.range_2_label_comp_id 
_pdbx_struct_sheet_hbond.range_2_label_asym_id 
_pdbx_struct_sheet_hbond.range_2_label_seq_id 
_pdbx_struct_sheet_hbond.range_2_PDB_ins_code 
_pdbx_struct_sheet_hbond.range_2_auth_atom_id 
_pdbx_struct_sheet_hbond.range_2_auth_comp_id 
_pdbx_struct_sheet_hbond.range_2_auth_asym_id 
_pdbx_struct_sheet_hbond.range_2_auth_seq_id 
A 1 2 N ARG A 84 ? N ARG A 84 O VAL A 94  ? O VAL A 94  
A 2 3 N ILE A 95 ? N ILE A 95 O MET A 104 ? O MET A 104 
# 
_struct_site.id                   AC1 
_struct_site.pdbx_evidence_code   Software 
_struct_site.pdbx_auth_asym_id    A 
_struct_site.pdbx_auth_comp_id    ZN 
_struct_site.pdbx_auth_seq_id     150 
_struct_site.pdbx_auth_ins_code   ? 
_struct_site.pdbx_num_residues    4 
_struct_site.details              'BINDING SITE FOR RESIDUE ZN A 150' 
# 
loop_
_struct_site_gen.id 
_struct_site_gen.site_id 
_struct_site_gen.pdbx_num_res 
_struct_site_gen.label_comp_id 
_struct_site_gen.label_asym_id 
_struct_site_gen.label_seq_id 
_struct_site_gen.pdbx_auth_ins_code 
_struct_site_gen.auth_comp_id 
_struct_site_gen.auth_asym_id 
_struct_site_gen.auth_seq_id 
_struct_site_gen.label_atom_id 
_struct_site_gen.label_alt_id 
_struct_site_gen.symmetry 
_struct_site_gen.details 
1 AC1 4 CYS A 68  ? CYS A 68  . ? 1_555 ? 
2 AC1 4 CYS A 71  ? CYS A 71  . ? 1_555 ? 
3 AC1 4 CYS A 97  ? CYS A 97  . ? 1_555 ? 
4 AC1 4 CYS A 100 ? CYS A 100 . ? 1_555 ? 
# 
loop_
_pdbx_validate_torsion.id 
_pdbx_validate_torsion.PDB_model_num 
_pdbx_validate_torsion.auth_comp_id 
_pdbx_validate_torsion.auth_asym_id 
_pdbx_validate_torsion.auth_seq_id 
_pdbx_validate_torsion.PDB_ins_code 
_pdbx_validate_torsion.label_alt_id 
_pdbx_validate_torsion.phi 
_pdbx_validate_torsion.psi 
1 1 ASN A 80 ? ? -145.04 19.26   
2 1 ARG A 89 ? ? -121.27 -107.06 
# 
loop_
_pdbx_unobs_or_zero_occ_residues.id 
_pdbx_unobs_or_zero_occ_residues.PDB_model_num 
_pdbx_unobs_or_zero_occ_residues.polymer_flag 
_pdbx_unobs_or_zero_occ_residues.occupancy_flag 
_pdbx_unobs_or_zero_occ_residues.auth_asym_id 
_pdbx_unobs_or_zero_occ_residues.auth_comp_id 
_pdbx_unobs_or_zero_occ_residues.auth_seq_id 
_pdbx_unobs_or_zero_occ_residues.PDB_ins_code 
_pdbx_unobs_or_zero_occ_residues.label_asym_id 
_pdbx_unobs_or_zero_occ_residues.label_comp_id 
_pdbx_unobs_or_zero_occ_residues.label_seq_id 
1  1 Y 1 A MET 1   ? A MET 1   
2  1 Y 1 A VAL 2   ? A VAL 2   
3  1 Y 1 A ASP 3   ? A ASP 3   
4  1 Y 1 A ARG 110 ? A ARG 110 
5  1 Y 1 A GLU 111 ? A GLU 111 
6  1 Y 1 A VAL 112 ? A VAL 112 
7  1 Y 1 A LYS 113 ? A LYS 113 
8  1 Y 1 A GLN 114 ? A GLN 114 
9  1 Y 1 A LYS 115 ? A LYS 115 
10 1 Y 1 A ARG 116 ? A ARG 116 
11 1 Y 1 A LYS 117 ? A LYS 117 
12 1 Y 1 A LYS 118 ? A LYS 118 
13 1 Y 1 A ALA 119 ? A ALA 119 
14 1 Y 1 A THR 120 ? A THR 120 
# 
loop_
_chem_comp_atom.comp_id 
_chem_comp_atom.atom_id 
_chem_comp_atom.type_symbol 
_chem_comp_atom.pdbx_aromatic_flag 
_chem_comp_atom.pdbx_stereo_config 
_chem_comp_atom.pdbx_ordinal 
ALA N    N  N N 1   
ALA CA   C  N S 2   
ALA C    C  N N 3   
ALA O    O  N N 4   
ALA CB   C  N N 5   
ALA OXT  O  N N 6   
ALA H    H  N N 7   
ALA H2   H  N N 8   
ALA HA   H  N N 9   
ALA HB1  H  N N 10  
ALA HB2  H  N N 11  
ALA HB3  H  N N 12  
ALA HXT  H  N N 13  
ARG N    N  N N 14  
ARG CA   C  N S 15  
ARG C    C  N N 16  
ARG O    O  N N 17  
ARG CB   C  N N 18  
ARG CG   C  N N 19  
ARG CD   C  N N 20  
ARG NE   N  N N 21  
ARG CZ   C  N N 22  
ARG NH1  N  N N 23  
ARG NH2  N  N N 24  
ARG OXT  O  N N 25  
ARG H    H  N N 26  
ARG H2   H  N N 27  
ARG HA   H  N N 28  
ARG HB2  H  N N 29  
ARG HB3  H  N N 30  
ARG HG2  H  N N 31  
ARG HG3  H  N N 32  
ARG HD2  H  N N 33  
ARG HD3  H  N N 34  
ARG HE   H  N N 35  
ARG HH11 H  N N 36  
ARG HH12 H  N N 37  
ARG HH21 H  N N 38  
ARG HH22 H  N N 39  
ARG HXT  H  N N 40  
ASN N    N  N N 41  
ASN CA   C  N S 42  
ASN C    C  N N 43  
ASN O    O  N N 44  
ASN CB   C  N N 45  
ASN CG   C  N N 46  
ASN OD1  O  N N 47  
ASN ND2  N  N N 48  
ASN OXT  O  N N 49  
ASN H    H  N N 50  
ASN H2   H  N N 51  
ASN HA   H  N N 52  
ASN HB2  H  N N 53  
ASN HB3  H  N N 54  
ASN HD21 H  N N 55  
ASN HD22 H  N N 56  
ASN HXT  H  N N 57  
ASP N    N  N N 58  
ASP CA   C  N S 59  
ASP C    C  N N 60  
ASP O    O  N N 61  
ASP CB   C  N N 62  
ASP CG   C  N N 63  
ASP OD1  O  N N 64  
ASP OD2  O  N N 65  
ASP OXT  O  N N 66  
ASP H    H  N N 67  
ASP H2   H  N N 68  
ASP HA   H  N N 69  
ASP HB2  H  N N 70  
ASP HB3  H  N N 71  
ASP HD2  H  N N 72  
ASP HXT  H  N N 73  
CYS N    N  N N 74  
CYS CA   C  N R 75  
CYS C    C  N N 76  
CYS O    O  N N 77  
CYS CB   C  N N 78  
CYS SG   S  N N 79  
CYS OXT  O  N N 80  
CYS H    H  N N 81  
CYS H2   H  N N 82  
CYS HA   H  N N 83  
CYS HB2  H  N N 84  
CYS HB3  H  N N 85  
CYS HG   H  N N 86  
CYS HXT  H  N N 87  
GLN N    N  N N 88  
GLN CA   C  N S 89  
GLN C    C  N N 90  
GLN O    O  N N 91  
GLN CB   C  N N 92  
GLN CG   C  N N 93  
GLN CD   C  N N 94  
GLN OE1  O  N N 95  
GLN NE2  N  N N 96  
GLN OXT  O  N N 97  
GLN H    H  N N 98  
GLN H2   H  N N 99  
GLN HA   H  N N 100 
GLN HB2  H  N N 101 
GLN HB3  H  N N 102 
GLN HG2  H  N N 103 
GLN HG3  H  N N 104 
GLN HE21 H  N N 105 
GLN HE22 H  N N 106 
GLN HXT  H  N N 107 
GLU N    N  N N 108 
GLU CA   C  N S 109 
GLU C    C  N N 110 
GLU O    O  N N 111 
GLU CB   C  N N 112 
GLU CG   C  N N 113 
GLU CD   C  N N 114 
GLU OE1  O  N N 115 
GLU OE2  O  N N 116 
GLU OXT  O  N N 117 
GLU H    H  N N 118 
GLU H2   H  N N 119 
GLU HA   H  N N 120 
GLU HB2  H  N N 121 
GLU HB3  H  N N 122 
GLU HG2  H  N N 123 
GLU HG3  H  N N 124 
GLU HE2  H  N N 125 
GLU HXT  H  N N 126 
GLY N    N  N N 127 
GLY CA   C  N N 128 
GLY C    C  N N 129 
GLY O    O  N N 130 
GLY OXT  O  N N 131 
GLY H    H  N N 132 
GLY H2   H  N N 133 
GLY HA2  H  N N 134 
GLY HA3  H  N N 135 
GLY HXT  H  N N 136 
HIS N    N  N N 137 
HIS CA   C  N S 138 
HIS C    C  N N 139 
HIS O    O  N N 140 
HIS CB   C  N N 141 
HIS CG   C  Y N 142 
HIS ND1  N  Y N 143 
HIS CD2  C  Y N 144 
HIS CE1  C  Y N 145 
HIS NE2  N  Y N 146 
HIS OXT  O  N N 147 
HIS H    H  N N 148 
HIS H2   H  N N 149 
HIS HA   H  N N 150 
HIS HB2  H  N N 151 
HIS HB3  H  N N 152 
HIS HD1  H  N N 153 
HIS HD2  H  N N 154 
HIS HE1  H  N N 155 
HIS HE2  H  N N 156 
HIS HXT  H  N N 157 
HOH O    O  N N 158 
HOH H1   H  N N 159 
HOH H2   H  N N 160 
ILE N    N  N N 161 
ILE CA   C  N S 162 
ILE C    C  N N 163 
ILE O    O  N N 164 
ILE CB   C  N S 165 
ILE CG1  C  N N 166 
ILE CG2  C  N N 167 
ILE CD1  C  N N 168 
ILE OXT  O  N N 169 
ILE H    H  N N 170 
ILE H2   H  N N 171 
ILE HA   H  N N 172 
ILE HB   H  N N 173 
ILE HG12 H  N N 174 
ILE HG13 H  N N 175 
ILE HG21 H  N N 176 
ILE HG22 H  N N 177 
ILE HG23 H  N N 178 
ILE HD11 H  N N 179 
ILE HD12 H  N N 180 
ILE HD13 H  N N 181 
ILE HXT  H  N N 182 
LEU N    N  N N 183 
LEU CA   C  N S 184 
LEU C    C  N N 185 
LEU O    O  N N 186 
LEU CB   C  N N 187 
LEU CG   C  N N 188 
LEU CD1  C  N N 189 
LEU CD2  C  N N 190 
LEU OXT  O  N N 191 
LEU H    H  N N 192 
LEU H2   H  N N 193 
LEU HA   H  N N 194 
LEU HB2  H  N N 195 
LEU HB3  H  N N 196 
LEU HG   H  N N 197 
LEU HD11 H  N N 198 
LEU HD12 H  N N 199 
LEU HD13 H  N N 200 
LEU HD21 H  N N 201 
LEU HD22 H  N N 202 
LEU HD23 H  N N 203 
LEU HXT  H  N N 204 
LYS N    N  N N 205 
LYS CA   C  N S 206 
LYS C    C  N N 207 
LYS O    O  N N 208 
LYS CB   C  N N 209 
LYS CG   C  N N 210 
LYS CD   C  N N 211 
LYS CE   C  N N 212 
LYS NZ   N  N N 213 
LYS OXT  O  N N 214 
LYS H    H  N N 215 
LYS H2   H  N N 216 
LYS HA   H  N N 217 
LYS HB2  H  N N 218 
LYS HB3  H  N N 219 
LYS HG2  H  N N 220 
LYS HG3  H  N N 221 
LYS HD2  H  N N 222 
LYS HD3  H  N N 223 
LYS HE2  H  N N 224 
LYS HE3  H  N N 225 
LYS HZ1  H  N N 226 
LYS HZ2  H  N N 227 
LYS HZ3  H  N N 228 
LYS HXT  H  N N 229 
MET N    N  N N 230 
MET CA   C  N S 231 
MET C    C  N N 232 
MET O    O  N N 233 
MET CB   C  N N 234 
MET CG   C  N N 235 
MET SD   S  N N 236 
MET CE   C  N N 237 
MET OXT  O  N N 238 
MET H    H  N N 239 
MET H2   H  N N 240 
MET HA   H  N N 241 
MET HB2  H  N N 242 
MET HB3  H  N N 243 
MET HG2  H  N N 244 
MET HG3  H  N N 245 
MET HE1  H  N N 246 
MET HE2  H  N N 247 
MET HE3  H  N N 248 
MET HXT  H  N N 249 
PHE N    N  N N 250 
PHE CA   C  N S 251 
PHE C    C  N N 252 
PHE O    O  N N 253 
PHE CB   C  N N 254 
PHE CG   C  Y N 255 
PHE CD1  C  Y N 256 
PHE CD2  C  Y N 257 
PHE CE1  C  Y N 258 
PHE CE2  C  Y N 259 
PHE CZ   C  Y N 260 
PHE OXT  O  N N 261 
PHE H    H  N N 262 
PHE H2   H  N N 263 
PHE HA   H  N N 264 
PHE HB2  H  N N 265 
PHE HB3  H  N N 266 
PHE HD1  H  N N 267 
PHE HD2  H  N N 268 
PHE HE1  H  N N 269 
PHE HE2  H  N N 270 
PHE HZ   H  N N 271 
PHE HXT  H  N N 272 
PRO N    N  N N 273 
PRO CA   C  N S 274 
PRO C    C  N N 275 
PRO O    O  N N 276 
PRO CB   C  N N 277 
PRO CG   C  N N 278 
PRO CD   C  N N 279 
PRO OXT  O  N N 280 
PRO H    H  N N 281 
PRO HA   H  N N 282 
PRO HB2  H  N N 283 
PRO HB3  H  N N 284 
PRO HG2  H  N N 285 
PRO HG3  H  N N 286 
PRO HD2  H  N N 287 
PRO HD3  H  N N 288 
PRO HXT  H  N N 289 
SER N    N  N N 290 
SER CA   C  N S 291 
SER C    C  N N 292 
SER O    O  N N 293 
SER CB   C  N N 294 
SER OG   O  N N 295 
SER OXT  O  N N 296 
SER H    H  N N 297 
SER H2   H  N N 298 
SER HA   H  N N 299 
SER HB2  H  N N 300 
SER HB3  H  N N 301 
SER HG   H  N N 302 
SER HXT  H  N N 303 
THR N    N  N N 304 
THR CA   C  N S 305 
THR C    C  N N 306 
THR O    O  N N 307 
THR CB   C  N R 308 
THR OG1  O  N N 309 
THR CG2  C  N N 310 
THR OXT  O  N N 311 
THR H    H  N N 312 
THR H2   H  N N 313 
THR HA   H  N N 314 
THR HB   H  N N 315 
THR HG1  H  N N 316 
THR HG21 H  N N 317 
THR HG22 H  N N 318 
THR HG23 H  N N 319 
THR HXT  H  N N 320 
TRP N    N  N N 321 
TRP CA   C  N S 322 
TRP C    C  N N 323 
TRP O    O  N N 324 
TRP CB   C  N N 325 
TRP CG   C  Y N 326 
TRP CD1  C  Y N 327 
TRP CD2  C  Y N 328 
TRP NE1  N  Y N 329 
TRP CE2  C  Y N 330 
TRP CE3  C  Y N 331 
TRP CZ2  C  Y N 332 
TRP CZ3  C  Y N 333 
TRP CH2  C  Y N 334 
TRP OXT  O  N N 335 
TRP H    H  N N 336 
TRP H2   H  N N 337 
TRP HA   H  N N 338 
TRP HB2  H  N N 339 
TRP HB3  H  N N 340 
TRP HD1  H  N N 341 
TRP HE1  H  N N 342 
TRP HE3  H  N N 343 
TRP HZ2  H  N N 344 
TRP HZ3  H  N N 345 
TRP HH2  H  N N 346 
TRP HXT  H  N N 347 
TYR N    N  N N 348 
TYR CA   C  N S 349 
TYR C    C  N N 350 
TYR O    O  N N 351 
TYR CB   C  N N 352 
TYR CG   C  Y N 353 
TYR CD1  C  Y N 354 
TYR CD2  C  Y N 355 
TYR CE1  C  Y N 356 
TYR CE2  C  Y N 357 
TYR CZ   C  Y N 358 
TYR OH   O  N N 359 
TYR OXT  O  N N 360 
TYR H    H  N N 361 
TYR H2   H  N N 362 
TYR HA   H  N N 363 
TYR HB2  H  N N 364 
TYR HB3  H  N N 365 
TYR HD1  H  N N 366 
TYR HD2  H  N N 367 
TYR HE1  H  N N 368 
TYR HE2  H  N N 369 
TYR HH   H  N N 370 
TYR HXT  H  N N 371 
VAL N    N  N N 372 
VAL CA   C  N S 373 
VAL C    C  N N 374 
VAL O    O  N N 375 
VAL CB   C  N N 376 
VAL CG1  C  N N 377 
VAL CG2  C  N N 378 
VAL OXT  O  N N 379 
VAL H    H  N N 380 
VAL H2   H  N N 381 
VAL HA   H  N N 382 
VAL HB   H  N N 383 
VAL HG11 H  N N 384 
VAL HG12 H  N N 385 
VAL HG13 H  N N 386 
VAL HG21 H  N N 387 
VAL HG22 H  N N 388 
VAL HG23 H  N N 389 
VAL HXT  H  N N 390 
ZN  ZN   ZN N N 391 
# 
loop_
_chem_comp_bond.comp_id 
_chem_comp_bond.atom_id_1 
_chem_comp_bond.atom_id_2 
_chem_comp_bond.value_order 
_chem_comp_bond.pdbx_aromatic_flag 
_chem_comp_bond.pdbx_stereo_config 
_chem_comp_bond.pdbx_ordinal 
ALA N   CA   sing N N 1   
ALA N   H    sing N N 2   
ALA N   H2   sing N N 3   
ALA CA  C    sing N N 4   
ALA CA  CB   sing N N 5   
ALA CA  HA   sing N N 6   
ALA C   O    doub N N 7   
ALA C   OXT  sing N N 8   
ALA CB  HB1  sing N N 9   
ALA CB  HB2  sing N N 10  
ALA CB  HB3  sing N N 11  
ALA OXT HXT  sing N N 12  
ARG N   CA   sing N N 13  
ARG N   H    sing N N 14  
ARG N   H2   sing N N 15  
ARG CA  C    sing N N 16  
ARG CA  CB   sing N N 17  
ARG CA  HA   sing N N 18  
ARG C   O    doub N N 19  
ARG C   OXT  sing N N 20  
ARG CB  CG   sing N N 21  
ARG CB  HB2  sing N N 22  
ARG CB  HB3  sing N N 23  
ARG CG  CD   sing N N 24  
ARG CG  HG2  sing N N 25  
ARG CG  HG3  sing N N 26  
ARG CD  NE   sing N N 27  
ARG CD  HD2  sing N N 28  
ARG CD  HD3  sing N N 29  
ARG NE  CZ   sing N N 30  
ARG NE  HE   sing N N 31  
ARG CZ  NH1  sing N N 32  
ARG CZ  NH2  doub N N 33  
ARG NH1 HH11 sing N N 34  
ARG NH1 HH12 sing N N 35  
ARG NH2 HH21 sing N N 36  
ARG NH2 HH22 sing N N 37  
ARG OXT HXT  sing N N 38  
ASN N   CA   sing N N 39  
ASN N   H    sing N N 40  
ASN N   H2   sing N N 41  
ASN CA  C    sing N N 42  
ASN CA  CB   sing N N 43  
ASN CA  HA   sing N N 44  
ASN C   O    doub N N 45  
ASN C   OXT  sing N N 46  
ASN CB  CG   sing N N 47  
ASN CB  HB2  sing N N 48  
ASN CB  HB3  sing N N 49  
ASN CG  OD1  doub N N 50  
ASN CG  ND2  sing N N 51  
ASN ND2 HD21 sing N N 52  
ASN ND2 HD22 sing N N 53  
ASN OXT HXT  sing N N 54  
ASP N   CA   sing N N 55  
ASP N   H    sing N N 56  
ASP N   H2   sing N N 57  
ASP CA  C    sing N N 58  
ASP CA  CB   sing N N 59  
ASP CA  HA   sing N N 60  
ASP C   O    doub N N 61  
ASP C   OXT  sing N N 62  
ASP CB  CG   sing N N 63  
ASP CB  HB2  sing N N 64  
ASP CB  HB3  sing N N 65  
ASP CG  OD1  doub N N 66  
ASP CG  OD2  sing N N 67  
ASP OD2 HD2  sing N N 68  
ASP OXT HXT  sing N N 69  
CYS N   CA   sing N N 70  
CYS N   H    sing N N 71  
CYS N   H2   sing N N 72  
CYS CA  C    sing N N 73  
CYS CA  CB   sing N N 74  
CYS CA  HA   sing N N 75  
CYS C   O    doub N N 76  
CYS C   OXT  sing N N 77  
CYS CB  SG   sing N N 78  
CYS CB  HB2  sing N N 79  
CYS CB  HB3  sing N N 80  
CYS SG  HG   sing N N 81  
CYS OXT HXT  sing N N 82  
GLN N   CA   sing N N 83  
GLN N   H    sing N N 84  
GLN N   H2   sing N N 85  
GLN CA  C    sing N N 86  
GLN CA  CB   sing N N 87  
GLN CA  HA   sing N N 88  
GLN C   O    doub N N 89  
GLN C   OXT  sing N N 90  
GLN CB  CG   sing N N 91  
GLN CB  HB2  sing N N 92  
GLN CB  HB3  sing N N 93  
GLN CG  CD   sing N N 94  
GLN CG  HG2  sing N N 95  
GLN CG  HG3  sing N N 96  
GLN CD  OE1  doub N N 97  
GLN CD  NE2  sing N N 98  
GLN NE2 HE21 sing N N 99  
GLN NE2 HE22 sing N N 100 
GLN OXT HXT  sing N N 101 
GLU N   CA   sing N N 102 
GLU N   H    sing N N 103 
GLU N   H2   sing N N 104 
GLU CA  C    sing N N 105 
GLU CA  CB   sing N N 106 
GLU CA  HA   sing N N 107 
GLU C   O    doub N N 108 
GLU C   OXT  sing N N 109 
GLU CB  CG   sing N N 110 
GLU CB  HB2  sing N N 111 
GLU CB  HB3  sing N N 112 
GLU CG  CD   sing N N 113 
GLU CG  HG2  sing N N 114 
GLU CG  HG3  sing N N 115 
GLU CD  OE1  doub N N 116 
GLU CD  OE2  sing N N 117 
GLU OE2 HE2  sing N N 118 
GLU OXT HXT  sing N N 119 
GLY N   CA   sing N N 120 
GLY N   H    sing N N 121 
GLY N   H2   sing N N 122 
GLY CA  C    sing N N 123 
GLY CA  HA2  sing N N 124 
GLY CA  HA3  sing N N 125 
GLY C   O    doub N N 126 
GLY C   OXT  sing N N 127 
GLY OXT HXT  sing N N 128 
HIS N   CA   sing N N 129 
HIS N   H    sing N N 130 
HIS N   H2   sing N N 131 
HIS CA  C    sing N N 132 
HIS CA  CB   sing N N 133 
HIS CA  HA   sing N N 134 
HIS C   O    doub N N 135 
HIS C   OXT  sing N N 136 
HIS CB  CG   sing N N 137 
HIS CB  HB2  sing N N 138 
HIS CB  HB3  sing N N 139 
HIS CG  ND1  sing Y N 140 
HIS CG  CD2  doub Y N 141 
HIS ND1 CE1  doub Y N 142 
HIS ND1 HD1  sing N N 143 
HIS CD2 NE2  sing Y N 144 
HIS CD2 HD2  sing N N 145 
HIS CE1 NE2  sing Y N 146 
HIS CE1 HE1  sing N N 147 
HIS NE2 HE2  sing N N 148 
HIS OXT HXT  sing N N 149 
HOH O   H1   sing N N 150 
HOH O   H2   sing N N 151 
ILE N   CA   sing N N 152 
ILE N   H    sing N N 153 
ILE N   H2   sing N N 154 
ILE CA  C    sing N N 155 
ILE CA  CB   sing N N 156 
ILE CA  HA   sing N N 157 
ILE C   O    doub N N 158 
ILE C   OXT  sing N N 159 
ILE CB  CG1  sing N N 160 
ILE CB  CG2  sing N N 161 
ILE CB  HB   sing N N 162 
ILE CG1 CD1  sing N N 163 
ILE CG1 HG12 sing N N 164 
ILE CG1 HG13 sing N N 165 
ILE CG2 HG21 sing N N 166 
ILE CG2 HG22 sing N N 167 
ILE CG2 HG23 sing N N 168 
ILE CD1 HD11 sing N N 169 
ILE CD1 HD12 sing N N 170 
ILE CD1 HD13 sing N N 171 
ILE OXT HXT  sing N N 172 
LEU N   CA   sing N N 173 
LEU N   H    sing N N 174 
LEU N   H2   sing N N 175 
LEU CA  C    sing N N 176 
LEU CA  CB   sing N N 177 
LEU CA  HA   sing N N 178 
LEU C   O    doub N N 179 
LEU C   OXT  sing N N 180 
LEU CB  CG   sing N N 181 
LEU CB  HB2  sing N N 182 
LEU CB  HB3  sing N N 183 
LEU CG  CD1  sing N N 184 
LEU CG  CD2  sing N N 185 
LEU CG  HG   sing N N 186 
LEU CD1 HD11 sing N N 187 
LEU CD1 HD12 sing N N 188 
LEU CD1 HD13 sing N N 189 
LEU CD2 HD21 sing N N 190 
LEU CD2 HD22 sing N N 191 
LEU CD2 HD23 sing N N 192 
LEU OXT HXT  sing N N 193 
LYS N   CA   sing N N 194 
LYS N   H    sing N N 195 
LYS N   H2   sing N N 196 
LYS CA  C    sing N N 197 
LYS CA  CB   sing N N 198 
LYS CA  HA   sing N N 199 
LYS C   O    doub N N 200 
LYS C   OXT  sing N N 201 
LYS CB  CG   sing N N 202 
LYS CB  HB2  sing N N 203 
LYS CB  HB3  sing N N 204 
LYS CG  CD   sing N N 205 
LYS CG  HG2  sing N N 206 
LYS CG  HG3  sing N N 207 
LYS CD  CE   sing N N 208 
LYS CD  HD2  sing N N 209 
LYS CD  HD3  sing N N 210 
LYS CE  NZ   sing N N 211 
LYS CE  HE2  sing N N 212 
LYS CE  HE3  sing N N 213 
LYS NZ  HZ1  sing N N 214 
LYS NZ  HZ2  sing N N 215 
LYS NZ  HZ3  sing N N 216 
LYS OXT HXT  sing N N 217 
MET N   CA   sing N N 218 
MET N   H    sing N N 219 
MET N   H2   sing N N 220 
MET CA  C    sing N N 221 
MET CA  CB   sing N N 222 
MET CA  HA   sing N N 223 
MET C   O    doub N N 224 
MET C   OXT  sing N N 225 
MET CB  CG   sing N N 226 
MET CB  HB2  sing N N 227 
MET CB  HB3  sing N N 228 
MET CG  SD   sing N N 229 
MET CG  HG2  sing N N 230 
MET CG  HG3  sing N N 231 
MET SD  CE   sing N N 232 
MET CE  HE1  sing N N 233 
MET CE  HE2  sing N N 234 
MET CE  HE3  sing N N 235 
MET OXT HXT  sing N N 236 
PHE N   CA   sing N N 237 
PHE N   H    sing N N 238 
PHE N   H2   sing N N 239 
PHE CA  C    sing N N 240 
PHE CA  CB   sing N N 241 
PHE CA  HA   sing N N 242 
PHE C   O    doub N N 243 
PHE C   OXT  sing N N 244 
PHE CB  CG   sing N N 245 
PHE CB  HB2  sing N N 246 
PHE CB  HB3  sing N N 247 
PHE CG  CD1  doub Y N 248 
PHE CG  CD2  sing Y N 249 
PHE CD1 CE1  sing Y N 250 
PHE CD1 HD1  sing N N 251 
PHE CD2 CE2  doub Y N 252 
PHE CD2 HD2  sing N N 253 
PHE CE1 CZ   doub Y N 254 
PHE CE1 HE1  sing N N 255 
PHE CE2 CZ   sing Y N 256 
PHE CE2 HE2  sing N N 257 
PHE CZ  HZ   sing N N 258 
PHE OXT HXT  sing N N 259 
PRO N   CA   sing N N 260 
PRO N   CD   sing N N 261 
PRO N   H    sing N N 262 
PRO CA  C    sing N N 263 
PRO CA  CB   sing N N 264 
PRO CA  HA   sing N N 265 
PRO C   O    doub N N 266 
PRO C   OXT  sing N N 267 
PRO CB  CG   sing N N 268 
PRO CB  HB2  sing N N 269 
PRO CB  HB3  sing N N 270 
PRO CG  CD   sing N N 271 
PRO CG  HG2  sing N N 272 
PRO CG  HG3  sing N N 273 
PRO CD  HD2  sing N N 274 
PRO CD  HD3  sing N N 275 
PRO OXT HXT  sing N N 276 
SER N   CA   sing N N 277 
SER N   H    sing N N 278 
SER N   H2   sing N N 279 
SER CA  C    sing N N 280 
SER CA  CB   sing N N 281 
SER CA  HA   sing N N 282 
SER C   O    doub N N 283 
SER C   OXT  sing N N 284 
SER CB  OG   sing N N 285 
SER CB  HB2  sing N N 286 
SER CB  HB3  sing N N 287 
SER OG  HG   sing N N 288 
SER OXT HXT  sing N N 289 
THR N   CA   sing N N 290 
THR N   H    sing N N 291 
THR N   H2   sing N N 292 
THR CA  C    sing N N 293 
THR CA  CB   sing N N 294 
THR CA  HA   sing N N 295 
THR C   O    doub N N 296 
THR C   OXT  sing N N 297 
THR CB  OG1  sing N N 298 
THR CB  CG2  sing N N 299 
THR CB  HB   sing N N 300 
THR OG1 HG1  sing N N 301 
THR CG2 HG21 sing N N 302 
THR CG2 HG22 sing N N 303 
THR CG2 HG23 sing N N 304 
THR OXT HXT  sing N N 305 
TRP N   CA   sing N N 306 
TRP N   H    sing N N 307 
TRP N   H2   sing N N 308 
TRP CA  C    sing N N 309 
TRP CA  CB   sing N N 310 
TRP CA  HA   sing N N 311 
TRP C   O    doub N N 312 
TRP C   OXT  sing N N 313 
TRP CB  CG   sing N N 314 
TRP CB  HB2  sing N N 315 
TRP CB  HB3  sing N N 316 
TRP CG  CD1  doub Y N 317 
TRP CG  CD2  sing Y N 318 
TRP CD1 NE1  sing Y N 319 
TRP CD1 HD1  sing N N 320 
TRP CD2 CE2  doub Y N 321 
TRP CD2 CE3  sing Y N 322 
TRP NE1 CE2  sing Y N 323 
TRP NE1 HE1  sing N N 324 
TRP CE2 CZ2  sing Y N 325 
TRP CE3 CZ3  doub Y N 326 
TRP CE3 HE3  sing N N 327 
TRP CZ2 CH2  doub Y N 328 
TRP CZ2 HZ2  sing N N 329 
TRP CZ3 CH2  sing Y N 330 
TRP CZ3 HZ3  sing N N 331 
TRP CH2 HH2  sing N N 332 
TRP OXT HXT  sing N N 333 
TYR N   CA   sing N N 334 
TYR N   H    sing N N 335 
TYR N   H2   sing N N 336 
TYR CA  C    sing N N 337 
TYR CA  CB   sing N N 338 
TYR CA  HA   sing N N 339 
TYR C   O    doub N N 340 
TYR C   OXT  sing N N 341 
TYR CB  CG   sing N N 342 
TYR CB  HB2  sing N N 343 
TYR CB  HB3  sing N N 344 
TYR CG  CD1  doub Y N 345 
TYR CG  CD2  sing Y N 346 
TYR CD1 CE1  sing Y N 347 
TYR CD1 HD1  sing N N 348 
TYR CD2 CE2  doub Y N 349 
TYR CD2 HD2  sing N N 350 
TYR CE1 CZ   doub Y N 351 
TYR CE1 HE1  sing N N 352 
TYR CE2 CZ   sing Y N 353 
TYR CE2 HE2  sing N N 354 
TYR CZ  OH   sing N N 355 
TYR OH  HH   sing N N 356 
TYR OXT HXT  sing N N 357 
VAL N   CA   sing N N 358 
VAL N   H    sing N N 359 
VAL N   H2   sing N N 360 
VAL CA  C    sing N N 361 
VAL CA  CB   sing N N 362 
VAL CA  HA   sing N N 363 
VAL C   O    doub N N 364 
VAL C   OXT  sing N N 365 
VAL CB  CG1  sing N N 366 
VAL CB  CG2  sing N N 367 
VAL CB  HB   sing N N 368 
VAL CG1 HG11 sing N N 369 
VAL CG1 HG12 sing N N 370 
VAL CG1 HG13 sing N N 371 
VAL CG2 HG21 sing N N 372 
VAL CG2 HG22 sing N N 373 
VAL CG2 HG23 sing N N 374 
VAL OXT HXT  sing N N 375 
# 
_atom_sites.entry_id                    1X0T 
_atom_sites.fract_transf_matrix[1][1]   0.01850448 
_atom_sites.fract_transf_matrix[1][2]   0.01234291 
_atom_sites.fract_transf_matrix[1][3]   -0.00751042 
_atom_sites.fract_transf_matrix[2][1]   -0.00698540 
_atom_sites.fract_transf_matrix[2][2]   0.01554954 
_atom_sites.fract_transf_matrix[2][3]   0.00834377 
_atom_sites.fract_transf_matrix[3][1]   0.00787003 
_atom_sites.fract_transf_matrix[3][2]   -0.00365028 
_atom_sites.fract_transf_matrix[3][3]   0.01339149 
_atom_sites.fract_transf_vector[1]      0.387777 
_atom_sites.fract_transf_vector[2]      0.470609 
_atom_sites.fract_transf_vector[3]      0.012782 
# 
loop_
_atom_type.symbol 
C  
N  
O  
S  
ZN 
# 
loop_
_atom_site.group_PDB 
_atom_site.id 
_atom_site.type_symbol 
_atom_site.label_atom_id 
_atom_site.label_alt_id 
_atom_site.label_comp_id 
_atom_site.label_asym_id 
_atom_site.label_entity_id 
_atom_site.label_seq_id 
_atom_site.pdbx_PDB_ins_code 
_atom_site.Cartn_x 
_atom_site.Cartn_y 
_atom_site.Cartn_z 
_atom_site.occupancy 
_atom_site.B_iso_or_equiv 
_atom_site.pdbx_formal_charge 
_atom_site.auth_seq_id 
_atom_site.auth_comp_id 
_atom_site.auth_asym_id 
_atom_site.auth_atom_id 
_atom_site.pdbx_PDB_model_num 
ATOM   1   N  N   . ILE A 1 4   ? -23.004 25.885  -8.035  1.00 26.61 ? 4   ILE A N   1 
ATOM   2   C  CA  . ILE A 1 4   ? -21.929 25.151  -8.760  1.00 25.74 ? 4   ILE A CA  1 
ATOM   3   C  C   . ILE A 1 4   ? -20.782 24.800  -7.815  1.00 25.95 ? 4   ILE A C   1 
ATOM   4   O  O   . ILE A 1 4   ? -20.046 23.843  -8.048  1.00 25.48 ? 4   ILE A O   1 
ATOM   5   C  CB  . ILE A 1 4   ? -21.380 25.997  -9.930  1.00 25.76 ? 4   ILE A CB  1 
ATOM   6   C  CG1 . ILE A 1 4   ? -20.363 25.179  -10.728 1.00 24.62 ? 4   ILE A CG1 1 
ATOM   7   C  CG2 . ILE A 1 4   ? -20.753 27.283  -9.395  1.00 26.16 ? 4   ILE A CG2 1 
ATOM   8   C  CD1 . ILE A 1 4   ? -19.860 25.878  -11.981 1.00 25.58 ? 4   ILE A CD1 1 
ATOM   9   N  N   . VAL A 1 5   ? -20.633 25.581  -6.749  1.00 26.42 ? 5   VAL A N   1 
ATOM   10  C  CA  . VAL A 1 5   ? -19.578 25.343  -5.773  1.00 27.07 ? 5   VAL A CA  1 
ATOM   11  C  C   . VAL A 1 5   ? -19.824 24.018  -5.064  1.00 27.44 ? 5   VAL A C   1 
ATOM   12  O  O   . VAL A 1 5   ? -18.911 23.205  -4.906  1.00 27.02 ? 5   VAL A O   1 
ATOM   13  C  CB  . VAL A 1 5   ? -19.525 26.472  -4.720  1.00 28.35 ? 5   VAL A CB  1 
ATOM   14  C  CG1 . VAL A 1 5   ? -18.514 26.132  -3.639  1.00 28.11 ? 5   VAL A CG1 1 
ATOM   15  C  CG2 . VAL A 1 5   ? -19.160 27.786  -5.393  1.00 28.75 ? 5   VAL A CG2 1 
ATOM   16  N  N   . LYS A 1 6   ? -21.067 23.806  -4.643  1.00 28.22 ? 6   LYS A N   1 
ATOM   17  C  CA  . LYS A 1 6   ? -21.437 22.577  -3.959  1.00 28.88 ? 6   LYS A CA  1 
ATOM   18  C  C   . LYS A 1 6   ? -21.382 21.382  -4.906  1.00 28.44 ? 6   LYS A C   1 
ATOM   19  O  O   . LYS A 1 6   ? -20.905 20.311  -4.535  1.00 28.02 ? 6   LYS A O   1 
ATOM   20  C  CB  . LYS A 1 6   ? -22.841 22.705  -3.363  1.00 31.37 ? 6   LYS A CB  1 
ATOM   21  C  CG  . LYS A 1 6   ? -22.933 23.678  -2.196  1.00 34.04 ? 6   LYS A CG  1 
ATOM   22  C  CD  . LYS A 1 6   ? -22.086 23.211  -1.018  1.00 37.22 ? 6   LYS A CD  1 
ATOM   23  C  CE  . LYS A 1 6   ? -22.208 24.162  0.166   1.00 38.16 ? 6   LYS A CE  1 
ATOM   24  N  NZ  . LYS A 1 6   ? -21.370 23.735  1.323   1.00 39.76 ? 6   LYS A NZ  1 
ATOM   25  N  N   . ARG A 1 7   ? -21.868 21.564  -6.131  1.00 27.64 ? 7   ARG A N   1 
ATOM   26  C  CA  . ARG A 1 7   ? -21.855 20.470  -7.097  1.00 26.62 ? 7   ARG A CA  1 
ATOM   27  C  C   . ARG A 1 7   ? -20.442 19.987  -7.392  1.00 26.44 ? 7   ARG A C   1 
ATOM   28  O  O   . ARG A 1 7   ? -20.185 18.784  -7.408  1.00 25.07 ? 7   ARG A O   1 
ATOM   29  C  CB  . ARG A 1 7   ? -22.520 20.879  -8.412  1.00 27.75 ? 7   ARG A CB  1 
ATOM   30  C  CG  . ARG A 1 7   ? -22.518 19.747  -9.435  1.00 29.17 ? 7   ARG A CG  1 
ATOM   31  C  CD  . ARG A 1 7   ? -23.208 20.124  -10.732 1.00 31.78 ? 7   ARG A CD  1 
ATOM   32  N  NE  . ARG A 1 7   ? -22.542 21.216  -11.438 1.00 33.28 ? 7   ARG A NE  1 
ATOM   33  C  CZ  . ARG A 1 7   ? -21.299 21.168  -11.908 1.00 32.54 ? 7   ARG A CZ  1 
ATOM   34  N  NH1 . ARG A 1 7   ? -20.563 20.078  -11.750 1.00 32.92 ? 7   ARG A NH1 1 
ATOM   35  N  NH2 . ARG A 1 7   ? -20.795 22.211  -12.553 1.00 30.10 ? 7   ARG A NH2 1 
ATOM   36  N  N   . ARG A 1 8   ? -19.530 20.923  -7.640  1.00 25.00 ? 8   ARG A N   1 
ATOM   37  C  CA  . ARG A 1 8   ? -18.148 20.563  -7.934  1.00 26.53 ? 8   ARG A CA  1 
ATOM   38  C  C   . ARG A 1 8   ? -17.491 19.911  -6.721  1.00 26.89 ? 8   ARG A C   1 
ATOM   39  O  O   . ARG A 1 8   ? -16.659 19.019  -6.867  1.00 27.41 ? 8   ARG A O   1 
ATOM   40  C  CB  . ARG A 1 8   ? -17.354 21.799  -8.376  1.00 27.99 ? 8   ARG A CB  1 
ATOM   41  C  CG  . ARG A 1 8   ? -17.692 22.266  -9.793  1.00 30.97 ? 8   ARG A CG  1 
ATOM   42  C  CD  . ARG A 1 8   ? -16.952 23.547  -10.167 1.00 32.98 ? 8   ARG A CD  1 
ATOM   43  N  NE  . ARG A 1 8   ? -15.499 23.390  -10.137 1.00 36.77 ? 8   ARG A NE  1 
ATOM   44  C  CZ  . ARG A 1 8   ? -14.805 22.658  -11.002 1.00 38.47 ? 8   ARG A CZ  1 
ATOM   45  N  NH1 . ARG A 1 8   ? -15.425 22.007  -11.977 1.00 39.05 ? 8   ARG A NH1 1 
ATOM   46  N  NH2 . ARG A 1 8   ? -13.485 22.576  -10.893 1.00 39.45 ? 8   ARG A NH2 1 
ATOM   47  N  N   . ASP A 1 9   ? -17.878 20.350  -5.525  1.00 26.89 ? 9   ASP A N   1 
ATOM   48  C  CA  . ASP A 1 9   ? -17.324 19.787  -4.301  1.00 28.56 ? 9   ASP A CA  1 
ATOM   49  C  C   . ASP A 1 9   ? -17.788 18.342  -4.137  1.00 27.64 ? 9   ASP A C   1 
ATOM   50  O  O   . ASP A 1 9   ? -16.993 17.468  -3.792  1.00 27.34 ? 9   ASP A O   1 
ATOM   51  C  CB  . ASP A 1 9   ? -17.761 20.615  -3.089  1.00 30.68 ? 9   ASP A CB  1 
ATOM   52  C  CG  . ASP A 1 9   ? -17.157 20.114  -1.790  1.00 34.59 ? 9   ASP A CG  1 
ATOM   53  O  OD1 . ASP A 1 9   ? -15.913 20.024  -1.704  1.00 37.40 ? 9   ASP A OD1 1 
ATOM   54  O  OD2 . ASP A 1 9   ? -17.926 19.814  -0.853  1.00 37.36 ? 9   ASP A OD2 1 
ATOM   55  N  N   . TRP A 1 10  ? -19.071 18.095  -4.387  1.00 27.42 ? 10  TRP A N   1 
ATOM   56  C  CA  . TRP A 1 10  ? -19.611 16.742  -4.272  1.00 27.62 ? 10  TRP A CA  1 
ATOM   57  C  C   . TRP A 1 10  ? -18.940 15.796  -5.261  1.00 27.10 ? 10  TRP A C   1 
ATOM   58  O  O   . TRP A 1 10  ? -18.605 14.662  -4.916  1.00 26.27 ? 10  TRP A O   1 
ATOM   59  C  CB  . TRP A 1 10  ? -21.125 16.726  -4.520  1.00 30.80 ? 10  TRP A CB  1 
ATOM   60  C  CG  . TRP A 1 10  ? -21.949 17.338  -3.425  1.00 35.17 ? 10  TRP A CG  1 
ATOM   61  C  CD1 . TRP A 1 10  ? -21.590 17.503  -2.117  1.00 37.03 ? 10  TRP A CD1 1 
ATOM   62  C  CD2 . TRP A 1 10  ? -23.299 17.810  -3.533  1.00 37.21 ? 10  TRP A CD2 1 
ATOM   63  N  NE1 . TRP A 1 10  ? -22.632 18.048  -1.404  1.00 38.02 ? 10  TRP A NE1 1 
ATOM   64  C  CE2 . TRP A 1 10  ? -23.693 18.245  -2.247  1.00 38.31 ? 10  TRP A CE2 1 
ATOM   65  C  CE3 . TRP A 1 10  ? -24.214 17.904  -4.589  1.00 39.14 ? 10  TRP A CE3 1 
ATOM   66  C  CZ2 . TRP A 1 10  ? -24.966 18.770  -1.990  1.00 39.20 ? 10  TRP A CZ2 1 
ATOM   67  C  CZ3 . TRP A 1 10  ? -25.482 18.426  -4.333  1.00 39.50 ? 10  TRP A CZ3 1 
ATOM   68  C  CH2 . TRP A 1 10  ? -25.843 18.852  -3.042  1.00 39.85 ? 10  TRP A CH2 1 
ATOM   69  N  N   . GLU A 1 11  ? -18.750 16.257  -6.493  1.00 24.73 ? 11  GLU A N   1 
ATOM   70  C  CA  . GLU A 1 11  ? -18.116 15.427  -7.509  1.00 24.23 ? 11  GLU A CA  1 
ATOM   71  C  C   . GLU A 1 11  ? -16.662 15.140  -7.157  1.00 25.59 ? 11  GLU A C   1 
ATOM   72  O  O   . GLU A 1 11  ? -16.169 14.034  -7.369  1.00 26.91 ? 11  GLU A O   1 
ATOM   73  C  CB  . GLU A 1 11  ? -18.204 16.097  -8.887  1.00 24.38 ? 11  GLU A CB  1 
ATOM   74  C  CG  . GLU A 1 11  ? -19.620 16.162  -9.450  1.00 23.44 ? 11  GLU A CG  1 
ATOM   75  C  CD  . GLU A 1 11  ? -19.651 16.504  -10.931 1.00 23.10 ? 11  GLU A CD  1 
ATOM   76  O  OE1 . GLU A 1 11  ? -18.997 15.789  -11.719 1.00 23.79 ? 11  GLU A OE1 1 
ATOM   77  O  OE2 . GLU A 1 11  ? -20.335 17.480  -11.309 1.00 24.32 ? 11  GLU A OE2 1 
ATOM   78  N  N   . LYS A 1 12  ? -15.975 16.139  -6.612  1.00 26.78 ? 12  LYS A N   1 
ATOM   79  C  CA  . LYS A 1 12  ? -14.579 15.969  -6.231  1.00 26.95 ? 12  LYS A CA  1 
ATOM   80  C  C   . LYS A 1 12  ? -14.463 14.944  -5.107  1.00 27.28 ? 12  LYS A C   1 
ATOM   81  O  O   . LYS A 1 12  ? -13.596 14.070  -5.139  1.00 27.24 ? 12  LYS A O   1 
ATOM   82  C  CB  . LYS A 1 12  ? -13.985 17.308  -5.783  1.00 27.93 ? 12  LYS A CB  1 
ATOM   83  C  CG  . LYS A 1 12  ? -12.488 17.262  -5.509  1.00 31.90 ? 12  LYS A CG  1 
ATOM   84  C  CD  . LYS A 1 12  ? -11.926 18.643  -5.184  1.00 33.72 ? 12  LYS A CD  1 
ATOM   85  C  CE  . LYS A 1 12  ? -12.410 19.159  -3.833  1.00 35.09 ? 12  LYS A CE  1 
ATOM   86  N  NZ  . LYS A 1 12  ? -13.876 19.430  -3.795  1.00 38.19 ? 12  LYS A NZ  1 
ATOM   87  N  N   . LYS A 1 13  ? -15.343 15.051  -4.117  1.00 26.68 ? 13  LYS A N   1 
ATOM   88  C  CA  . LYS A 1 13  ? -15.333 14.129  -2.984  1.00 28.07 ? 13  LYS A CA  1 
ATOM   89  C  C   . LYS A 1 13  ? -15.660 12.698  -3.399  1.00 28.18 ? 13  LYS A C   1 
ATOM   90  O  O   . LYS A 1 13  ? -15.037 11.747  -2.924  1.00 27.49 ? 13  LYS A O   1 
ATOM   91  C  CB  . LYS A 1 13  ? -16.328 14.587  -1.915  1.00 30.44 ? 13  LYS A CB  1 
ATOM   92  C  CG  . LYS A 1 13  ? -15.941 15.878  -1.213  1.00 33.55 ? 13  LYS A CG  1 
ATOM   93  C  CD  . LYS A 1 13  ? -16.990 16.280  -0.184  1.00 35.80 ? 13  LYS A CD  1 
ATOM   94  C  CE  . LYS A 1 13  ? -16.584 17.544  0.558   1.00 37.25 ? 13  LYS A CE  1 
ATOM   95  N  NZ  . LYS A 1 13  ? -17.640 17.985  1.510   1.00 38.94 ? 13  LYS A NZ  1 
ATOM   96  N  N   . GLU A 1 14  ? -16.639 12.543  -4.285  1.00 27.34 ? 14  GLU A N   1 
ATOM   97  C  CA  . GLU A 1 14  ? -17.035 11.216  -4.742  1.00 27.63 ? 14  GLU A CA  1 
ATOM   98  C  C   . GLU A 1 14  ? -15.916 10.572  -5.548  1.00 27.59 ? 14  GLU A C   1 
ATOM   99  O  O   . GLU A 1 14  ? -15.680 9.368   -5.444  1.00 27.53 ? 14  GLU A O   1 
ATOM   100 C  CB  . GLU A 1 14  ? -18.305 11.306  -5.590  1.00 28.67 ? 14  GLU A CB  1 
ATOM   101 C  CG  . GLU A 1 14  ? -18.933 9.964   -5.951  1.00 30.69 ? 14  GLU A CG  1 
ATOM   102 C  CD  . GLU A 1 14  ? -19.356 9.157   -4.734  1.00 31.72 ? 14  GLU A CD  1 
ATOM   103 O  OE1 . GLU A 1 14  ? -19.610 9.757   -3.668  1.00 33.31 ? 14  GLU A OE1 1 
ATOM   104 O  OE2 . GLU A 1 14  ? -19.451 7.916   -4.848  1.00 34.10 ? 14  GLU A OE2 1 
ATOM   105 N  N   . LYS A 1 15  ? -15.225 11.373  -6.351  1.00 26.95 ? 15  LYS A N   1 
ATOM   106 C  CA  . LYS A 1 15  ? -14.131 10.858  -7.161  1.00 27.39 ? 15  LYS A CA  1 
ATOM   107 C  C   . LYS A 1 15  ? -13.010 10.329  -6.275  1.00 26.57 ? 15  LYS A C   1 
ATOM   108 O  O   . LYS A 1 15  ? -12.402 9.305   -6.583  1.00 25.34 ? 15  LYS A O   1 
ATOM   109 C  CB  . LYS A 1 15  ? -13.598 11.947  -8.098  1.00 30.53 ? 15  LYS A CB  1 
ATOM   110 C  CG  . LYS A 1 15  ? -14.575 12.331  -9.199  1.00 34.18 ? 15  LYS A CG  1 
ATOM   111 C  CD  . LYS A 1 15  ? -14.010 13.417  -10.100 1.00 36.32 ? 15  LYS A CD  1 
ATOM   112 C  CE  . LYS A 1 15  ? -15.021 13.829  -11.158 1.00 38.19 ? 15  LYS A CE  1 
ATOM   113 N  NZ  . LYS A 1 15  ? -14.496 14.903  -12.041 1.00 38.02 ? 15  LYS A NZ  1 
ATOM   114 N  N   . LYS A 1 16  ? -12.737 11.025  -5.174  1.00 25.88 ? 16  LYS A N   1 
ATOM   115 C  CA  . LYS A 1 16  ? -11.691 10.583  -4.259  1.00 26.55 ? 16  LYS A CA  1 
ATOM   116 C  C   . LYS A 1 16  ? -12.121 9.290   -3.576  1.00 25.75 ? 16  LYS A C   1 
ATOM   117 O  O   . LYS A 1 16  ? -11.311 8.383   -3.387  1.00 25.03 ? 16  LYS A O   1 
ATOM   118 C  CB  . LYS A 1 16  ? -11.395 11.660  -3.210  1.00 27.87 ? 16  LYS A CB  1 
ATOM   119 C  CG  . LYS A 1 16  ? -10.606 12.846  -3.751  1.00 31.12 ? 16  LYS A CG  1 
ATOM   120 C  CD  . LYS A 1 16  ? -10.277 13.841  -2.649  1.00 34.26 ? 16  LYS A CD  1 
ATOM   121 C  CE  . LYS A 1 16  ? -9.465  15.013  -3.178  1.00 35.75 ? 16  LYS A CE  1 
ATOM   122 N  NZ  . LYS A 1 16  ? -8.133  14.590  -3.697  1.00 38.56 ? 16  LYS A NZ  1 
ATOM   123 N  N   . LYS A 1 17  ? -13.397 9.208   -3.211  1.00 25.26 ? 17  LYS A N   1 
ATOM   124 C  CA  . LYS A 1 17  ? -13.920 8.007   -2.568  1.00 24.99 ? 17  LYS A CA  1 
ATOM   125 C  C   . LYS A 1 17  ? -13.792 6.819   -3.513  1.00 24.45 ? 17  LYS A C   1 
ATOM   126 O  O   . LYS A 1 17  ? -13.419 5.722   -3.095  1.00 23.63 ? 17  LYS A O   1 
ATOM   127 C  CB  . LYS A 1 17  ? -15.386 8.205   -2.173  1.00 26.60 ? 17  LYS A CB  1 
ATOM   128 C  CG  . LYS A 1 17  ? -15.577 8.846   -0.809  1.00 30.59 ? 17  LYS A CG  1 
ATOM   129 C  CD  . LYS A 1 17  ? -15.133 7.897   0.298   1.00 34.84 ? 17  LYS A CD  1 
ATOM   130 C  CE  . LYS A 1 17  ? -15.322 8.512   1.677   1.00 37.07 ? 17  LYS A CE  1 
ATOM   131 N  NZ  . LYS A 1 17  ? -14.489 9.734   1.858   1.00 39.65 ? 17  LYS A NZ  1 
ATOM   132 N  N   . ILE A 1 18  ? -14.102 7.048   -4.788  1.00 23.37 ? 18  ILE A N   1 
ATOM   133 C  CA  . ILE A 1 18  ? -14.009 6.004   -5.805  1.00 23.66 ? 18  ILE A CA  1 
ATOM   134 C  C   . ILE A 1 18  ? -12.566 5.536   -5.919  1.00 22.69 ? 18  ILE A C   1 
ATOM   135 O  O   . ILE A 1 18  ? -12.291 4.339   -6.000  1.00 21.32 ? 18  ILE A O   1 
ATOM   136 C  CB  . ILE A 1 18  ? -14.444 6.526   -7.197  1.00 24.90 ? 18  ILE A CB  1 
ATOM   137 C  CG1 . ILE A 1 18  ? -15.856 7.101   -7.126  1.00 28.89 ? 18  ILE A CG1 1 
ATOM   138 C  CG2 . ILE A 1 18  ? -14.352 5.408   -8.229  1.00 24.48 ? 18  ILE A CG2 1 
ATOM   139 C  CD1 . ILE A 1 18  ? -16.838 6.207   -6.464  1.00 30.36 ? 18  ILE A CD1 1 
ATOM   140 N  N   . ALA A 1 19  ? -11.647 6.495   -5.931  1.00 22.25 ? 19  ALA A N   1 
ATOM   141 C  CA  . ALA A 1 19  ? -10.229 6.188   -6.039  1.00 21.65 ? 19  ALA A CA  1 
ATOM   142 C  C   . ALA A 1 19  ? -9.795  5.295   -4.886  1.00 21.54 ? 19  ALA A C   1 
ATOM   143 O  O   . ALA A 1 19  ? -9.086  4.309   -5.088  1.00 20.96 ? 19  ALA A O   1 
ATOM   144 C  CB  . ALA A 1 19  ? -9.415  7.474   -6.042  1.00 21.77 ? 19  ALA A CB  1 
ATOM   145 N  N   . ILE A 1 20  ? -10.220 5.643   -3.677  1.00 21.06 ? 20  ILE A N   1 
ATOM   146 C  CA  . ILE A 1 20  ? -9.863  4.852   -2.509  1.00 21.47 ? 20  ILE A CA  1 
ATOM   147 C  C   . ILE A 1 20  ? -10.474 3.458   -2.615  1.00 21.92 ? 20  ILE A C   1 
ATOM   148 O  O   . ILE A 1 20  ? -9.835  2.466   -2.254  1.00 21.39 ? 20  ILE A O   1 
ATOM   149 C  CB  . ILE A 1 20  ? -10.332 5.535   -1.207  1.00 23.03 ? 20  ILE A CB  1 
ATOM   150 C  CG1 . ILE A 1 20  ? -9.563  6.845   -1.012  1.00 25.09 ? 20  ILE A CG1 1 
ATOM   151 C  CG2 . ILE A 1 20  ? -10.114 4.604   -0.016  1.00 24.25 ? 20  ILE A CG2 1 
ATOM   152 C  CD1 . ILE A 1 20  ? -9.994  7.641   0.207   1.00 25.95 ? 20  ILE A CD1 1 
ATOM   153 N  N   . GLU A 1 21  ? -11.703 3.388   -3.124  1.00 21.23 ? 21  GLU A N   1 
ATOM   154 C  CA  . GLU A 1 21  ? -12.393 2.109   -3.297  1.00 22.09 ? 21  GLU A CA  1 
ATOM   155 C  C   . GLU A 1 21  ? -11.604 1.220   -4.255  1.00 20.59 ? 21  GLU A C   1 
ATOM   156 O  O   . GLU A 1 21  ? -11.423 0.024   -4.010  1.00 19.82 ? 21  GLU A O   1 
ATOM   157 C  CB  . GLU A 1 21  ? -13.801 2.329   -3.868  1.00 23.10 ? 21  GLU A CB  1 
ATOM   158 C  CG  . GLU A 1 21  ? -14.785 3.027   -2.933  1.00 26.62 ? 21  GLU A CG  1 
ATOM   159 C  CD  . GLU A 1 21  ? -15.234 2.146   -1.782  1.00 27.59 ? 21  GLU A CD  1 
ATOM   160 O  OE1 . GLU A 1 21  ? -15.773 1.050   -2.044  1.00 25.95 ? 21  GLU A OE1 1 
ATOM   161 O  OE2 . GLU A 1 21  ? -15.053 2.550   -0.615  1.00 30.01 ? 21  GLU A OE2 1 
ATOM   162 N  N   . ARG A 1 22  ? -11.141 1.814   -5.353  1.00 20.43 ? 22  ARG A N   1 
ATOM   163 C  CA  . ARG A 1 22  ? -10.374 1.087   -6.358  1.00 19.84 ? 22  ARG A CA  1 
ATOM   164 C  C   . ARG A 1 22  ? -9.046  0.603   -5.789  1.00 18.94 ? 22  ARG A C   1 
ATOM   165 O  O   . ARG A 1 22  ? -8.631  -0.529  -6.042  1.00 18.70 ? 22  ARG A O   1 
ATOM   166 C  CB  . ARG A 1 22  ? -10.115 1.975   -7.582  1.00 20.60 ? 22  ARG A CB  1 
ATOM   167 C  CG  . ARG A 1 22  ? -11.366 2.364   -8.364  1.00 25.18 ? 22  ARG A CG  1 
ATOM   168 C  CD  . ARG A 1 22  ? -11.007 3.250   -9.558  1.00 29.06 ? 22  ARG A CD  1 
ATOM   169 N  NE  . ARG A 1 22  ? -10.185 2.538   -10.534 1.00 34.36 ? 22  ARG A NE  1 
ATOM   170 C  CZ  . ARG A 1 22  ? -9.570  3.111   -11.566 1.00 36.94 ? 22  ARG A CZ  1 
ATOM   171 N  NH1 . ARG A 1 22  ? -9.677  4.419   -11.765 1.00 36.40 ? 22  ARG A NH1 1 
ATOM   172 N  NH2 . ARG A 1 22  ? -8.849  2.375   -12.402 1.00 37.15 ? 22  ARG A NH2 1 
ATOM   173 N  N   . ILE A 1 23  ? -8.382  1.463   -5.023  1.00 17.85 ? 23  ILE A N   1 
ATOM   174 C  CA  . ILE A 1 23  ? -7.102  1.110   -4.415  1.00 17.28 ? 23  ILE A CA  1 
ATOM   175 C  C   . ILE A 1 23  ? -7.279  -0.088  -3.484  1.00 16.80 ? 23  ILE A C   1 
ATOM   176 O  O   . ILE A 1 23  ? -6.472  -1.020  -3.494  1.00 15.74 ? 23  ILE A O   1 
ATOM   177 C  CB  . ILE A 1 23  ? -6.518  2.300   -3.620  1.00 17.62 ? 23  ILE A CB  1 
ATOM   178 C  CG1 . ILE A 1 23  ? -6.037  3.379   -4.595  1.00 18.25 ? 23  ILE A CG1 1 
ATOM   179 C  CG2 . ILE A 1 23  ? -5.368  1.833   -2.735  1.00 16.66 ? 23  ILE A CG2 1 
ATOM   180 C  CD1 . ILE A 1 23  ? -5.568  4.652   -3.925  1.00 18.78 ? 23  ILE A CD1 1 
ATOM   181 N  N   . ASP A 1 24  ? -8.337  -0.061  -2.679  1.00 16.42 ? 24  ASP A N   1 
ATOM   182 C  CA  . ASP A 1 24  ? -8.609  -1.157  -1.753  1.00 17.36 ? 24  ASP A CA  1 
ATOM   183 C  C   . ASP A 1 24  ? -8.831  -2.467  -2.510  1.00 18.18 ? 24  ASP A C   1 
ATOM   184 O  O   . ASP A 1 24  ? -8.343  -3.523  -2.104  1.00 18.54 ? 24  ASP A O   1 
ATOM   185 C  CB  . ASP A 1 24  ? -9.845  -0.840  -0.905  1.00 18.67 ? 24  ASP A CB  1 
ATOM   186 C  CG  . ASP A 1 24  ? -10.232 -1.986  0.009   1.00 22.99 ? 24  ASP A CG  1 
ATOM   187 O  OD1 . ASP A 1 24  ? -9.446  -2.315  0.921   1.00 24.25 ? 24  ASP A OD1 1 
ATOM   188 O  OD2 . ASP A 1 24  ? -11.324 -2.561  -0.189  1.00 25.59 ? 24  ASP A OD2 1 
ATOM   189 N  N   . THR A 1 25  ? -9.559  -2.391  -3.617  1.00 17.12 ? 25  THR A N   1 
ATOM   190 C  CA  . THR A 1 25  ? -9.843  -3.571  -4.425  1.00 17.32 ? 25  THR A CA  1 
ATOM   191 C  C   . THR A 1 25  ? -8.576  -4.125  -5.081  1.00 16.40 ? 25  THR A C   1 
ATOM   192 O  O   . THR A 1 25  ? -8.363  -5.339  -5.116  1.00 15.23 ? 25  THR A O   1 
ATOM   193 C  CB  . THR A 1 25  ? -10.880 -3.239  -5.511  1.00 17.98 ? 25  THR A CB  1 
ATOM   194 O  OG1 . THR A 1 25  ? -12.073 -2.758  -4.885  1.00 21.11 ? 25  THR A OG1 1 
ATOM   195 C  CG2 . THR A 1 25  ? -11.211 -4.474  -6.327  1.00 19.74 ? 25  THR A CG2 1 
ATOM   196 N  N   . LEU A 1 26  ? -7.735  -3.238  -5.602  1.00 15.73 ? 26  LEU A N   1 
ATOM   197 C  CA  . LEU A 1 26  ? -6.500  -3.661  -6.247  1.00 15.30 ? 26  LEU A CA  1 
ATOM   198 C  C   . LEU A 1 26  ? -5.558  -4.356  -5.266  1.00 15.55 ? 26  LEU A C   1 
ATOM   199 O  O   . LEU A 1 26  ? -4.900  -5.334  -5.617  1.00 15.40 ? 26  LEU A O   1 
ATOM   200 C  CB  . LEU A 1 26  ? -5.812  -2.457  -6.902  1.00 16.52 ? 26  LEU A CB  1 
ATOM   201 C  CG  . LEU A 1 26  ? -6.512  -1.974  -8.178  1.00 16.01 ? 26  LEU A CG  1 
ATOM   202 C  CD1 . LEU A 1 26  ? -6.069  -0.564  -8.532  1.00 17.96 ? 26  LEU A CD1 1 
ATOM   203 C  CD2 . LEU A 1 26  ? -6.208  -2.943  -9.312  1.00 18.77 ? 26  LEU A CD2 1 
ATOM   204 N  N   . PHE A 1 27  ? -5.495  -3.858  -4.035  1.00 16.12 ? 27  PHE A N   1 
ATOM   205 C  CA  . PHE A 1 27  ? -4.638  -4.475  -3.027  1.00 14.77 ? 27  PHE A CA  1 
ATOM   206 C  C   . PHE A 1 27  ? -5.238  -5.799  -2.580  1.00 15.50 ? 27  PHE A C   1 
ATOM   207 O  O   . PHE A 1 27  ? -4.516  -6.736  -2.253  1.00 14.91 ? 27  PHE A O   1 
ATOM   208 C  CB  . PHE A 1 27  ? -4.461  -3.547  -1.827  1.00 14.32 ? 27  PHE A CB  1 
ATOM   209 C  CG  . PHE A 1 27  ? -3.274  -2.636  -1.941  1.00 14.53 ? 27  PHE A CG  1 
ATOM   210 C  CD1 . PHE A 1 27  ? -1.987  -3.116  -1.706  1.00 15.99 ? 27  PHE A CD1 1 
ATOM   211 C  CD2 . PHE A 1 27  ? -3.436  -1.302  -2.293  1.00 15.04 ? 27  PHE A CD2 1 
ATOM   212 C  CE1 . PHE A 1 27  ? -0.877  -2.272  -1.818  1.00 16.45 ? 27  PHE A CE1 1 
ATOM   213 C  CE2 . PHE A 1 27  ? -2.336  -0.453  -2.408  1.00 17.64 ? 27  PHE A CE2 1 
ATOM   214 C  CZ  . PHE A 1 27  ? -1.055  -0.939  -2.171  1.00 17.86 ? 27  PHE A CZ  1 
ATOM   215 N  N   . THR A 1 28  ? -6.564  -5.875  -2.557  1.00 15.75 ? 28  THR A N   1 
ATOM   216 C  CA  . THR A 1 28  ? -7.221  -7.116  -2.171  1.00 15.68 ? 28  THR A CA  1 
ATOM   217 C  C   . THR A 1 28  ? -6.850  -8.181  -3.201  1.00 15.97 ? 28  THR A C   1 
ATOM   218 O  O   . THR A 1 28  ? -6.530  -9.316  -2.848  1.00 16.79 ? 28  THR A O   1 
ATOM   219 C  CB  . THR A 1 28  ? -8.752  -6.949  -2.126  1.00 15.99 ? 28  THR A CB  1 
ATOM   220 O  OG1 . THR A 1 28  ? -9.095  -6.073  -1.048  1.00 18.25 ? 28  THR A OG1 1 
ATOM   221 C  CG2 . THR A 1 28  ? -9.439  -8.293  -1.911  1.00 16.33 ? 28  THR A CG2 1 
ATOM   222 N  N   . LEU A 1 29  ? -6.889  -7.809  -4.477  1.00 14.60 ? 29  LEU A N   1 
ATOM   223 C  CA  . LEU A 1 29  ? -6.536  -8.735  -5.541  1.00 15.03 ? 29  LEU A CA  1 
ATOM   224 C  C   . LEU A 1 29  ? -5.051  -9.076  -5.456  1.00 15.22 ? 29  LEU A C   1 
ATOM   225 O  O   . LEU A 1 29  ? -4.663  -10.226 -5.634  1.00 14.03 ? 29  LEU A O   1 
ATOM   226 C  CB  . LEU A 1 29  ? -6.868  -8.127  -6.912  1.00 17.68 ? 29  LEU A CB  1 
ATOM   227 C  CG  . LEU A 1 29  ? -8.359  -8.103  -7.269  1.00 18.09 ? 29  LEU A CG  1 
ATOM   228 C  CD1 . LEU A 1 29  ? -8.591  -7.250  -8.504  1.00 19.87 ? 29  LEU A CD1 1 
ATOM   229 C  CD2 . LEU A 1 29  ? -8.849  -9.526  -7.511  1.00 21.50 ? 29  LEU A CD2 1 
ATOM   230 N  N   . ALA A 1 30  ? -4.220  -8.077  -5.174  1.00 14.54 ? 30  ALA A N   1 
ATOM   231 C  CA  . ALA A 1 30  ? -2.784  -8.309  -5.057  1.00 14.17 ? 30  ALA A CA  1 
ATOM   232 C  C   . ALA A 1 30  ? -2.503  -9.371  -3.996  1.00 15.66 ? 30  ALA A C   1 
ATOM   233 O  O   . ALA A 1 30  ? -1.720  -10.291 -4.220  1.00 15.20 ? 30  ALA A O   1 
ATOM   234 C  CB  . ALA A 1 30  ? -2.063  -7.010  -4.693  1.00 13.22 ? 30  ALA A CB  1 
ATOM   235 N  N   . GLU A 1 31  ? -3.150  -9.243  -2.843  1.00 14.86 ? 31  GLU A N   1 
ATOM   236 C  CA  . GLU A 1 31  ? -2.938  -10.197 -1.759  1.00 15.93 ? 31  GLU A CA  1 
ATOM   237 C  C   . GLU A 1 31  ? -3.356  -11.608 -2.154  1.00 17.09 ? 31  GLU A C   1 
ATOM   238 O  O   . GLU A 1 31  ? -2.677  -12.579 -1.822  1.00 17.22 ? 31  GLU A O   1 
ATOM   239 C  CB  . GLU A 1 31  ? -3.706  -9.756  -0.512  1.00 19.08 ? 31  GLU A CB  1 
ATOM   240 C  CG  . GLU A 1 31  ? -3.504  -10.673 0.680   1.00 20.92 ? 31  GLU A CG  1 
ATOM   241 C  CD  . GLU A 1 31  ? -4.208  -10.178 1.921   1.00 28.01 ? 31  GLU A CD  1 
ATOM   242 O  OE1 . GLU A 1 31  ? -5.380  -9.758  1.812   1.00 29.36 ? 31  GLU A OE1 1 
ATOM   243 O  OE2 . GLU A 1 31  ? -3.593  -10.216 3.008   1.00 31.25 ? 31  GLU A OE2 1 
ATOM   244 N  N   . ARG A 1 32  ? -4.470  -11.720 -2.869  1.00 15.40 ? 32  ARG A N   1 
ATOM   245 C  CA  . ARG A 1 32  ? -4.968  -13.022 -3.294  1.00 14.36 ? 32  ARG A CA  1 
ATOM   246 C  C   . ARG A 1 32  ? -4.070  -13.725 -4.305  1.00 16.05 ? 32  ARG A C   1 
ATOM   247 O  O   . ARG A 1 32  ? -3.948  -14.949 -4.283  1.00 16.21 ? 32  ARG A O   1 
ATOM   248 C  CB  . ARG A 1 32  ? -6.383  -12.885 -3.879  1.00 16.20 ? 32  ARG A CB  1 
ATOM   249 C  CG  . ARG A 1 32  ? -7.439  -12.538 -2.841  1.00 16.12 ? 32  ARG A CG  1 
ATOM   250 C  CD  . ARG A 1 32  ? -8.807  -12.306 -3.470  1.00 16.28 ? 32  ARG A CD  1 
ATOM   251 N  NE  . ARG A 1 32  ? -9.820  -12.074 -2.444  1.00 17.97 ? 32  ARG A NE  1 
ATOM   252 C  CZ  . ARG A 1 32  ? -11.042 -11.608 -2.686  1.00 17.48 ? 32  ARG A CZ  1 
ATOM   253 N  NH1 . ARG A 1 32  ? -11.414 -11.319 -3.923  1.00 17.70 ? 32  ARG A NH1 1 
ATOM   254 N  NH2 . ARG A 1 32  ? -11.889 -11.424 -1.683  1.00 20.80 ? 32  ARG A NH2 1 
ATOM   255 N  N   . VAL A 1 33  ? -3.422  -12.958 -5.179  1.00 15.66 ? 33  VAL A N   1 
ATOM   256 C  CA  . VAL A 1 33  ? -2.571  -13.564 -6.202  1.00 15.85 ? 33  VAL A CA  1 
ATOM   257 C  C   . VAL A 1 33  ? -1.075  -13.534 -5.910  1.00 16.17 ? 33  VAL A C   1 
ATOM   258 O  O   . VAL A 1 33  ? -0.307  -14.189 -6.602  1.00 15.68 ? 33  VAL A O   1 
ATOM   259 C  CB  . VAL A 1 33  ? -2.776  -12.890 -7.585  1.00 16.40 ? 33  VAL A CB  1 
ATOM   260 C  CG1 . VAL A 1 33  ? -4.253  -12.829 -7.923  1.00 16.41 ? 33  VAL A CG1 1 
ATOM   261 C  CG2 . VAL A 1 33  ? -2.166  -11.486 -7.590  1.00 14.89 ? 33  VAL A CG2 1 
ATOM   262 N  N   . ALA A 1 34  ? -0.671  -12.796 -4.882  1.00 16.02 ? 34  ALA A N   1 
ATOM   263 C  CA  . ALA A 1 34  ? 0.745   -12.638 -4.546  1.00 16.22 ? 34  ALA A CA  1 
ATOM   264 C  C   . ALA A 1 34  ? 1.606   -13.888 -4.384  1.00 17.08 ? 34  ALA A C   1 
ATOM   265 O  O   . ALA A 1 34  ? 2.706   -13.954 -4.928  1.00 17.29 ? 34  ALA A O   1 
ATOM   266 C  CB  . ALA A 1 34  ? 0.878   -11.768 -3.296  1.00 16.53 ? 34  ALA A CB  1 
ATOM   267 N  N   . ARG A 1 35  ? 1.128   -14.870 -3.634  1.00 16.17 ? 35  ARG A N   1 
ATOM   268 C  CA  . ARG A 1 35  ? 1.923   -16.068 -3.402  1.00 17.64 ? 35  ARG A CA  1 
ATOM   269 C  C   . ARG A 1 35  ? 2.193   -16.892 -4.655  1.00 19.56 ? 35  ARG A C   1 
ATOM   270 O  O   . ARG A 1 35  ? 3.288   -17.433 -4.825  1.00 20.96 ? 35  ARG A O   1 
ATOM   271 C  CB  . ARG A 1 35  ? 1.255   -16.927 -2.326  1.00 17.85 ? 35  ARG A CB  1 
ATOM   272 C  CG  . ARG A 1 35  ? 1.242   -16.263 -0.947  1.00 17.60 ? 35  ARG A CG  1 
ATOM   273 C  CD  . ARG A 1 35  ? 0.412   -17.051 0.048   1.00 19.24 ? 35  ARG A CD  1 
ATOM   274 N  NE  . ARG A 1 35  ? 0.394   -16.435 1.374   1.00 20.45 ? 35  ARG A NE  1 
ATOM   275 C  CZ  . ARG A 1 35  ? -0.274  -15.329 1.689   1.00 21.12 ? 35  ARG A CZ  1 
ATOM   276 N  NH1 . ARG A 1 35  ? -0.996  -14.693 0.773   1.00 22.60 ? 35  ARG A NH1 1 
ATOM   277 N  NH2 . ARG A 1 35  ? -0.224  -14.857 2.929   1.00 21.68 ? 35  ARG A NH2 1 
ATOM   278 N  N   . TYR A 1 36  ? 1.205   -16.963 -5.539  1.00 19.77 ? 36  TYR A N   1 
ATOM   279 C  CA  . TYR A 1 36  ? 1.314   -17.740 -6.770  1.00 21.23 ? 36  TYR A CA  1 
ATOM   280 C  C   . TYR A 1 36  ? 1.823   -16.922 -7.956  1.00 20.90 ? 36  TYR A C   1 
ATOM   281 O  O   . TYR A 1 36  ? 2.588   -17.423 -8.787  1.00 21.02 ? 36  TYR A O   1 
ATOM   282 C  CB  . TYR A 1 36  ? -0.059  -18.320 -7.123  1.00 24.37 ? 36  TYR A CB  1 
ATOM   283 C  CG  . TYR A 1 36  ? -0.051  -19.347 -8.232  1.00 28.99 ? 36  TYR A CG  1 
ATOM   284 C  CD1 . TYR A 1 36  ? 0.288   -20.675 -7.973  1.00 31.75 ? 36  TYR A CD1 1 
ATOM   285 C  CD2 . TYR A 1 36  ? -0.397  -18.997 -9.537  1.00 30.78 ? 36  TYR A CD2 1 
ATOM   286 C  CE1 . TYR A 1 36  ? 0.277   -21.632 -8.985  1.00 33.24 ? 36  TYR A CE1 1 
ATOM   287 C  CE2 . TYR A 1 36  ? -0.409  -19.946 -10.558 1.00 33.04 ? 36  TYR A CE2 1 
ATOM   288 C  CZ  . TYR A 1 36  ? -0.071  -21.261 -10.273 1.00 33.90 ? 36  TYR A CZ  1 
ATOM   289 O  OH  . TYR A 1 36  ? -0.081  -22.205 -11.274 1.00 36.05 ? 36  TYR A OH  1 
ATOM   290 N  N   . SER A 1 37  ? 1.395   -15.665 -8.034  1.00 19.14 ? 37  SER A N   1 
ATOM   291 C  CA  . SER A 1 37  ? 1.775   -14.793 -9.141  1.00 20.01 ? 37  SER A CA  1 
ATOM   292 C  C   . SER A 1 37  ? 2.262   -13.437 -8.637  1.00 18.92 ? 37  SER A C   1 
ATOM   293 O  O   . SER A 1 37  ? 1.569   -12.425 -8.783  1.00 18.03 ? 37  SER A O   1 
ATOM   294 C  CB  . SER A 1 37  ? 0.572   -14.588 -10.069 1.00 21.98 ? 37  SER A CB  1 
ATOM   295 O  OG  . SER A 1 37  ? 0.012   -15.830 -10.475 1.00 23.99 ? 37  SER A OG  1 
ATOM   296 N  N   . PRO A 1 38  ? 3.472   -13.394 -8.055  1.00 19.04 ? 38  PRO A N   1 
ATOM   297 C  CA  . PRO A 1 38  ? 4.032   -12.141 -7.534  1.00 19.13 ? 38  PRO A CA  1 
ATOM   298 C  C   . PRO A 1 38  ? 4.159   -11.018 -8.556  1.00 19.48 ? 38  PRO A C   1 
ATOM   299 O  O   . PRO A 1 38  ? 4.018   -9.848  -8.206  1.00 17.38 ? 38  PRO A O   1 
ATOM   300 C  CB  . PRO A 1 38  ? 5.383   -12.571 -6.961  1.00 19.42 ? 38  PRO A CB  1 
ATOM   301 C  CG  . PRO A 1 38  ? 5.741   -13.772 -7.799  1.00 19.81 ? 38  PRO A CG  1 
ATOM   302 C  CD  . PRO A 1 38  ? 4.431   -14.501 -7.896  1.00 19.97 ? 38  PRO A CD  1 
ATOM   303 N  N   . ASP A 1 39  ? 4.427   -11.355 -9.814  1.00 18.97 ? 39  ASP A N   1 
ATOM   304 C  CA  . ASP A 1 39  ? 4.541   -10.315 -10.828 1.00 19.71 ? 39  ASP A CA  1 
ATOM   305 C  C   . ASP A 1 39  ? 3.188   -9.643  -11.037 1.00 18.22 ? 39  ASP A C   1 
ATOM   306 O  O   . ASP A 1 39  ? 3.113   -8.429  -11.231 1.00 18.23 ? 39  ASP A O   1 
ATOM   307 C  CB  . ASP A 1 39  ? 5.046   -10.890 -12.155 1.00 22.90 ? 39  ASP A CB  1 
ATOM   308 C  CG  . ASP A 1 39  ? 6.484   -11.360 -12.074 1.00 27.74 ? 39  ASP A CG  1 
ATOM   309 O  OD1 . ASP A 1 39  ? 7.303   -10.656 -11.445 1.00 28.76 ? 39  ASP A OD1 1 
ATOM   310 O  OD2 . ASP A 1 39  ? 6.799   -12.425 -12.649 1.00 32.23 ? 39  ASP A OD2 1 
ATOM   311 N  N   . LEU A 1 40  ? 2.118   -10.434 -10.999 1.00 17.81 ? 40  LEU A N   1 
ATOM   312 C  CA  . LEU A 1 40  ? 0.779   -9.885  -11.168 1.00 17.25 ? 40  LEU A CA  1 
ATOM   313 C  C   . LEU A 1 40  ? 0.433   -9.016  -9.959  1.00 17.02 ? 40  LEU A C   1 
ATOM   314 O  O   . LEU A 1 40  ? -0.175  -7.956  -10.104 1.00 17.42 ? 40  LEU A O   1 
ATOM   315 C  CB  . LEU A 1 40  ? -0.250  -11.010 -11.316 1.00 17.60 ? 40  LEU A CB  1 
ATOM   316 C  CG  . LEU A 1 40  ? -1.711  -10.582 -11.465 1.00 18.94 ? 40  LEU A CG  1 
ATOM   317 C  CD1 . LEU A 1 40  ? -1.890  -9.750  -12.730 1.00 18.89 ? 40  LEU A CD1 1 
ATOM   318 C  CD2 . LEU A 1 40  ? -2.594  -11.820 -11.513 1.00 18.79 ? 40  LEU A CD2 1 
ATOM   319 N  N   . ALA A 1 41  ? 0.821   -9.459  -8.765  1.00 16.80 ? 41  ALA A N   1 
ATOM   320 C  CA  . ALA A 1 41  ? 0.537   -8.679  -7.562  1.00 15.57 ? 41  ALA A CA  1 
ATOM   321 C  C   . ALA A 1 41  ? 1.252   -7.335  -7.648  1.00 16.59 ? 41  ALA A C   1 
ATOM   322 O  O   . ALA A 1 41  ? 0.696   -6.306  -7.268  1.00 15.58 ? 41  ALA A O   1 
ATOM   323 C  CB  . ALA A 1 41  ? 0.988   -9.435  -6.318  1.00 14.86 ? 41  ALA A CB  1 
ATOM   324 N  N   . LYS A 1 42  ? 2.479   -7.349  -8.157  1.00 15.92 ? 42  LYS A N   1 
ATOM   325 C  CA  . LYS A 1 42  ? 3.246   -6.114  -8.301  1.00 17.16 ? 42  LYS A CA  1 
ATOM   326 C  C   . LYS A 1 42  ? 2.515   -5.183  -9.275  1.00 17.22 ? 42  LYS A C   1 
ATOM   327 O  O   . LYS A 1 42  ? 2.461   -3.969  -9.069  1.00 16.26 ? 42  LYS A O   1 
ATOM   328 C  CB  . LYS A 1 42  ? 4.663   -6.427  -8.804  1.00 17.40 ? 42  LYS A CB  1 
ATOM   329 C  CG  . LYS A 1 42  ? 5.580   -5.215  -8.884  1.00 18.52 ? 42  LYS A CG  1 
ATOM   330 C  CD  . LYS A 1 42  ? 7.013   -5.608  -9.258  1.00 20.86 ? 42  LYS A CD  1 
ATOM   331 C  CE  . LYS A 1 42  ? 7.713   -6.363  -8.128  1.00 22.32 ? 42  LYS A CE  1 
ATOM   332 N  NZ  . LYS A 1 42  ? 9.079   -6.844  -8.521  1.00 23.80 ? 42  LYS A NZ  1 
ATOM   333 N  N   . ARG A 1 43  ? 1.947   -5.751  -10.334 1.00 18.39 ? 43  ARG A N   1 
ATOM   334 C  CA  . ARG A 1 43  ? 1.204   -4.951  -11.299 1.00 19.22 ? 43  ARG A CA  1 
ATOM   335 C  C   . ARG A 1 43  ? 0.005   -4.291  -10.619 1.00 18.81 ? 43  ARG A C   1 
ATOM   336 O  O   . ARG A 1 43  ? -0.259  -3.106  -10.828 1.00 17.91 ? 43  ARG A O   1 
ATOM   337 C  CB  . ARG A 1 43  ? 0.726   -5.825  -12.463 1.00 22.73 ? 43  ARG A CB  1 
ATOM   338 C  CG  . ARG A 1 43  ? -0.137  -5.082  -13.477 1.00 30.15 ? 43  ARG A CG  1 
ATOM   339 C  CD  . ARG A 1 43  ? -0.506  -5.981  -14.649 1.00 36.24 ? 43  ARG A CD  1 
ATOM   340 N  NE  . ARG A 1 43  ? -1.389  -5.313  -15.601 1.00 42.69 ? 43  ARG A NE  1 
ATOM   341 C  CZ  . ARG A 1 43  ? -2.624  -4.909  -15.320 1.00 45.49 ? 43  ARG A CZ  1 
ATOM   342 N  NH1 . ARG A 1 43  ? -3.130  -5.103  -14.110 1.00 48.26 ? 43  ARG A NH1 1 
ATOM   343 N  NH2 . ARG A 1 43  ? -3.355  -4.309  -16.251 1.00 46.88 ? 43  ARG A NH2 1 
ATOM   344 N  N   . TYR A 1 44  ? -0.723  -5.047  -9.799  1.00 17.44 ? 44  TYR A N   1 
ATOM   345 C  CA  . TYR A 1 44  ? -1.879  -4.479  -9.115  1.00 17.68 ? 44  TYR A CA  1 
ATOM   346 C  C   . TYR A 1 44  ? -1.469  -3.376  -8.152  1.00 17.22 ? 44  TYR A C   1 
ATOM   347 O  O   . TYR A 1 44  ? -2.162  -2.372  -8.021  1.00 18.06 ? 44  TYR A O   1 
ATOM   348 C  CB  . TYR A 1 44  ? -2.664  -5.563  -8.364  1.00 17.82 ? 44  TYR A CB  1 
ATOM   349 C  CG  . TYR A 1 44  ? -3.473  -6.457  -9.277  1.00 20.14 ? 44  TYR A CG  1 
ATOM   350 C  CD1 . TYR A 1 44  ? -4.168  -5.926  -10.364 1.00 22.21 ? 44  TYR A CD1 1 
ATOM   351 C  CD2 . TYR A 1 44  ? -3.574  -7.824  -9.037  1.00 19.88 ? 44  TYR A CD2 1 
ATOM   352 C  CE1 . TYR A 1 44  ? -4.945  -6.738  -11.188 1.00 23.01 ? 44  TYR A CE1 1 
ATOM   353 C  CE2 . TYR A 1 44  ? -4.348  -8.644  -9.851  1.00 21.13 ? 44  TYR A CE2 1 
ATOM   354 C  CZ  . TYR A 1 44  ? -5.029  -8.095  -10.924 1.00 22.54 ? 44  TYR A CZ  1 
ATOM   355 O  OH  . TYR A 1 44  ? -5.795  -8.898  -11.738 1.00 25.00 ? 44  TYR A OH  1 
ATOM   356 N  N   . VAL A 1 45  ? -0.338  -3.561  -7.480  1.00 15.87 ? 45  VAL A N   1 
ATOM   357 C  CA  . VAL A 1 45  ? 0.149   -2.549  -6.553  1.00 15.80 ? 45  VAL A CA  1 
ATOM   358 C  C   . VAL A 1 45  ? 0.446   -1.268  -7.330  1.00 15.64 ? 45  VAL A C   1 
ATOM   359 O  O   . VAL A 1 45  ? 0.083   -0.169  -6.907  1.00 15.85 ? 45  VAL A O   1 
ATOM   360 C  CB  . VAL A 1 45  ? 1.440   -3.013  -5.833  1.00 15.54 ? 45  VAL A CB  1 
ATOM   361 C  CG1 . VAL A 1 45  ? 2.060   -1.846  -5.075  1.00 17.04 ? 45  VAL A CG1 1 
ATOM   362 C  CG2 . VAL A 1 45  ? 1.120   -4.139  -4.858  1.00 16.94 ? 45  VAL A CG2 1 
ATOM   363 N  N   . GLU A 1 46  ? 1.093   -1.409  -8.481  1.00 16.50 ? 46  GLU A N   1 
ATOM   364 C  CA  . GLU A 1 46  ? 1.419   -0.232  -9.275  1.00 18.55 ? 46  GLU A CA  1 
ATOM   365 C  C   . GLU A 1 46  ? 0.176   0.469   -9.814  1.00 19.30 ? 46  GLU A C   1 
ATOM   366 O  O   . GLU A 1 46  ? 0.151   1.696   -9.908  1.00 19.21 ? 46  GLU A O   1 
ATOM   367 C  CB  . GLU A 1 46  ? 2.366   -0.600  -10.416 1.00 18.51 ? 46  GLU A CB  1 
ATOM   368 C  CG  . GLU A 1 46  ? 3.700   -1.142  -9.925  1.00 21.91 ? 46  GLU A CG  1 
ATOM   369 C  CD  . GLU A 1 46  ? 4.857   -0.773  -10.831 1.00 26.13 ? 46  GLU A CD  1 
ATOM   370 O  OE1 . GLU A 1 46  ? 4.736   -0.952  -12.062 1.00 28.10 ? 46  GLU A OE1 1 
ATOM   371 O  OE2 . GLU A 1 46  ? 5.893   -0.306  -10.310 1.00 26.09 ? 46  GLU A OE2 1 
ATOM   372 N  N   . LEU A 1 47  ? -0.856  -0.292  -10.169 1.00 18.95 ? 47  LEU A N   1 
ATOM   373 C  CA  . LEU A 1 47  ? -2.083  0.335   -10.656 1.00 19.47 ? 47  LEU A CA  1 
ATOM   374 C  C   . LEU A 1 47  ? -2.697  1.140   -9.512  1.00 19.21 ? 47  LEU A C   1 
ATOM   375 O  O   . LEU A 1 47  ? -3.238  2.227   -9.722  1.00 19.53 ? 47  LEU A O   1 
ATOM   376 C  CB  . LEU A 1 47  ? -3.079  -0.718  -11.151 1.00 21.36 ? 47  LEU A CB  1 
ATOM   377 C  CG  . LEU A 1 47  ? -2.722  -1.447  -12.447 1.00 23.45 ? 47  LEU A CG  1 
ATOM   378 C  CD1 . LEU A 1 47  ? -3.767  -2.512  -12.727 1.00 23.30 ? 47  LEU A CD1 1 
ATOM   379 C  CD2 . LEU A 1 47  ? -2.658  -0.457  -13.605 1.00 24.79 ? 47  LEU A CD2 1 
ATOM   380 N  N   . ALA A 1 48  ? -2.598  0.610   -8.296  1.00 17.74 ? 48  ALA A N   1 
ATOM   381 C  CA  . ALA A 1 48  ? -3.133  1.298   -7.131  1.00 17.62 ? 48  ALA A CA  1 
ATOM   382 C  C   . ALA A 1 48  ? -2.344  2.582   -6.886  1.00 18.93 ? 48  ALA A C   1 
ATOM   383 O  O   . ALA A 1 48  ? -2.917  3.609   -6.522  1.00 19.41 ? 48  ALA A O   1 
ATOM   384 C  CB  . ALA A 1 48  ? -3.064  0.393   -5.905  1.00 17.37 ? 48  ALA A CB  1 
ATOM   385 N  N   . LEU A 1 49  ? -1.031  2.522   -7.090  1.00 18.82 ? 49  LEU A N   1 
ATOM   386 C  CA  . LEU A 1 49  ? -0.185  3.692   -6.891  1.00 19.54 ? 49  LEU A CA  1 
ATOM   387 C  C   . LEU A 1 49  ? -0.469  4.756   -7.951  1.00 21.45 ? 49  LEU A C   1 
ATOM   388 O  O   . LEU A 1 49  ? -0.323  5.949   -7.689  1.00 22.01 ? 49  LEU A O   1 
ATOM   389 C  CB  . LEU A 1 49  ? 1.295   3.297   -6.916  1.00 20.36 ? 49  LEU A CB  1 
ATOM   390 C  CG  . LEU A 1 49  ? 1.767   2.421   -5.750  1.00 20.71 ? 49  LEU A CG  1 
ATOM   391 C  CD1 . LEU A 1 49  ? 3.224   2.055   -5.958  1.00 20.34 ? 49  LEU A CD1 1 
ATOM   392 C  CD2 . LEU A 1 49  ? 1.585   3.151   -4.420  1.00 20.48 ? 49  LEU A CD2 1 
ATOM   393 N  N   . GLU A 1 50  ? -0.864  4.328   -9.148  1.00 21.71 ? 50  GLU A N   1 
ATOM   394 C  CA  . GLU A 1 50  ? -1.188  5.280   -10.208 1.00 23.33 ? 50  GLU A CA  1 
ATOM   395 C  C   . GLU A 1 50  ? -2.445  6.041   -9.800  1.00 23.95 ? 50  GLU A C   1 
ATOM   396 O  O   . GLU A 1 50  ? -2.517  7.264   -9.931  1.00 23.58 ? 50  GLU A O   1 
ATOM   397 C  CB  . GLU A 1 50  ? -1.456  4.567   -11.535 1.00 25.85 ? 50  GLU A CB  1 
ATOM   398 C  CG  . GLU A 1 50  ? -0.248  3.921   -12.177 1.00 31.20 ? 50  GLU A CG  1 
ATOM   399 C  CD  . GLU A 1 50  ? -0.541  3.435   -13.586 1.00 34.16 ? 50  GLU A CD  1 
ATOM   400 O  OE1 . GLU A 1 50  ? -1.515  2.674   -13.763 1.00 37.14 ? 50  GLU A OE1 1 
ATOM   401 O  OE2 . GLU A 1 50  ? 0.199   3.814   -14.515 1.00 36.39 ? 50  GLU A OE2 1 
ATOM   402 N  N   . ILE A 1 51  ? -3.440  5.307   -9.313  1.00 22.52 ? 51  ILE A N   1 
ATOM   403 C  CA  . ILE A 1 51  ? -4.690  5.921   -8.888  1.00 23.42 ? 51  ILE A CA  1 
ATOM   404 C  C   . ILE A 1 51  ? -4.425  6.907   -7.763  1.00 24.50 ? 51  ILE A C   1 
ATOM   405 O  O   . ILE A 1 51  ? -4.970  8.009   -7.755  1.00 25.18 ? 51  ILE A O   1 
ATOM   406 C  CB  . ILE A 1 51  ? -5.700  4.852   -8.420  1.00 22.54 ? 51  ILE A CB  1 
ATOM   407 C  CG1 . ILE A 1 51  ? -6.094  3.976   -9.610  1.00 22.98 ? 51  ILE A CG1 1 
ATOM   408 C  CG2 . ILE A 1 51  ? -6.927  5.516   -7.801  1.00 22.58 ? 51  ILE A CG2 1 
ATOM   409 C  CD1 . ILE A 1 51  ? -6.978  2.802   -9.250  1.00 23.91 ? 51  ILE A CD1 1 
ATOM   410 N  N   . GLN A 1 52  ? -3.578  6.516   -6.816  1.00 24.85 ? 52  GLN A N   1 
ATOM   411 C  CA  . GLN A 1 52  ? -3.251  7.393   -5.701  1.00 25.48 ? 52  GLN A CA  1 
ATOM   412 C  C   . GLN A 1 52  ? -2.703  8.719   -6.216  1.00 26.08 ? 52  GLN A C   1 
ATOM   413 O  O   . GLN A 1 52  ? -3.110  9.789   -5.765  1.00 27.38 ? 52  GLN A O   1 
ATOM   414 C  CB  . GLN A 1 52  ? -2.209  6.745   -4.784  1.00 26.38 ? 52  GLN A CB  1 
ATOM   415 C  CG  . GLN A 1 52  ? -1.650  7.710   -3.747  1.00 28.64 ? 52  GLN A CG  1 
ATOM   416 C  CD  . GLN A 1 52  ? -0.641  7.068   -2.820  1.00 30.48 ? 52  GLN A CD  1 
ATOM   417 O  OE1 . GLN A 1 52  ? 0.367   6.516   -3.264  1.00 31.67 ? 52  GLN A OE1 1 
ATOM   418 N  NE2 . GLN A 1 52  ? -0.904  7.143   -1.519  1.00 31.36 ? 52  GLN A NE2 1 
ATOM   419 N  N   . LYS A 1 53  ? -1.783  8.636   -7.170  1.00 26.70 ? 53  LYS A N   1 
ATOM   420 C  CA  . LYS A 1 53  ? -1.164  9.825   -7.742  1.00 28.45 ? 53  LYS A CA  1 
ATOM   421 C  C   . LYS A 1 53  ? -2.158  10.705  -8.494  1.00 29.21 ? 53  LYS A C   1 
ATOM   422 O  O   . LYS A 1 53  ? -2.140  11.927  -8.354  1.00 29.51 ? 53  LYS A O   1 
ATOM   423 C  CB  . LYS A 1 53  ? -0.022  9.422   -8.679  1.00 29.97 ? 53  LYS A CB  1 
ATOM   424 C  CG  . LYS A 1 53  ? 0.713   10.591  -9.332  1.00 33.87 ? 53  LYS A CG  1 
ATOM   425 C  CD  . LYS A 1 53  ? 1.786   11.217  -8.433  1.00 36.15 ? 53  LYS A CD  1 
ATOM   426 C  CE  . LYS A 1 53  ? 1.217   11.955  -7.224  1.00 39.24 ? 53  LYS A CE  1 
ATOM   427 N  NZ  . LYS A 1 53  ? 0.826   11.045  -6.111  1.00 40.12 ? 53  LYS A NZ  1 
ATOM   428 N  N   . LYS A 1 54  ? -3.024  10.081  -9.287  1.00 28.89 ? 54  LYS A N   1 
ATOM   429 C  CA  . LYS A 1 54  ? -4.016  10.816  -10.069 1.00 29.87 ? 54  LYS A CA  1 
ATOM   430 C  C   . LYS A 1 54  ? -5.110  11.468  -9.229  1.00 29.94 ? 54  LYS A C   1 
ATOM   431 O  O   . LYS A 1 54  ? -5.484  12.618  -9.468  1.00 30.54 ? 54  LYS A O   1 
ATOM   432 C  CB  . LYS A 1 54  ? -4.671  9.889   -11.098 1.00 30.31 ? 54  LYS A CB  1 
ATOM   433 C  CG  . LYS A 1 54  ? -3.727  9.328   -12.148 1.00 31.49 ? 54  LYS A CG  1 
ATOM   434 C  CD  . LYS A 1 54  ? -4.483  8.448   -13.134 1.00 32.64 ? 54  LYS A CD  1 
ATOM   435 C  CE  . LYS A 1 54  ? -3.568  7.905   -14.220 1.00 35.85 ? 54  LYS A CE  1 
ATOM   436 N  NZ  . LYS A 1 54  ? -4.308  7.033   -15.179 1.00 36.87 ? 54  LYS A NZ  1 
ATOM   437 N  N   . ALA A 1 55  ? -5.624  10.733  -8.249  1.00 29.16 ? 55  ALA A N   1 
ATOM   438 C  CA  . ALA A 1 55  ? -6.697  11.236  -7.397  1.00 29.67 ? 55  ALA A CA  1 
ATOM   439 C  C   . ALA A 1 55  ? -6.215  12.025  -6.186  1.00 29.82 ? 55  ALA A C   1 
ATOM   440 O  O   . ALA A 1 55  ? -7.007  12.693  -5.520  1.00 30.61 ? 55  ALA A O   1 
ATOM   441 C  CB  . ALA A 1 55  ? -7.579  10.078  -6.941  1.00 28.88 ? 55  ALA A CB  1 
ATOM   442 N  N   . LYS A 1 56  ? -4.919  11.946  -5.900  1.00 30.34 ? 56  LYS A N   1 
ATOM   443 C  CA  . LYS A 1 56  ? -4.345  12.655  -4.762  1.00 30.48 ? 56  LYS A CA  1 
ATOM   444 C  C   . LYS A 1 56  ? -4.990  12.184  -3.462  1.00 30.31 ? 56  LYS A C   1 
ATOM   445 O  O   . LYS A 1 56  ? -5.503  12.989  -2.683  1.00 31.02 ? 56  LYS A O   1 
ATOM   446 C  CB  . LYS A 1 56  ? -4.551  14.167  -4.918  1.00 32.09 ? 56  LYS A CB  1 
ATOM   447 C  CG  . LYS A 1 56  ? -4.073  14.743  -6.246  1.00 34.51 ? 56  LYS A CG  1 
ATOM   448 C  CD  . LYS A 1 56  ? -2.575  14.571  -6.435  1.00 36.99 ? 56  LYS A CD  1 
ATOM   449 C  CE  . LYS A 1 56  ? -2.097  15.246  -7.716  1.00 38.94 ? 56  LYS A CE  1 
ATOM   450 N  NZ  . LYS A 1 56  ? -2.754  14.693  -8.936  1.00 39.85 ? 56  LYS A NZ  1 
ATOM   451 N  N   . VAL A 1 57  ? -4.970  10.874  -3.236  1.00 28.98 ? 57  VAL A N   1 
ATOM   452 C  CA  . VAL A 1 57  ? -5.547  10.298  -2.029  1.00 27.96 ? 57  VAL A CA  1 
ATOM   453 C  C   . VAL A 1 57  ? -4.516  9.453   -1.293  1.00 28.40 ? 57  VAL A C   1 
ATOM   454 O  O   . VAL A 1 57  ? -3.445  9.158   -1.825  1.00 29.60 ? 57  VAL A O   1 
ATOM   455 C  CB  . VAL A 1 57  ? -6.766  9.408   -2.355  1.00 27.30 ? 57  VAL A CB  1 
ATOM   456 C  CG1 . VAL A 1 57  ? -7.870  10.247  -2.974  1.00 26.51 ? 57  VAL A CG1 1 
ATOM   457 C  CG2 . VAL A 1 57  ? -6.356  8.288   -3.301  1.00 26.83 ? 57  VAL A CG2 1 
ATOM   458 N  N   . LYS A 1 58  ? -4.850  9.065   -0.068  1.00 28.80 ? 58  LYS A N   1 
ATOM   459 C  CA  . LYS A 1 58  ? -3.957  8.251   0.742   1.00 29.37 ? 58  LYS A CA  1 
ATOM   460 C  C   . LYS A 1 58  ? -4.335  6.778   0.645   1.00 28.62 ? 58  LYS A C   1 
ATOM   461 O  O   . LYS A 1 58  ? -5.507  6.437   0.487   1.00 29.68 ? 58  LYS A O   1 
ATOM   462 C  CB  . LYS A 1 58  ? -4.022  8.696   2.207   1.00 31.57 ? 58  LYS A CB  1 
ATOM   463 C  CG  . LYS A 1 58  ? -3.575  10.136  2.464   1.00 34.46 ? 58  LYS A CG  1 
ATOM   464 C  CD  . LYS A 1 58  ? -2.055  10.290  2.453   1.00 37.66 ? 58  LYS A CD  1 
ATOM   465 C  CE  . LYS A 1 58  ? -1.458  10.084  1.068   1.00 38.05 ? 58  LYS A CE  1 
ATOM   466 N  NZ  . LYS A 1 58  ? 0.029   10.165  1.081   1.00 39.52 ? 58  LYS A NZ  1 
ATOM   467 N  N   . ILE A 1 59  ? -3.335  5.909   0.728   1.00 27.84 ? 59  ILE A N   1 
ATOM   468 C  CA  . ILE A 1 59  ? -3.579  4.477   0.676   1.00 26.47 ? 59  ILE A CA  1 
ATOM   469 C  C   . ILE A 1 59  ? -4.160  4.079   2.030   1.00 25.94 ? 59  ILE A C   1 
ATOM   470 O  O   . ILE A 1 59  ? -3.658  4.499   3.071   1.00 26.86 ? 59  ILE A O   1 
ATOM   471 C  CB  . ILE A 1 59  ? -2.269  3.695   0.432   1.00 26.98 ? 59  ILE A CB  1 
ATOM   472 C  CG1 . ILE A 1 59  ? -1.667  4.108   -0.913  1.00 27.82 ? 59  ILE A CG1 1 
ATOM   473 C  CG2 . ILE A 1 59  ? -2.541  2.194   0.470   1.00 25.87 ? 59  ILE A CG2 1 
ATOM   474 C  CD1 . ILE A 1 59  ? -0.359  3.425   -1.236  1.00 28.21 ? 59  ILE A CD1 1 
ATOM   475 N  N   . PRO A 1 60  ? -5.237  3.277   2.034   1.00 26.24 ? 60  PRO A N   1 
ATOM   476 C  CA  . PRO A 1 60  ? -5.859  2.845   3.291   1.00 26.46 ? 60  PRO A CA  1 
ATOM   477 C  C   . PRO A 1 60  ? -4.833  2.315   4.289   1.00 26.73 ? 60  PRO A C   1 
ATOM   478 O  O   . PRO A 1 60  ? -3.843  1.693   3.903   1.00 25.37 ? 60  PRO A O   1 
ATOM   479 C  CB  . PRO A 1 60  ? -6.835  1.767   2.830   1.00 26.91 ? 60  PRO A CB  1 
ATOM   480 C  CG  . PRO A 1 60  ? -7.281  2.291   1.501   1.00 27.09 ? 60  PRO A CG  1 
ATOM   481 C  CD  . PRO A 1 60  ? -5.974  2.747   0.874   1.00 26.29 ? 60  PRO A CD  1 
ATOM   482 N  N   . ARG A 1 61  ? -5.072  2.568   5.572   1.00 27.18 ? 61  ARG A N   1 
ATOM   483 C  CA  . ARG A 1 61  ? -4.169  2.126   6.629   1.00 27.69 ? 61  ARG A CA  1 
ATOM   484 C  C   . ARG A 1 61  ? -3.862  0.628   6.572   1.00 27.32 ? 61  ARG A C   1 
ATOM   485 O  O   . ARG A 1 61  ? -2.739  0.206   6.845   1.00 27.22 ? 61  ARG A O   1 
ATOM   486 C  CB  . ARG A 1 61  ? -4.766  2.464   7.999   1.00 30.64 ? 61  ARG A CB  1 
ATOM   487 C  CG  . ARG A 1 61  ? -5.064  3.942   8.207   1.00 34.69 ? 61  ARG A CG  1 
ATOM   488 C  CD  . ARG A 1 61  ? -3.794  4.775   8.222   1.00 37.22 ? 61  ARG A CD  1 
ATOM   489 N  NE  . ARG A 1 61  ? -2.870  4.340   9.266   1.00 39.57 ? 61  ARG A NE  1 
ATOM   490 C  CZ  . ARG A 1 61  ? -1.710  4.933   9.534   1.00 39.54 ? 61  ARG A CZ  1 
ATOM   491 N  NH1 . ARG A 1 61  ? -0.934  4.466   10.504  1.00 40.69 ? 61  ARG A NH1 1 
ATOM   492 N  NH2 . ARG A 1 61  ? -1.327  5.994   8.836   1.00 39.92 ? 61  ARG A NH2 1 
ATOM   493 N  N   . LYS A 1 62  ? -4.861  -0.171  6.211   1.00 26.11 ? 62  LYS A N   1 
ATOM   494 C  CA  . LYS A 1 62  ? -4.691  -1.618  6.150   1.00 25.69 ? 62  LYS A CA  1 
ATOM   495 C  C   . LYS A 1 62  ? -3.779  -2.094  5.018   1.00 23.20 ? 62  LYS A C   1 
ATOM   496 O  O   . LYS A 1 62  ? -3.387  -3.261  4.990   1.00 23.65 ? 62  LYS A O   1 
ATOM   497 C  CB  . LYS A 1 62  ? -6.056  -2.297  6.020   1.00 28.89 ? 62  LYS A CB  1 
ATOM   498 C  CG  . LYS A 1 62  ? -6.753  -2.043  4.693   1.00 29.75 ? 62  LYS A CG  1 
ATOM   499 C  CD  . LYS A 1 62  ? -8.182  -2.577  4.691   1.00 32.80 ? 62  LYS A CD  1 
ATOM   500 C  CE  . LYS A 1 62  ? -8.234  -4.056  5.041   1.00 33.87 ? 62  LYS A CE  1 
ATOM   501 N  NZ  . LYS A 1 62  ? -7.495  -4.897  4.064   1.00 37.01 ? 62  LYS A NZ  1 
ATOM   502 N  N   . TRP A 1 63  ? -3.435  -1.196  4.099   1.00 22.32 ? 63  TRP A N   1 
ATOM   503 C  CA  . TRP A 1 63  ? -2.578  -1.556  2.968   1.00 20.80 ? 63  TRP A CA  1 
ATOM   504 C  C   . TRP A 1 63  ? -1.280  -0.758  2.868   1.00 21.19 ? 63  TRP A C   1 
ATOM   505 O  O   . TRP A 1 63  ? -0.344  -1.173  2.182   1.00 18.89 ? 63  TRP A O   1 
ATOM   506 C  CB  . TRP A 1 63  ? -3.336  -1.369  1.647   1.00 21.05 ? 63  TRP A CB  1 
ATOM   507 C  CG  . TRP A 1 63  ? -4.567  -2.203  1.508   1.00 19.24 ? 63  TRP A CG  1 
ATOM   508 C  CD1 . TRP A 1 63  ? -5.846  -1.756  1.333   1.00 20.03 ? 63  TRP A CD1 1 
ATOM   509 C  CD2 . TRP A 1 63  ? -4.633  -3.631  1.478   1.00 20.09 ? 63  TRP A CD2 1 
ATOM   510 N  NE1 . TRP A 1 63  ? -6.703  -2.818  1.190   1.00 20.21 ? 63  TRP A NE1 1 
ATOM   511 C  CE2 . TRP A 1 63  ? -5.986  -3.982  1.274   1.00 20.08 ? 63  TRP A CE2 1 
ATOM   512 C  CE3 . TRP A 1 63  ? -3.680  -4.653  1.597   1.00 19.13 ? 63  TRP A CE3 1 
ATOM   513 C  CZ2 . TRP A 1 63  ? -6.411  -5.312  1.189   1.00 19.84 ? 63  TRP A CZ2 1 
ATOM   514 C  CZ3 . TRP A 1 63  ? -4.103  -5.976  1.512   1.00 21.25 ? 63  TRP A CZ3 1 
ATOM   515 C  CH2 . TRP A 1 63  ? -5.459  -6.292  1.309   1.00 20.77 ? 63  TRP A CH2 1 
ATOM   516 N  N   . LYS A 1 64  ? -1.219  0.385   3.539   1.00 20.95 ? 64  LYS A N   1 
ATOM   517 C  CA  . LYS A 1 64  ? -0.040  1.244   3.454   1.00 22.43 ? 64  LYS A CA  1 
ATOM   518 C  C   . LYS A 1 64  ? 1.312   0.589   3.736   1.00 21.18 ? 64  LYS A C   1 
ATOM   519 O  O   . LYS A 1 64  ? 2.325   1.016   3.189   1.00 21.17 ? 64  LYS A O   1 
ATOM   520 C  CB  . LYS A 1 64  ? -0.212  2.472   4.359   1.00 26.62 ? 64  LYS A CB  1 
ATOM   521 C  CG  . LYS A 1 64  ? -0.226  2.172   5.842   1.00 29.89 ? 64  LYS A CG  1 
ATOM   522 C  CD  . LYS A 1 64  ? 0.941   2.851   6.549   1.00 34.33 ? 64  LYS A CD  1 
ATOM   523 C  CE  . LYS A 1 64  ? 0.888   4.368   6.389   1.00 35.49 ? 64  LYS A CE  1 
ATOM   524 N  NZ  . LYS A 1 64  ? 2.082   5.039   6.980   1.00 37.06 ? 64  LYS A NZ  1 
ATOM   525 N  N   . ARG A 1 65  ? 1.332   -0.441  4.575   1.00 20.87 ? 65  ARG A N   1 
ATOM   526 C  CA  . ARG A 1 65  ? 2.585   -1.117  4.912   1.00 19.79 ? 65  ARG A CA  1 
ATOM   527 C  C   . ARG A 1 65  ? 2.769   -2.441  4.180   1.00 19.95 ? 65  ARG A C   1 
ATOM   528 O  O   . ARG A 1 65  ? 3.775   -3.123  4.379   1.00 19.70 ? 65  ARG A O   1 
ATOM   529 C  CB  . ARG A 1 65  ? 2.644   -1.399  6.417   1.00 23.15 ? 65  ARG A CB  1 
ATOM   530 C  CG  . ARG A 1 65  ? 2.408   -0.196  7.310   1.00 24.29 ? 65  ARG A CG  1 
ATOM   531 C  CD  . ARG A 1 65  ? 2.453   -0.605  8.774   1.00 28.68 ? 65  ARG A CD  1 
ATOM   532 N  NE  . ARG A 1 65  ? 2.239   0.530   9.667   1.00 31.39 ? 65  ARG A NE  1 
ATOM   533 C  CZ  . ARG A 1 65  ? 2.227   0.445   10.993  1.00 33.59 ? 65  ARG A CZ  1 
ATOM   534 N  NH1 . ARG A 1 65  ? 2.417   -0.726  11.588  1.00 34.01 ? 65  ARG A NH1 1 
ATOM   535 N  NH2 . ARG A 1 65  ? 2.027   1.532   11.725  1.00 34.67 ? 65  ARG A NH2 1 
ATOM   536 N  N   . ARG A 1 66  ? 1.815   -2.793  3.321   1.00 17.85 ? 66  ARG A N   1 
ATOM   537 C  CA  . ARG A 1 66  ? 1.854   -4.076  2.624   1.00 17.38 ? 66  ARG A CA  1 
ATOM   538 C  C   . ARG A 1 66  ? 2.538   -4.171  1.265   1.00 15.78 ? 66  ARG A C   1 
ATOM   539 O  O   . ARG A 1 66  ? 2.326   -5.139  0.541   1.00 16.64 ? 66  ARG A O   1 
ATOM   540 C  CB  . ARG A 1 66  ? 0.433   -4.637  2.504   1.00 18.30 ? 66  ARG A CB  1 
ATOM   541 C  CG  . ARG A 1 66  ? -0.275  -4.818  3.842   1.00 24.89 ? 66  ARG A CG  1 
ATOM   542 C  CD  . ARG A 1 66  ? 0.536   -5.692  4.790   1.00 28.08 ? 66  ARG A CD  1 
ATOM   543 N  NE  . ARG A 1 66  ? 0.802   -7.025  4.249   1.00 30.04 ? 66  ARG A NE  1 
ATOM   544 C  CZ  . ARG A 1 66  ? -0.128  -7.948  4.025   1.00 30.79 ? 66  ARG A CZ  1 
ATOM   545 N  NH1 . ARG A 1 66  ? -1.404  -7.696  4.291   1.00 31.12 ? 66  ARG A NH1 1 
ATOM   546 N  NH2 . ARG A 1 66  ? 0.221   -9.133  3.538   1.00 29.40 ? 66  ARG A NH2 1 
ATOM   547 N  N   . TYR A 1 67  ? 3.345   -3.179  0.907   1.00 14.99 ? 67  TYR A N   1 
ATOM   548 C  CA  . TYR A 1 67  ? 4.067   -3.235  -0.361  1.00 15.43 ? 67  TYR A CA  1 
ATOM   549 C  C   . TYR A 1 67  ? 5.400   -2.539  -0.176  1.00 14.80 ? 67  TYR A C   1 
ATOM   550 O  O   . TYR A 1 67  ? 5.542   -1.677  0.692   1.00 14.79 ? 67  TYR A O   1 
ATOM   551 C  CB  . TYR A 1 67  ? 3.277   -2.554  -1.490  1.00 15.86 ? 67  TYR A CB  1 
ATOM   552 C  CG  . TYR A 1 67  ? 3.154   -1.055  -1.354  1.00 17.11 ? 67  TYR A CG  1 
ATOM   553 C  CD1 . TYR A 1 67  ? 4.002   -0.197  -2.053  1.00 17.54 ? 67  TYR A CD1 1 
ATOM   554 C  CD2 . TYR A 1 67  ? 2.208   -0.494  -0.502  1.00 16.80 ? 67  TYR A CD2 1 
ATOM   555 C  CE1 . TYR A 1 67  ? 3.910   1.185   -1.906  1.00 19.05 ? 67  TYR A CE1 1 
ATOM   556 C  CE2 . TYR A 1 67  ? 2.107   0.886   -0.344  1.00 18.46 ? 67  TYR A CE2 1 
ATOM   557 C  CZ  . TYR A 1 67  ? 2.961   1.719   -1.048  1.00 20.28 ? 67  TYR A CZ  1 
ATOM   558 O  OH  . TYR A 1 67  ? 2.871   3.080   -0.885  1.00 23.13 ? 67  TYR A OH  1 
ATOM   559 N  N   . CYS A 1 68  ? 6.385   -2.923  -0.979  1.00 15.02 ? 68  CYS A N   1 
ATOM   560 C  CA  . CYS A 1 68  ? 7.696   -2.301  -0.890  1.00 15.21 ? 68  CYS A CA  1 
ATOM   561 C  C   . CYS A 1 68  ? 7.673   -0.992  -1.668  1.00 16.75 ? 68  CYS A C   1 
ATOM   562 O  O   . CYS A 1 68  ? 7.318   -0.968  -2.843  1.00 16.67 ? 68  CYS A O   1 
ATOM   563 C  CB  . CYS A 1 68  ? 8.768   -3.224  -1.460  1.00 16.00 ? 68  CYS A CB  1 
ATOM   564 S  SG  . CYS A 1 68  ? 10.403  -2.471  -1.428  1.00 15.05 ? 68  CYS A SG  1 
ATOM   565 N  N   . LYS A 1 69  ? 8.050   0.097   -1.012  1.00 16.53 ? 69  LYS A N   1 
ATOM   566 C  CA  . LYS A 1 69  ? 8.042   1.389   -1.675  1.00 19.20 ? 69  LYS A CA  1 
ATOM   567 C  C   . LYS A 1 69  ? 9.072   1.492   -2.793  1.00 20.26 ? 69  LYS A C   1 
ATOM   568 O  O   . LYS A 1 69  ? 8.944   2.343   -3.675  1.00 22.92 ? 69  LYS A O   1 
ATOM   569 C  CB  . LYS A 1 69  ? 8.246   2.509   -0.648  1.00 21.36 ? 69  LYS A CB  1 
ATOM   570 C  CG  . LYS A 1 69  ? 7.046   2.687   0.274   1.00 25.08 ? 69  LYS A CG  1 
ATOM   571 C  CD  . LYS A 1 69  ? 7.118   3.980   1.063   1.00 26.94 ? 69  LYS A CD  1 
ATOM   572 C  CE  . LYS A 1 69  ? 5.841   4.204   1.857   1.00 26.20 ? 69  LYS A CE  1 
ATOM   573 N  NZ  . LYS A 1 69  ? 5.579   3.095   2.812   1.00 25.69 ? 69  LYS A NZ  1 
ATOM   574 N  N   . ARG A 1 70  ? 10.078  0.621   -2.769  1.00 19.18 ? 70  ARG A N   1 
ATOM   575 C  CA  . ARG A 1 70  ? 11.118  0.633   -3.800  1.00 20.58 ? 70  ARG A CA  1 
ATOM   576 C  C   . ARG A 1 70  ? 10.800  -0.238  -5.017  1.00 21.52 ? 70  ARG A C   1 
ATOM   577 O  O   . ARG A 1 70  ? 10.763  0.264   -6.141  1.00 23.16 ? 70  ARG A O   1 
ATOM   578 C  CB  . ARG A 1 70  ? 12.465  0.191   -3.215  1.00 21.63 ? 70  ARG A CB  1 
ATOM   579 C  CG  . ARG A 1 70  ? 13.565  -0.012  -4.269  1.00 25.82 ? 70  ARG A CG  1 
ATOM   580 C  CD  . ARG A 1 70  ? 14.787  -0.722  -3.685  1.00 29.40 ? 70  ARG A CD  1 
ATOM   581 N  NE  . ARG A 1 70  ? 15.650  0.170   -2.920  1.00 31.88 ? 70  ARG A NE  1 
ATOM   582 C  CZ  . ARG A 1 70  ? 16.627  -0.232  -2.114  1.00 31.86 ? 70  ARG A CZ  1 
ATOM   583 N  NH1 . ARG A 1 70  ? 16.878  -1.523  -1.946  1.00 28.55 ? 70  ARG A NH1 1 
ATOM   584 N  NH2 . ARG A 1 70  ? 17.370  0.665   -1.480  1.00 32.89 ? 70  ARG A NH2 1 
ATOM   585 N  N   . CYS A 1 71  ? 10.566  -1.532  -4.801  1.00 18.57 ? 71  CYS A N   1 
ATOM   586 C  CA  . CYS A 1 71  ? 10.292  -2.444  -5.915  1.00 17.65 ? 71  CYS A CA  1 
ATOM   587 C  C   . CYS A 1 71  ? 8.813   -2.722  -6.159  1.00 17.84 ? 71  CYS A C   1 
ATOM   588 O  O   . CYS A 1 71  ? 8.446   -3.330  -7.170  1.00 18.84 ? 71  CYS A O   1 
ATOM   589 C  CB  . CYS A 1 71  ? 11.041  -3.768  -5.724  1.00 16.47 ? 71  CYS A CB  1 
ATOM   590 S  SG  . CYS A 1 71  ? 10.377  -4.856  -4.437  1.00 16.58 ? 71  CYS A SG  1 
ATOM   591 N  N   . HIS A 1 72  ? 7.971   -2.290  -5.223  1.00 17.13 ? 72  HIS A N   1 
ATOM   592 C  CA  . HIS A 1 72  ? 6.524   -2.438  -5.341  1.00 17.24 ? 72  HIS A CA  1 
ATOM   593 C  C   . HIS A 1 72  ? 5.961   -3.851  -5.236  1.00 16.87 ? 72  HIS A C   1 
ATOM   594 O  O   . HIS A 1 72  ? 4.808   -4.094  -5.592  1.00 16.23 ? 72  HIS A O   1 
ATOM   595 C  CB  . HIS A 1 72  ? 6.057   -1.782  -6.642  1.00 18.22 ? 72  HIS A CB  1 
ATOM   596 C  CG  . HIS A 1 72  ? 6.310   -0.309  -6.688  1.00 18.18 ? 72  HIS A CG  1 
ATOM   597 N  ND1 . HIS A 1 72  ? 6.283   0.416   -7.859  1.00 19.43 ? 72  HIS A ND1 1 
ATOM   598 C  CD2 . HIS A 1 72  ? 6.585   0.577   -5.701  1.00 19.03 ? 72  HIS A CD2 1 
ATOM   599 C  CE1 . HIS A 1 72  ? 6.529   1.686   -7.592  1.00 20.06 ? 72  HIS A CE1 1 
ATOM   600 N  NE2 . HIS A 1 72  ? 6.716   1.811   -6.290  1.00 19.11 ? 72  HIS A NE2 1 
ATOM   601 N  N   . THR A 1 73  ? 6.759   -4.786  -4.735  1.00 15.36 ? 73  THR A N   1 
ATOM   602 C  CA  . THR A 1 73  ? 6.262   -6.144  -4.583  1.00 15.10 ? 73  THR A CA  1 
ATOM   603 C  C   . THR A 1 73  ? 5.286   -6.150  -3.403  1.00 14.60 ? 73  THR A C   1 
ATOM   604 O  O   . THR A 1 73  ? 5.408   -5.335  -2.485  1.00 14.40 ? 73  THR A O   1 
ATOM   605 C  CB  . THR A 1 73  ? 7.427   -7.144  -4.319  1.00 15.54 ? 73  THR A CB  1 
ATOM   606 O  OG1 . THR A 1 73  ? 6.957   -8.486  -4.485  1.00 15.80 ? 73  THR A OG1 1 
ATOM   607 C  CG2 . THR A 1 73  ? 7.977   -6.985  -2.906  1.00 16.40 ? 73  THR A CG2 1 
ATOM   608 N  N   . PHE A 1 74  ? 4.299   -7.040  -3.439  1.00 14.08 ? 74  PHE A N   1 
ATOM   609 C  CA  . PHE A 1 74  ? 3.343   -7.144  -2.340  1.00 14.75 ? 74  PHE A CA  1 
ATOM   610 C  C   . PHE A 1 74  ? 4.059   -7.905  -1.226  1.00 15.05 ? 74  PHE A C   1 
ATOM   611 O  O   . PHE A 1 74  ? 4.595   -8.991  -1.454  1.00 16.25 ? 74  PHE A O   1 
ATOM   612 C  CB  . PHE A 1 74  ? 2.090   -7.908  -2.773  1.00 14.13 ? 74  PHE A CB  1 
ATOM   613 C  CG  . PHE A 1 74  ? 1.039   -7.980  -1.706  1.00 15.49 ? 74  PHE A CG  1 
ATOM   614 C  CD1 . PHE A 1 74  ? 0.163   -6.920  -1.502  1.00 15.13 ? 74  PHE A CD1 1 
ATOM   615 C  CD2 . PHE A 1 74  ? 0.971   -9.079  -0.856  1.00 16.45 ? 74  PHE A CD2 1 
ATOM   616 C  CE1 . PHE A 1 74  ? -0.765  -6.953  -0.465  1.00 16.64 ? 74  PHE A CE1 1 
ATOM   617 C  CE2 . PHE A 1 74  ? 0.048   -9.121  0.182   1.00 15.96 ? 74  PHE A CE2 1 
ATOM   618 C  CZ  . PHE A 1 74  ? -0.820  -8.053  0.378   1.00 16.12 ? 74  PHE A CZ  1 
ATOM   619 N  N   . LEU A 1 75  ? 4.043   -7.349  -0.018  1.00 13.78 ? 75  LEU A N   1 
ATOM   620 C  CA  . LEU A 1 75  ? 4.752   -7.952  1.104   1.00 13.77 ? 75  LEU A CA  1 
ATOM   621 C  C   . LEU A 1 75  ? 3.976   -8.934  1.965   1.00 15.33 ? 75  LEU A C   1 
ATOM   622 O  O   . LEU A 1 75  ? 2.887   -8.631  2.456   1.00 17.56 ? 75  LEU A O   1 
ATOM   623 C  CB  . LEU A 1 75  ? 5.324   -6.846  1.987   1.00 14.05 ? 75  LEU A CB  1 
ATOM   624 C  CG  . LEU A 1 75  ? 6.319   -5.922  1.281   1.00 14.28 ? 75  LEU A CG  1 
ATOM   625 C  CD1 . LEU A 1 75  ? 6.614   -4.712  2.163   1.00 15.20 ? 75  LEU A CD1 1 
ATOM   626 C  CD2 . LEU A 1 75  ? 7.602   -6.683  0.961   1.00 15.87 ? 75  LEU A CD2 1 
ATOM   627 N  N   . ILE A 1 76  ? 4.570   -10.106 2.152   1.00 16.78 ? 76  ILE A N   1 
ATOM   628 C  CA  . ILE A 1 76  ? 3.980   -11.163 2.959   1.00 18.68 ? 76  ILE A CA  1 
ATOM   629 C  C   . ILE A 1 76  ? 5.025   -11.631 3.966   1.00 19.15 ? 76  ILE A C   1 
ATOM   630 O  O   . ILE A 1 76  ? 6.052   -12.201 3.592   1.00 18.20 ? 76  ILE A O   1 
ATOM   631 C  CB  . ILE A 1 76  ? 3.561   -12.358 2.085   1.00 21.50 ? 76  ILE A CB  1 
ATOM   632 C  CG1 . ILE A 1 76  ? 2.528   -11.907 1.051   1.00 24.72 ? 76  ILE A CG1 1 
ATOM   633 C  CG2 . ILE A 1 76  ? 2.992   -13.468 2.965   1.00 21.89 ? 76  ILE A CG2 1 
ATOM   634 C  CD1 . ILE A 1 76  ? 2.148   -12.982 0.055   1.00 26.24 ? 76  ILE A CD1 1 
ATOM   635 N  N   . PRO A 1 77  ? 4.784   -11.380 5.259   1.00 19.37 ? 77  PRO A N   1 
ATOM   636 C  CA  . PRO A 1 77  ? 5.726   -11.790 6.302   1.00 20.87 ? 77  PRO A CA  1 
ATOM   637 C  C   . PRO A 1 77  ? 6.086   -13.264 6.189   1.00 21.31 ? 77  PRO A C   1 
ATOM   638 O  O   . PRO A 1 77  ? 5.206   -14.125 6.099   1.00 21.47 ? 77  PRO A O   1 
ATOM   639 C  CB  . PRO A 1 77  ? 4.968   -11.479 7.587   1.00 21.43 ? 77  PRO A CB  1 
ATOM   640 C  CG  . PRO A 1 77  ? 4.179   -10.268 7.207   1.00 22.24 ? 77  PRO A CG  1 
ATOM   641 C  CD  . PRO A 1 77  ? 3.647   -10.645 5.840   1.00 20.81 ? 77  PRO A CD  1 
ATOM   642 N  N   . GLY A 1 78  ? 7.383   -13.544 6.182   1.00 22.08 ? 78  GLY A N   1 
ATOM   643 C  CA  . GLY A 1 78  ? 7.842   -14.915 6.080   1.00 24.09 ? 78  GLY A CA  1 
ATOM   644 C  C   . GLY A 1 78  ? 8.205   -15.315 4.664   1.00 24.85 ? 78  GLY A C   1 
ATOM   645 O  O   . GLY A 1 78  ? 9.167   -16.055 4.452   1.00 28.34 ? 78  GLY A O   1 
ATOM   646 N  N   . VAL A 1 79  ? 7.436   -14.828 3.695   1.00 23.05 ? 79  VAL A N   1 
ATOM   647 C  CA  . VAL A 1 79  ? 7.674   -15.145 2.289   1.00 23.12 ? 79  VAL A CA  1 
ATOM   648 C  C   . VAL A 1 79  ? 8.693   -14.202 1.660   1.00 21.88 ? 79  VAL A C   1 
ATOM   649 O  O   . VAL A 1 79  ? 9.680   -14.642 1.075   1.00 24.10 ? 79  VAL A O   1 
ATOM   650 C  CB  . VAL A 1 79  ? 6.366   -15.071 1.471   1.00 24.58 ? 79  VAL A CB  1 
ATOM   651 C  CG1 . VAL A 1 79  ? 6.651   -15.369 0.003   1.00 25.08 ? 79  VAL A CG1 1 
ATOM   652 C  CG2 . VAL A 1 79  ? 5.354   -16.063 2.020   1.00 25.67 ? 79  VAL A CG2 1 
ATOM   653 N  N   . ASN A 1 80  ? 8.458   -12.901 1.786   1.00 18.82 ? 80  ASN A N   1 
ATOM   654 C  CA  . ASN A 1 80  ? 9.374   -11.926 1.213   1.00 17.20 ? 80  ASN A CA  1 
ATOM   655 C  C   . ASN A 1 80  ? 9.482   -10.681 2.079   1.00 16.96 ? 80  ASN A C   1 
ATOM   656 O  O   . ASN A 1 80  ? 9.910   -9.633  1.607   1.00 16.77 ? 80  ASN A O   1 
ATOM   657 C  CB  . ASN A 1 80  ? 8.908   -11.531 -0.190  1.00 15.49 ? 80  ASN A CB  1 
ATOM   658 C  CG  . ASN A 1 80  ? 7.594   -10.782 -0.169  1.00 15.55 ? 80  ASN A CG  1 
ATOM   659 O  OD1 . ASN A 1 80  ? 6.957   -10.673 0.871   1.00 15.35 ? 80  ASN A OD1 1 
ATOM   660 N  ND2 . ASN A 1 80  ? 7.181   -10.269 -1.321  1.00 15.90 ? 80  ASN A ND2 1 
ATOM   661 N  N   . ALA A 1 81  ? 9.095   -10.790 3.345   1.00 16.50 ? 81  ALA A N   1 
ATOM   662 C  CA  . ALA A 1 81  ? 9.163   -9.635  4.229   1.00 17.46 ? 81  ALA A CA  1 
ATOM   663 C  C   . ALA A 1 81  ? 9.526   -10.004 5.658   1.00 18.33 ? 81  ALA A C   1 
ATOM   664 O  O   . ALA A 1 81  ? 9.029   -10.990 6.206   1.00 20.66 ? 81  ALA A O   1 
ATOM   665 C  CB  . ALA A 1 81  ? 7.832   -8.881  4.209   1.00 18.45 ? 81  ALA A CB  1 
ATOM   666 N  N   . ARG A 1 82  ? 10.408  -9.207  6.251   1.00 18.10 ? 82  ARG A N   1 
ATOM   667 C  CA  . ARG A 1 82  ? 10.836  -9.407  7.627   1.00 20.01 ? 82  ARG A CA  1 
ATOM   668 C  C   . ARG A 1 82  ? 10.217  -8.270  8.426   1.00 19.63 ? 82  ARG A C   1 
ATOM   669 O  O   . ARG A 1 82  ? 10.364  -7.099  8.075   1.00 20.34 ? 82  ARG A O   1 
ATOM   670 C  CB  . ARG A 1 82  ? 12.359  -9.355  7.727   1.00 21.34 ? 82  ARG A CB  1 
ATOM   671 C  CG  . ARG A 1 82  ? 12.902  -9.513  9.140   1.00 25.41 ? 82  ARG A CG  1 
ATOM   672 C  CD  . ARG A 1 82  ? 14.420  -9.494  9.117   1.00 29.78 ? 82  ARG A CD  1 
ATOM   673 N  NE  . ARG A 1 82  ? 14.947  -10.608 8.334   1.00 35.33 ? 82  ARG A NE  1 
ATOM   674 C  CZ  . ARG A 1 82  ? 16.143  -10.619 7.756   1.00 36.99 ? 82  ARG A CZ  1 
ATOM   675 N  NH1 . ARG A 1 82  ? 16.945  -9.569  7.866   1.00 38.58 ? 82  ARG A NH1 1 
ATOM   676 N  NH2 . ARG A 1 82  ? 16.537  -11.679 7.065   1.00 39.07 ? 82  ARG A NH2 1 
ATOM   677 N  N   . VAL A 1 83  ? 9.506   -8.614  9.491   1.00 19.88 ? 83  VAL A N   1 
ATOM   678 C  CA  . VAL A 1 83  ? 8.857   -7.606  10.314  1.00 19.44 ? 83  VAL A CA  1 
ATOM   679 C  C   . VAL A 1 83  ? 9.399   -7.672  11.732  1.00 20.54 ? 83  VAL A C   1 
ATOM   680 O  O   . VAL A 1 83  ? 9.298   -8.698  12.399  1.00 22.34 ? 83  VAL A O   1 
ATOM   681 C  CB  . VAL A 1 83  ? 7.332   -7.818  10.342  1.00 19.72 ? 83  VAL A CB  1 
ATOM   682 C  CG1 . VAL A 1 83  ? 6.666   -6.736  11.175  1.00 19.99 ? 83  VAL A CG1 1 
ATOM   683 C  CG2 . VAL A 1 83  ? 6.781   -7.822  8.923   1.00 20.38 ? 83  VAL A CG2 1 
ATOM   684 N  N   . ARG A 1 84  ? 9.986   -6.572  12.185  1.00 20.01 ? 84  ARG A N   1 
ATOM   685 C  CA  . ARG A 1 84  ? 10.547  -6.520  13.525  1.00 21.99 ? 84  ARG A CA  1 
ATOM   686 C  C   . ARG A 1 84  ? 10.152  -5.219  14.202  1.00 22.06 ? 84  ARG A C   1 
ATOM   687 O  O   . ARG A 1 84  ? 9.779   -4.248  13.544  1.00 23.46 ? 84  ARG A O   1 
ATOM   688 C  CB  . ARG A 1 84  ? 12.074  -6.623  13.456  1.00 22.54 ? 84  ARG A CB  1 
ATOM   689 C  CG  . ARG A 1 84  ? 12.590  -7.951  12.909  1.00 24.92 ? 84  ARG A CG  1 
ATOM   690 C  CD  . ARG A 1 84  ? 12.390  -9.084  13.906  1.00 26.34 ? 84  ARG A CD  1 
ATOM   691 N  NE  . ARG A 1 84  ? 12.831  -10.372 13.373  1.00 29.45 ? 84  ARG A NE  1 
ATOM   692 C  CZ  . ARG A 1 84  ? 12.138  -11.106 12.508  1.00 30.74 ? 84  ARG A CZ  1 
ATOM   693 N  NH1 . ARG A 1 84  ? 10.958  -10.688 12.071  1.00 29.62 ? 84  ARG A NH1 1 
ATOM   694 N  NH2 . ARG A 1 84  ? 12.625  -12.263 12.077  1.00 31.80 ? 84  ARG A NH2 1 
ATOM   695 N  N   . LEU A 1 85  ? 10.215  -5.205  15.527  1.00 22.83 ? 85  LEU A N   1 
ATOM   696 C  CA  . LEU A 1 85  ? 9.888   -4.001  16.271  1.00 24.31 ? 85  LEU A CA  1 
ATOM   697 C  C   . LEU A 1 85  ? 11.105  -3.558  17.063  1.00 24.82 ? 85  LEU A C   1 
ATOM   698 O  O   . LEU A 1 85  ? 11.824  -4.381  17.626  1.00 26.66 ? 85  LEU A O   1 
ATOM   699 C  CB  . LEU A 1 85  ? 8.704   -4.243  17.216  1.00 24.94 ? 85  LEU A CB  1 
ATOM   700 C  CG  . LEU A 1 85  ? 7.310   -4.200  16.582  1.00 26.75 ? 85  LEU A CG  1 
ATOM   701 C  CD1 . LEU A 1 85  ? 7.129   -5.374  15.633  1.00 28.11 ? 85  LEU A CD1 1 
ATOM   702 C  CD2 . LEU A 1 85  ? 6.253   -4.232  17.674  1.00 28.78 ? 85  LEU A CD2 1 
ATOM   703 N  N   . ARG A 1 86  ? 11.350  -2.255  17.074  1.00 25.63 ? 86  ARG A N   1 
ATOM   704 C  CA  . ARG A 1 86  ? 12.471  -1.695  17.814  1.00 28.21 ? 86  ARG A CA  1 
ATOM   705 C  C   . ARG A 1 86  ? 11.865  -0.711  18.800  1.00 27.71 ? 86  ARG A C   1 
ATOM   706 O  O   . ARG A 1 86  ? 10.895  -0.027  18.477  1.00 26.98 ? 86  ARG A O   1 
ATOM   707 C  CB  . ARG A 1 86  ? 13.441  -0.989  16.864  1.00 31.65 ? 86  ARG A CB  1 
ATOM   708 C  CG  . ARG A 1 86  ? 14.014  -1.900  15.783  1.00 35.65 ? 86  ARG A CG  1 
ATOM   709 C  CD  . ARG A 1 86  ? 14.556  -3.192  16.380  1.00 39.74 ? 86  ARG A CD  1 
ATOM   710 N  NE  . ARG A 1 86  ? 15.040  -4.119  15.360  1.00 43.72 ? 86  ARG A NE  1 
ATOM   711 C  CZ  . ARG A 1 86  ? 15.346  -5.391  15.593  1.00 45.91 ? 86  ARG A CZ  1 
ATOM   712 N  NH1 . ARG A 1 86  ? 15.215  -5.893  16.814  1.00 47.47 ? 86  ARG A NH1 1 
ATOM   713 N  NH2 . ARG A 1 86  ? 15.783  -6.164  14.607  1.00 47.11 ? 86  ARG A NH2 1 
ATOM   714 N  N   . THR A 1 87  ? 12.421  -0.638  20.003  1.00 27.22 ? 87  THR A N   1 
ATOM   715 C  CA  . THR A 1 87  ? 11.857  0.258   21.001  1.00 29.36 ? 87  THR A CA  1 
ATOM   716 C  C   . THR A 1 87  ? 12.868  1.039   21.835  1.00 29.20 ? 87  THR A C   1 
ATOM   717 O  O   . THR A 1 87  ? 12.525  1.553   22.899  1.00 29.96 ? 87  THR A O   1 
ATOM   718 C  CB  . THR A 1 87  ? 10.936  -0.527  21.955  1.00 30.07 ? 87  THR A CB  1 
ATOM   719 O  OG1 . THR A 1 87  ? 10.278  0.381   22.848  1.00 34.64 ? 87  THR A OG1 1 
ATOM   720 C  CG2 . THR A 1 87  ? 11.745  -1.537  22.758  1.00 30.46 ? 87  THR A CG2 1 
ATOM   721 N  N   . LYS A 1 88  ? 14.105  1.139   21.359  1.00 29.39 ? 88  LYS A N   1 
ATOM   722 C  CA  . LYS A 1 88  ? 15.131  1.874   22.097  1.00 29.82 ? 88  LYS A CA  1 
ATOM   723 C  C   . LYS A 1 88  ? 14.625  3.282   22.396  1.00 29.58 ? 88  LYS A C   1 
ATOM   724 O  O   . LYS A 1 88  ? 14.796  3.799   23.499  1.00 30.25 ? 88  LYS A O   1 
ATOM   725 C  CB  . LYS A 1 88  ? 16.426  1.946   21.283  1.00 31.97 ? 88  LYS A CB  1 
ATOM   726 C  CG  . LYS A 1 88  ? 17.616  2.570   22.015  1.00 34.90 ? 88  LYS A CG  1 
ATOM   727 C  CD  . LYS A 1 88  ? 18.163  1.670   23.127  1.00 37.05 ? 88  LYS A CD  1 
ATOM   728 C  CE  . LYS A 1 88  ? 17.276  1.670   24.366  1.00 37.31 ? 88  LYS A CE  1 
ATOM   729 N  NZ  . LYS A 1 88  ? 17.807  0.777   25.435  1.00 39.96 ? 88  LYS A NZ  1 
ATOM   730 N  N   . ARG A 1 89  ? 14.006  3.900   21.397  1.00 28.53 ? 89  ARG A N   1 
ATOM   731 C  CA  . ARG A 1 89  ? 13.447  5.236   21.543  1.00 26.66 ? 89  ARG A CA  1 
ATOM   732 C  C   . ARG A 1 89  ? 11.959  5.130   21.235  1.00 25.97 ? 89  ARG A C   1 
ATOM   733 O  O   . ARG A 1 89  ? 11.193  4.587   22.032  1.00 26.21 ? 89  ARG A O   1 
ATOM   734 C  CB  . ARG A 1 89  ? 14.124  6.212   20.576  1.00 27.09 ? 89  ARG A CB  1 
ATOM   735 C  CG  . ARG A 1 89  ? 15.594  6.482   20.884  1.00 26.46 ? 89  ARG A CG  1 
ATOM   736 C  CD  . ARG A 1 89  ? 15.755  7.196   22.222  1.00 24.73 ? 89  ARG A CD  1 
ATOM   737 N  NE  . ARG A 1 89  ? 17.140  7.588   22.465  1.00 23.10 ? 89  ARG A NE  1 
ATOM   738 C  CZ  . ARG A 1 89  ? 17.530  8.374   23.465  1.00 23.20 ? 89  ARG A CZ  1 
ATOM   739 N  NH1 . ARG A 1 89  ? 16.637  8.853   24.324  1.00 21.05 ? 89  ARG A NH1 1 
ATOM   740 N  NH2 . ARG A 1 89  ? 18.810  8.690   23.598  1.00 20.35 ? 89  ARG A NH2 1 
ATOM   741 N  N   . MET A 1 90  ? 11.545  5.636   20.081  1.00 24.88 ? 90  MET A N   1 
ATOM   742 C  CA  . MET A 1 90  ? 10.142  5.555   19.714  1.00 25.32 ? 90  MET A CA  1 
ATOM   743 C  C   . MET A 1 90  ? 9.845   4.146   19.233  1.00 25.02 ? 90  MET A C   1 
ATOM   744 O  O   . MET A 1 90  ? 10.511  3.638   18.333  1.00 24.88 ? 90  MET A O   1 
ATOM   745 C  CB  . MET A 1 90  ? 9.812   6.542   18.594  1.00 26.53 ? 90  MET A CB  1 
ATOM   746 C  CG  . MET A 1 90  ? 8.350   6.516   18.191  1.00 29.04 ? 90  MET A CG  1 
ATOM   747 S  SD  . MET A 1 90  ? 8.004   7.531   16.749  1.00 33.31 ? 90  MET A SD  1 
ATOM   748 C  CE  . MET A 1 90  ? 7.981   6.284   15.463  1.00 34.09 ? 90  MET A CE  1 
ATOM   749 N  N   . PRO A 1 91  ? 8.853   3.481   19.839  1.00 24.27 ? 91  PRO A N   1 
ATOM   750 C  CA  . PRO A 1 91  ? 8.565   2.126   19.368  1.00 24.52 ? 91  PRO A CA  1 
ATOM   751 C  C   . PRO A 1 91  ? 8.127   2.204   17.910  1.00 24.29 ? 91  PRO A C   1 
ATOM   752 O  O   . PRO A 1 91  ? 7.248   2.993   17.561  1.00 24.79 ? 91  PRO A O   1 
ATOM   753 C  CB  . PRO A 1 91  ? 7.434   1.679   20.289  1.00 24.44 ? 91  PRO A CB  1 
ATOM   754 C  CG  . PRO A 1 91  ? 7.756   2.399   21.570  1.00 26.02 ? 91  PRO A CG  1 
ATOM   755 C  CD  . PRO A 1 91  ? 8.109   3.781   21.074  1.00 24.95 ? 91  PRO A CD  1 
ATOM   756 N  N   . HIS A 1 92  ? 8.751   1.408   17.053  1.00 25.42 ? 92  HIS A N   1 
ATOM   757 C  CA  . HIS A 1 92  ? 8.380   1.426   15.649  1.00 25.06 ? 92  HIS A CA  1 
ATOM   758 C  C   . HIS A 1 92  ? 8.538   0.067   14.998  1.00 24.26 ? 92  HIS A C   1 
ATOM   759 O  O   . HIS A 1 92  ? 9.295   -0.785  15.465  1.00 24.04 ? 92  HIS A O   1 
ATOM   760 C  CB  . HIS A 1 92  ? 9.203   2.466   14.880  1.00 29.05 ? 92  HIS A CB  1 
ATOM   761 C  CG  . HIS A 1 92  ? 10.680  2.232   14.933  1.00 31.21 ? 92  HIS A CG  1 
ATOM   762 N  ND1 . HIS A 1 92  ? 11.416  2.372   16.089  1.00 32.88 ? 92  HIS A ND1 1 
ATOM   763 C  CD2 . HIS A 1 92  ? 11.560  1.869   13.968  1.00 33.13 ? 92  HIS A CD2 1 
ATOM   764 C  CE1 . HIS A 1 92  ? 12.685  2.106   15.836  1.00 34.17 ? 92  HIS A CE1 1 
ATOM   765 N  NE2 . HIS A 1 92  ? 12.800  1.798   14.557  1.00 34.54 ? 92  HIS A NE2 1 
ATOM   766 N  N   . VAL A 1 93  ? 7.798   -0.130  13.915  1.00 22.65 ? 93  VAL A N   1 
ATOM   767 C  CA  . VAL A 1 93  ? 7.844   -1.378  13.177  1.00 21.90 ? 93  VAL A CA  1 
ATOM   768 C  C   . VAL A 1 93  ? 8.835   -1.200  12.036  1.00 20.72 ? 93  VAL A C   1 
ATOM   769 O  O   . VAL A 1 93  ? 8.790   -0.200  11.320  1.00 21.90 ? 93  VAL A O   1 
ATOM   770 C  CB  . VAL A 1 93  ? 6.457   -1.730  12.603  1.00 21.92 ? 93  VAL A CB  1 
ATOM   771 C  CG1 . VAL A 1 93  ? 6.484   -3.117  11.988  1.00 22.04 ? 93  VAL A CG1 1 
ATOM   772 C  CG2 . VAL A 1 93  ? 5.404   -1.656  13.703  1.00 23.41 ? 93  VAL A CG2 1 
ATOM   773 N  N   . VAL A 1 94  ? 9.745   -2.157  11.890  1.00 19.05 ? 94  VAL A N   1 
ATOM   774 C  CA  . VAL A 1 94  ? 10.745  -2.113  10.829  1.00 19.02 ? 94  VAL A CA  1 
ATOM   775 C  C   . VAL A 1 94  ? 10.436  -3.250  9.868   1.00 18.14 ? 94  VAL A C   1 
ATOM   776 O  O   . VAL A 1 94  ? 10.539  -4.419  10.234  1.00 17.53 ? 94  VAL A O   1 
ATOM   777 C  CB  . VAL A 1 94  ? 12.177  -2.304  11.389  1.00 21.06 ? 94  VAL A CB  1 
ATOM   778 C  CG1 . VAL A 1 94  ? 13.193  -2.285  10.254  1.00 21.69 ? 94  VAL A CG1 1 
ATOM   779 C  CG2 . VAL A 1 94  ? 12.491  -1.203  12.398  1.00 22.66 ? 94  VAL A CG2 1 
ATOM   780 N  N   . ILE A 1 95  ? 10.038  -2.900  8.647   1.00 17.25 ? 95  ILE A N   1 
ATOM   781 C  CA  . ILE A 1 95  ? 9.706   -3.897  7.639   1.00 18.15 ? 95  ILE A CA  1 
ATOM   782 C  C   . ILE A 1 95  ? 10.760  -3.897  6.545   1.00 16.60 ? 95  ILE A C   1 
ATOM   783 O  O   . ILE A 1 95  ? 10.993  -2.883  5.890   1.00 17.93 ? 95  ILE A O   1 
ATOM   784 C  CB  . ILE A 1 95  ? 8.336   -3.619  6.986   1.00 17.82 ? 95  ILE A CB  1 
ATOM   785 C  CG1 . ILE A 1 95  ? 7.234   -3.653  8.045   1.00 20.41 ? 95  ILE A CG1 1 
ATOM   786 C  CG2 . ILE A 1 95  ? 8.055   -4.661  5.906   1.00 18.37 ? 95  ILE A CG2 1 
ATOM   787 C  CD1 . ILE A 1 95  ? 7.239   -2.456  8.963   1.00 28.93 ? 95  ILE A CD1 1 
ATOM   788 N  N   . THR A 1 96  ? 11.402  -5.040  6.357   1.00 17.63 ? 96  THR A N   1 
ATOM   789 C  CA  . THR A 1 96  ? 12.429  -5.160  5.336   1.00 16.24 ? 96  THR A CA  1 
ATOM   790 C  C   . THR A 1 96  ? 11.930  -6.006  4.172   1.00 16.48 ? 96  THR A C   1 
ATOM   791 O  O   . THR A 1 96  ? 11.508  -7.147  4.364   1.00 17.32 ? 96  THR A O   1 
ATOM   792 C  CB  . THR A 1 96  ? 13.706  -5.834  5.891   1.00 18.76 ? 96  THR A CB  1 
ATOM   793 O  OG1 . THR A 1 96  ? 14.200  -5.093  7.015   1.00 20.89 ? 96  THR A OG1 1 
ATOM   794 C  CG2 . THR A 1 96  ? 14.785  -5.887  4.816   1.00 18.06 ? 96  THR A CG2 1 
ATOM   795 N  N   . CYS A 1 97  ? 11.957  -5.436  2.974   1.00 15.32 ? 97  CYS A N   1 
ATOM   796 C  CA  . CYS A 1 97  ? 11.563  -6.171  1.779   1.00 14.60 ? 97  CYS A CA  1 
ATOM   797 C  C   . CYS A 1 97  ? 12.723  -7.117  1.515   1.00 16.39 ? 97  CYS A C   1 
ATOM   798 O  O   . CYS A 1 97  ? 13.856  -6.672  1.319   1.00 17.31 ? 97  CYS A O   1 
ATOM   799 C  CB  . CYS A 1 97  ? 11.401  -5.228  0.590   1.00 13.35 ? 97  CYS A CB  1 
ATOM   800 S  SG  . CYS A 1 97  ? 11.213  -6.116  -0.963  1.00 13.87 ? 97  CYS A SG  1 
ATOM   801 N  N   . LEU A 1 98  ? 12.453  -8.417  1.520   1.00 15.86 ? 98  LEU A N   1 
ATOM   802 C  CA  . LEU A 1 98  ? 13.514  -9.385  1.296   1.00 16.79 ? 98  LEU A CA  1 
ATOM   803 C  C   . LEU A 1 98  ? 13.830  -9.568  -0.180  1.00 16.59 ? 98  LEU A C   1 
ATOM   804 O  O   . LEU A 1 98  ? 14.847  -10.162 -0.531  1.00 16.68 ? 98  LEU A O   1 
ATOM   805 C  CB  . LEU A 1 98  ? 13.153  -10.726 1.939   1.00 16.77 ? 98  LEU A CB  1 
ATOM   806 C  CG  . LEU A 1 98  ? 12.936  -10.656 3.456   1.00 19.95 ? 98  LEU A CG  1 
ATOM   807 C  CD1 . LEU A 1 98  ? 12.541  -12.024 3.973   1.00 20.39 ? 98  LEU A CD1 1 
ATOM   808 C  CD2 . LEU A 1 98  ? 14.203  -10.166 4.146   1.00 20.84 ? 98  LEU A CD2 1 
ATOM   809 N  N   . GLU A 1 99  ? 12.969  -9.050  -1.050  1.00 15.82 ? 99  GLU A N   1 
ATOM   810 C  CA  . GLU A 1 99  ? 13.217  -9.173  -2.479  1.00 14.88 ? 99  GLU A CA  1 
ATOM   811 C  C   . GLU A 1 99  ? 14.250  -8.164  -2.975  1.00 16.32 ? 99  GLU A C   1 
ATOM   812 O  O   . GLU A 1 99  ? 15.061  -8.492  -3.843  1.00 17.31 ? 99  GLU A O   1 
ATOM   813 C  CB  . GLU A 1 99  ? 11.908  -9.043  -3.265  1.00 14.61 ? 99  GLU A CB  1 
ATOM   814 C  CG  . GLU A 1 99  ? 11.116  -10.348 -3.268  1.00 17.04 ? 99  GLU A CG  1 
ATOM   815 C  CD  . GLU A 1 99  ? 9.769   -10.250 -3.955  1.00 17.08 ? 99  GLU A CD  1 
ATOM   816 O  OE1 . GLU A 1 99  ? 9.644   -9.502  -4.942  1.00 19.07 ? 99  GLU A OE1 1 
ATOM   817 O  OE2 . GLU A 1 99  ? 8.835   -10.950 -3.512  1.00 19.88 ? 99  GLU A OE2 1 
ATOM   818 N  N   . CYS A 1 100 ? 14.247  -6.951  -2.424  1.00 16.76 ? 100 CYS A N   1 
ATOM   819 C  CA  . CYS A 1 100 ? 15.222  -5.946  -2.857  1.00 17.54 ? 100 CYS A CA  1 
ATOM   820 C  C   . CYS A 1 100 ? 16.013  -5.323  -1.707  1.00 18.85 ? 100 CYS A C   1 
ATOM   821 O  O   . CYS A 1 100 ? 16.911  -4.509  -1.939  1.00 20.06 ? 100 CYS A O   1 
ATOM   822 C  CB  . CYS A 1 100 ? 14.539  -4.834  -3.657  1.00 17.09 ? 100 CYS A CB  1 
ATOM   823 S  SG  . CYS A 1 100 ? 13.718  -3.566  -2.657  1.00 16.31 ? 100 CYS A SG  1 
ATOM   824 N  N   . GLY A 1 101 ? 15.663  -5.693  -0.476  1.00 17.15 ? 101 GLY A N   1 
ATOM   825 C  CA  . GLY A 1 101 ? 16.363  -5.190  0.697   1.00 18.94 ? 101 GLY A CA  1 
ATOM   826 C  C   . GLY A 1 101 ? 15.947  -3.837  1.253   1.00 18.85 ? 101 GLY A C   1 
ATOM   827 O  O   . GLY A 1 101 ? 16.525  -3.378  2.239   1.00 21.05 ? 101 GLY A O   1 
ATOM   828 N  N   . TYR A 1 102 ? 14.946  -3.201  0.652   1.00 17.82 ? 102 TYR A N   1 
ATOM   829 C  CA  . TYR A 1 102 ? 14.503  -1.887  1.120   1.00 18.30 ? 102 TYR A CA  1 
ATOM   830 C  C   . TYR A 1 102 ? 13.892  -1.955  2.519   1.00 18.89 ? 102 TYR A C   1 
ATOM   831 O  O   . TYR A 1 102 ? 13.124  -2.865  2.826   1.00 18.25 ? 102 TYR A O   1 
ATOM   832 C  CB  . TYR A 1 102 ? 13.485  -1.287  0.152   1.00 18.53 ? 102 TYR A CB  1 
ATOM   833 C  CG  . TYR A 1 102 ? 13.267  0.197   0.354   1.00 20.21 ? 102 TYR A CG  1 
ATOM   834 C  CD1 . TYR A 1 102 ? 14.296  1.109   0.117   1.00 22.13 ? 102 TYR A CD1 1 
ATOM   835 C  CD2 . TYR A 1 102 ? 12.035  0.690   0.781   1.00 21.77 ? 102 TYR A CD2 1 
ATOM   836 C  CE1 . TYR A 1 102 ? 14.102  2.477   0.299   1.00 23.18 ? 102 TYR A CE1 1 
ATOM   837 C  CE2 . TYR A 1 102 ? 11.829  2.057   0.965   1.00 23.61 ? 102 TYR A CE2 1 
ATOM   838 C  CZ  . TYR A 1 102 ? 12.866  2.944   0.722   1.00 25.72 ? 102 TYR A CZ  1 
ATOM   839 O  OH  . TYR A 1 102 ? 12.665  4.296   0.897   1.00 28.42 ? 102 TYR A OH  1 
ATOM   840 N  N   . ILE A 1 103 ? 14.231  -0.980  3.360   1.00 20.03 ? 103 ILE A N   1 
ATOM   841 C  CA  . ILE A 1 103 ? 13.726  -0.935  4.730   1.00 20.70 ? 103 ILE A CA  1 
ATOM   842 C  C   . ILE A 1 103 ? 12.727  0.203   4.949   1.00 20.90 ? 103 ILE A C   1 
ATOM   843 O  O   . ILE A 1 103 ? 12.982  1.353   4.583   1.00 22.54 ? 103 ILE A O   1 
ATOM   844 C  CB  . ILE A 1 103 ? 14.892  -0.794  5.737   1.00 22.08 ? 103 ILE A CB  1 
ATOM   845 C  CG1 . ILE A 1 103 ? 15.820  -2.009  5.623   1.00 21.53 ? 103 ILE A CG1 1 
ATOM   846 C  CG2 . ILE A 1 103 ? 14.350  -0.663  7.153   1.00 23.61 ? 103 ILE A CG2 1 
ATOM   847 C  CD1 . ILE A 1 103 ? 17.071  -1.930  6.478   1.00 23.98 ? 103 ILE A CD1 1 
ATOM   848 N  N   . MET A 1 104 ? 11.585  -0.131  5.541   1.00 20.56 ? 104 MET A N   1 
ATOM   849 C  CA  . MET A 1 104 ? 10.529  0.839   5.812   1.00 19.97 ? 104 MET A CA  1 
ATOM   850 C  C   . MET A 1 104 ? 10.166  0.821   7.297   1.00 21.81 ? 104 MET A C   1 
ATOM   851 O  O   . MET A 1 104 ? 10.042  -0.246  7.898   1.00 20.11 ? 104 MET A O   1 
ATOM   852 C  CB  . MET A 1 104 ? 9.306   0.505   4.956   1.00 20.41 ? 104 MET A CB  1 
ATOM   853 C  CG  . MET A 1 104 ? 9.597   0.585   3.461   1.00 19.32 ? 104 MET A CG  1 
ATOM   854 S  SD  . MET A 1 104 ? 8.662   -0.586  2.456   1.00 18.29 ? 104 MET A SD  1 
ATOM   855 C  CE  . MET A 1 104 ? 9.633   -2.094  2.714   1.00 18.64 ? 104 MET A CE  1 
ATOM   856 N  N   . ARG A 1 105 ? 9.993   2.002   7.884   1.00 23.13 ? 105 ARG A N   1 
ATOM   857 C  CA  . ARG A 1 105 ? 9.669   2.108   9.306   1.00 25.29 ? 105 ARG A CA  1 
ATOM   858 C  C   . ARG A 1 105 ? 8.339   2.810   9.570   1.00 24.99 ? 105 ARG A C   1 
ATOM   859 O  O   . ARG A 1 105 ? 7.988   3.782   8.899   1.00 26.10 ? 105 ARG A O   1 
ATOM   860 C  CB  . ARG A 1 105 ? 10.798  2.842   10.037  1.00 27.91 ? 105 ARG A CB  1 
ATOM   861 C  CG  . ARG A 1 105 ? 12.160  2.184   9.874   1.00 32.37 ? 105 ARG A CG  1 
ATOM   862 C  CD  . ARG A 1 105 ? 13.230  2.901   10.684  1.00 37.06 ? 105 ARG A CD  1 
ATOM   863 N  NE  . ARG A 1 105 ? 14.547  2.292   10.516  1.00 40.00 ? 105 ARG A NE  1 
ATOM   864 C  CZ  . ARG A 1 105 ? 15.246  2.315   9.386   1.00 42.41 ? 105 ARG A CZ  1 
ATOM   865 N  NH1 . ARG A 1 105 ? 14.759  2.922   8.311   1.00 44.07 ? 105 ARG A NH1 1 
ATOM   866 N  NH2 . ARG A 1 105 ? 16.434  1.729   9.328   1.00 43.23 ? 105 ARG A NH2 1 
ATOM   867 N  N   . TYR A 1 106 ? 7.607   2.312   10.561  1.00 24.94 ? 106 TYR A N   1 
ATOM   868 C  CA  . TYR A 1 106 ? 6.305   2.866   10.916  1.00 25.44 ? 106 TYR A CA  1 
ATOM   869 C  C   . TYR A 1 106 ? 6.144   2.973   12.431  1.00 26.23 ? 106 TYR A C   1 
ATOM   870 O  O   . TYR A 1 106 ? 6.661   2.146   13.177  1.00 25.65 ? 106 TYR A O   1 
ATOM   871 C  CB  . TYR A 1 106 ? 5.198   1.966   10.372  1.00 25.24 ? 106 TYR A CB  1 
ATOM   872 C  CG  . TYR A 1 106 ? 5.288   1.712   8.889   1.00 24.21 ? 106 TYR A CG  1 
ATOM   873 C  CD1 . TYR A 1 106 ? 4.799   2.639   7.972   1.00 24.84 ? 106 TYR A CD1 1 
ATOM   874 C  CD2 . TYR A 1 106 ? 5.877   0.547   8.399   1.00 25.46 ? 106 TYR A CD2 1 
ATOM   875 C  CE1 . TYR A 1 106 ? 4.891   2.413   6.603   1.00 24.90 ? 106 TYR A CE1 1 
ATOM   876 C  CE2 . TYR A 1 106 ? 5.975   0.311   7.035   1.00 23.58 ? 106 TYR A CE2 1 
ATOM   877 C  CZ  . TYR A 1 106 ? 5.480   1.248   6.143   1.00 24.83 ? 106 TYR A CZ  1 
ATOM   878 O  OH  . TYR A 1 106 ? 5.576   1.020   4.789   1.00 24.02 ? 106 TYR A OH  1 
ATOM   879 N  N   . PRO A 1 107 ? 5.421   3.998   12.904  1.00 27.74 ? 107 PRO A N   1 
ATOM   880 C  CA  . PRO A 1 107 ? 5.225   4.150   14.348  1.00 28.16 ? 107 PRO A CA  1 
ATOM   881 C  C   . PRO A 1 107 ? 4.342   3.018   14.869  1.00 30.00 ? 107 PRO A C   1 
ATOM   882 O  O   . PRO A 1 107 ? 3.338   2.674   14.242  1.00 31.40 ? 107 PRO A O   1 
ATOM   883 C  CB  . PRO A 1 107 ? 4.531   5.507   14.463  1.00 29.61 ? 107 PRO A CB  1 
ATOM   884 C  CG  . PRO A 1 107 ? 5.018   6.247   13.256  1.00 29.57 ? 107 PRO A CG  1 
ATOM   885 C  CD  . PRO A 1 107 ? 4.942   5.190   12.184  1.00 29.68 ? 107 PRO A CD  1 
ATOM   886 N  N   . TYR A 1 108 ? 4.712   2.432   16.002  1.00 29.62 ? 108 TYR A N   1 
ATOM   887 C  CA  . TYR A 1 108 ? 3.916   1.350   16.570  1.00 31.38 ? 108 TYR A CA  1 
ATOM   888 C  C   . TYR A 1 108 ? 2.678   1.938   17.239  1.00 33.36 ? 108 TYR A C   1 
ATOM   889 O  O   . TYR A 1 108 ? 1.589   1.364   17.174  1.00 35.94 ? 108 TYR A O   1 
ATOM   890 C  CB  . TYR A 1 108 ? 4.738   0.555   17.587  1.00 29.77 ? 108 TYR A CB  1 
ATOM   891 C  CG  . TYR A 1 108 ? 3.980   -0.584  18.231  1.00 29.12 ? 108 TYR A CG  1 
ATOM   892 C  CD1 . TYR A 1 108 ? 3.470   -1.633  17.466  1.00 28.53 ? 108 TYR A CD1 1 
ATOM   893 C  CD2 . TYR A 1 108 ? 3.766   -0.609  19.607  1.00 30.13 ? 108 TYR A CD2 1 
ATOM   894 C  CE1 . TYR A 1 108 ? 2.764   -2.679  18.058  1.00 29.25 ? 108 TYR A CE1 1 
ATOM   895 C  CE2 . TYR A 1 108 ? 3.063   -1.648  20.209  1.00 30.44 ? 108 TYR A CE2 1 
ATOM   896 C  CZ  . TYR A 1 108 ? 2.566   -2.679  19.432  1.00 30.26 ? 108 TYR A CZ  1 
ATOM   897 O  OH  . TYR A 1 108 ? 1.874   -3.706  20.030  1.00 32.08 ? 108 TYR A OH  1 
ATOM   898 N  N   . LEU A 1 109 ? 2.858   3.088   17.879  1.00 34.91 ? 109 LEU A N   1 
ATOM   899 C  CA  . LEU A 1 109 ? 1.767   3.783   18.555  1.00 37.12 ? 109 LEU A CA  1 
ATOM   900 C  C   . LEU A 1 109 ? 1.023   4.659   17.550  1.00 37.05 ? 109 LEU A C   1 
ATOM   901 O  O   . LEU A 1 109 ? -0.203  4.476   17.391  1.00 41.16 ? 109 LEU A O   1 
ATOM   902 C  CB  . LEU A 1 109 ? 2.315   4.658   19.688  1.00 38.04 ? 109 LEU A CB  1 
ATOM   903 C  CG  . LEU A 1 109 ? 3.030   3.969   20.854  1.00 39.48 ? 109 LEU A CG  1 
ATOM   904 C  CD1 . LEU A 1 109 ? 3.626   5.019   21.780  1.00 40.05 ? 109 LEU A CD1 1 
ATOM   905 C  CD2 . LEU A 1 109 ? 2.052   3.083   21.609  1.00 40.23 ? 109 LEU A CD2 1 
HETATM 906 ZN ZN  . ZN  B 2 .   ? 11.509  -4.298  -2.408  1.00 16.23 ? 150 ZN  A ZN  1 
HETATM 907 O  O   . HOH C 3 .   ? 4.554   -9.125  -5.568  1.00 16.88 ? 151 HOH A O   1 
HETATM 908 O  O   . HOH C 3 .   ? 4.358   -10.930 -3.432  1.00 18.18 ? 152 HOH A O   1 
HETATM 909 O  O   . HOH C 3 .   ? 10.698  -7.385  -6.256  1.00 17.77 ? 153 HOH A O   1 
HETATM 910 O  O   . HOH C 3 .   ? 12.936  -5.799  9.380   1.00 20.96 ? 154 HOH A O   1 
HETATM 911 O  O   . HOH C 3 .   ? -1.639  -16.548 -4.610  1.00 21.77 ? 155 HOH A O   1 
HETATM 912 O  O   . HOH C 3 .   ? -1.450  -14.926 -2.022  1.00 19.80 ? 156 HOH A O   1 
HETATM 913 O  O   . HOH C 3 .   ? 6.252   -1.591  4.465   1.00 23.22 ? 157 HOH A O   1 
HETATM 914 O  O   . HOH C 3 .   ? -0.731  -1.707  6.164   1.00 28.32 ? 158 HOH A O   1 
HETATM 915 O  O   . HOH C 3 .   ? -18.512 13.180  -11.189 1.00 27.11 ? 159 HOH A O   1 
HETATM 916 O  O   . HOH C 3 .   ? -23.522 23.876  -6.605  1.00 39.10 ? 160 HOH A O   1 
HETATM 917 O  O   . HOH C 3 .   ? 1.647   -1.358  14.452  1.00 29.24 ? 161 HOH A O   1 
HETATM 918 O  O   . HOH C 3 .   ? -1.186  -11.835 3.281   1.00 27.53 ? 162 HOH A O   1 
HETATM 919 O  O   . HOH C 3 .   ? 4.857   0.550   2.041   1.00 25.22 ? 163 HOH A O   1 
HETATM 920 O  O   . HOH C 3 .   ? -0.457  6.861   1.574   1.00 33.02 ? 164 HOH A O   1 
HETATM 921 O  O   . HOH C 3 .   ? -11.765 8.345   -9.021  1.00 30.89 ? 165 HOH A O   1 
HETATM 922 O  O   . HOH C 3 .   ? 6.528   3.768   -4.161  1.00 38.37 ? 166 HOH A O   1 
HETATM 923 O  O   . HOH C 3 .   ? 4.664   -13.999 -11.161 1.00 29.72 ? 167 HOH A O   1 
HETATM 924 O  O   . HOH C 3 .   ? -9.284  -12.679 0.195   1.00 35.07 ? 168 HOH A O   1 
HETATM 925 O  O   . HOH C 3 .   ? 12.169  -6.205  19.306  1.00 35.42 ? 169 HOH A O   1 
HETATM 926 O  O   . HOH C 3 .   ? 19.289  5.919   21.231  1.00 33.76 ? 170 HOH A O   1 
HETATM 927 O  O   . HOH C 3 .   ? 1.672   4.221   9.800   1.00 44.21 ? 171 HOH A O   1 
HETATM 928 O  O   . HOH C 3 .   ? 8.136   3.805   4.198   1.00 34.88 ? 172 HOH A O   1 
HETATM 929 O  O   . HOH C 3 .   ? 1.886   3.698   1.743   1.00 36.26 ? 173 HOH A O   1 
HETATM 930 O  O   . HOH C 3 .   ? 1.458   6.978   -5.798  1.00 34.07 ? 174 HOH A O   1 
HETATM 931 O  O   . HOH C 3 .   ? -23.304 23.769  -12.338 1.00 34.48 ? 175 HOH A O   1 
HETATM 932 O  O   . HOH C 3 .   ? -22.589 9.668   -3.467  1.00 34.17 ? 176 HOH A O   1 
HETATM 933 O  O   . HOH C 3 .   ? 8.321   -10.378 -7.234  1.00 47.52 ? 177 HOH A O   1 
HETATM 934 O  O   . HOH C 3 .   ? 16.725  -4.903  7.834   1.00 37.02 ? 178 HOH A O   1 
HETATM 935 O  O   . HOH C 3 .   ? 16.087  4.285   25.714  1.00 38.11 ? 179 HOH A O   1 
HETATM 936 O  O   . HOH C 3 .   ? -25.544 25.512  -6.585  1.00 45.79 ? 180 HOH A O   1 
HETATM 937 O  O   . HOH C 3 .   ? 0.170   5.027   -16.847 1.00 34.66 ? 181 HOH A O   1 
HETATM 938 O  O   . HOH C 3 .   ? -10.224 -4.489  2.571   1.00 38.13 ? 182 HOH A O   1 
HETATM 939 O  O   . HOH C 3 .   ? -7.475  6.218   2.448   1.00 38.79 ? 183 HOH A O   1 
HETATM 940 O  O   . HOH C 3 .   ? 9.829   0.784   -8.619  1.00 32.03 ? 184 HOH A O   1 
HETATM 941 O  O   . HOH C 3 .   ? 9.293   -11.266 -9.569  1.00 37.73 ? 185 HOH A O   1 
HETATM 942 O  O   . HOH C 3 .   ? -6.146  -8.299  -14.286 1.00 35.02 ? 186 HOH A O   1 
HETATM 943 O  O   . HOH C 3 .   ? 16.585  0.778   2.643   1.00 34.64 ? 187 HOH A O   1 
HETATM 944 O  O   . HOH C 3 .   ? 10.106  -2.581  -9.628  1.00 40.43 ? 188 HOH A O   1 
HETATM 945 O  O   . HOH C 3 .   ? -10.195 6.293   -9.709  1.00 39.33 ? 189 HOH A O   1 
HETATM 946 O  O   . HOH C 3 .   ? 11.637  4.252   6.552   1.00 39.29 ? 190 HOH A O   1 
HETATM 947 O  O   . HOH C 3 .   ? -1.100  -16.452 -12.809 1.00 38.66 ? 191 HOH A O   1 
HETATM 948 O  O   . HOH C 3 .   ? -7.164  -10.231 -0.058  1.00 29.75 ? 192 HOH A O   1 
HETATM 949 O  O   . HOH C 3 .   ? 15.473  2.676   4.348   1.00 39.08 ? 193 HOH A O   1 
HETATM 950 O  O   . HOH C 3 .   ? 2.885   -3.665  10.662  1.00 48.69 ? 194 HOH A O   1 
HETATM 951 O  O   . HOH C 3 .   ? -7.812  0.699   6.477   1.00 39.58 ? 195 HOH A O   1 
HETATM 952 O  O   . HOH C 3 .   ? 13.470  3.003   18.827  1.00 37.00 ? 196 HOH A O   1 
HETATM 953 O  O   . HOH C 3 .   ? 17.162  -9.999  1.174   1.00 33.99 ? 197 HOH A O   1 
HETATM 954 O  O   . HOH C 3 .   ? -6.468  -11.282 -11.518 1.00 36.87 ? 198 HOH A O   1 
HETATM 955 O  O   . HOH C 3 .   ? 10.171  4.935   2.149   1.00 38.71 ? 199 HOH A O   1 
HETATM 956 O  O   . HOH C 3 .   ? 15.125  -1.844  20.142  1.00 33.23 ? 200 HOH A O   1 
HETATM 957 O  O   . HOH C 3 .   ? 3.852   -6.200  5.385   1.00 39.82 ? 201 HOH A O   1 
HETATM 958 O  O   . HOH C 3 .   ? 11.904  4.116   3.998   1.00 38.85 ? 202 HOH A O   1 
HETATM 959 O  O   . HOH C 3 .   ? 8.075   -1.739  -11.231 1.00 38.73 ? 203 HOH A O   1 
HETATM 960 O  O   . HOH C 3 .   ? -2.860  -7.770  -15.498 1.00 46.44 ? 204 HOH A O   1 
HETATM 961 O  O   . HOH C 3 .   ? 5.292   -7.168  -12.475 1.00 39.71 ? 205 HOH A O   1 
HETATM 962 O  O   . HOH C 3 .   ? -2.434  2.558   -16.237 1.00 37.31 ? 206 HOH A O   1 
HETATM 963 O  O   . HOH C 3 .   ? -10.262 -6.817  1.317   1.00 36.18 ? 207 HOH A O   1 
HETATM 964 O  O   . HOH C 3 .   ? 18.387  -4.721  3.794   1.00 41.72 ? 208 HOH A O   1 
HETATM 965 O  O   . HOH C 3 .   ? -4.386  2.540   -12.473 1.00 41.21 ? 209 HOH A O   1 
HETATM 966 O  O   . HOH C 3 .   ? 15.025  1.542   13.115  1.00 38.86 ? 210 HOH A O   1 
HETATM 967 O  O   . HOH C 3 .   ? 4.563   4.618   -2.561  1.00 35.69 ? 211 HOH A O   1 
HETATM 968 O  O   . HOH C 3 .   ? 13.962  6.642   -0.046  1.00 47.61 ? 212 HOH A O   1 
HETATM 969 O  O   . HOH C 3 .   ? 10.263  -7.513  -10.974 1.00 44.75 ? 213 HOH A O   1 
HETATM 970 O  O   . HOH C 3 .   ? -16.592 16.524  -12.607 1.00 43.92 ? 214 HOH A O   1 
HETATM 971 O  O   . HOH C 3 .   ? -13.888 16.526  -9.802  1.00 45.43 ? 215 HOH A O   1 
# 
